data_6TVS
#
_entry.id   6TVS
#
_cell.length_a   67.340
_cell.length_b   218.360
_cell.length_c   73.060
_cell.angle_alpha   90.000
_cell.angle_beta   92.390
_cell.angle_gamma   90.000
#
_symmetry.space_group_name_H-M   'P 1 21 1'
#
loop_
_entity.id
_entity.type
_entity.pdbx_description
1 polymer 'Hemagglutinin HA1'
2 polymer 'Hemagglutinin HA2'
3 branched 'N-acetyl-alpha-neuraminic acid-(2-3)-beta-D-galactopyranose'
4 branched 'N-acetyl-alpha-neuraminic acid-(2-3)-beta-D-galactopyranose-(1-4)-2-acetamido-2-deoxy-beta-D-glucopyranose'
5 non-polymer 1,2-ETHANEDIOL
6 non-polymer 2-acetamido-2-deoxy-beta-D-glucopyranose
7 non-polymer 'CALCIUM ION'
8 water water
#
loop_
_entity_poly.entity_id
_entity_poly.type
_entity_poly.pdbx_seq_one_letter_code
_entity_poly.pdbx_strand_id
1 'polypeptide(L)'
;DPDKICLGHHAVANGTIVKTLTNEQEEVTNATETVESTSLNRLCMKGRNHKDLGNCHPIGMLIGTPACDLHLTGTWDTLI
ERKNAIAYCYPGATVNEEALRQKIMESGGISKINTGFTYGSSINSAGTTKACMRNGGNSFYAELKWLVSKNKGQNFPQTT
NTYRNADTAEHLIMWGIHHPSSTQEKNDLYGTQSLSISVGSSTYKNNFVPVVGARPQVNGLSGRIDFHWTLVQPGDKITF
SHNGGLIAPSRVSKLIGRGLGIQSEAPIDNSCESKCFWRGGSINTRLPFQNLSPRTVGQCPKYVNKKSLMLATGMRNVPE
LVQGR
;
C,E,K
2 'polypeptide(L)'
;GLFGAIAGFIENGWEGMVDGWYGFRHQNAQGTGQAADYKSTQAAIDQITGKLNRIIKKTNTEFESIESEFSEIDHQIGNV
INWTKDSITDIWTYQAELLVAMENQHTIDMADSEMLNLYERVRKQLRQNAEEDGKGCFEIYHACDDSCMESIRNNTYDHS
QYREEALLNRLNINPVK
;
D,F,L
#
loop_
_chem_comp.id
_chem_comp.type
_chem_comp.name
_chem_comp.formula
CA non-polymer 'CALCIUM ION' 'Ca 2'
EDO non-polymer 1,2-ETHANEDIOL 'C2 H6 O2'
GAL D-saccharide, beta linking beta-D-galactopyranose 'C6 H12 O6'
NAG D-saccharide, beta linking 2-acetamido-2-deoxy-beta-D-glucopyranose 'C8 H15 N O6'
SIA D-saccharide, alpha linking 'N-acetyl-alpha-neuraminic acid' 'C11 H19 N O9'
#
# COMPACT_ATOMS: atom_id res chain seq x y z
N ASP A 1 46.44 13.38 -49.76
CA ASP A 1 45.36 12.82 -48.87
C ASP A 1 45.60 13.21 -47.41
N PRO A 2 44.53 13.66 -46.70
CA PRO A 2 44.69 13.92 -45.27
C PRO A 2 44.93 12.66 -44.43
N ASP A 3 45.76 12.79 -43.40
CA ASP A 3 45.79 11.79 -42.33
C ASP A 3 44.44 11.84 -41.60
N LYS A 4 44.12 10.79 -40.88
CA LYS A 4 42.81 10.64 -40.26
C LYS A 4 42.92 10.21 -38.80
N ILE A 5 42.01 10.71 -37.98
CA ILE A 5 41.75 10.14 -36.66
C ILE A 5 40.23 9.95 -36.55
N CYS A 6 39.83 8.75 -36.14
CA CYS A 6 38.42 8.34 -36.06
C CYS A 6 38.05 8.04 -34.63
N LEU A 7 36.88 8.51 -34.22
CA LEU A 7 36.37 8.25 -32.89
C LEU A 7 35.30 7.17 -32.96
N GLY A 8 35.34 6.26 -31.99
CA GLY A 8 34.42 5.15 -31.94
C GLY A 8 34.12 4.69 -30.54
N HIS A 9 33.30 3.66 -30.48
CA HIS A 9 32.90 3.03 -29.23
C HIS A 9 32.95 1.52 -29.41
N HIS A 10 33.00 0.79 -28.30
CA HIS A 10 33.06 -0.67 -28.37
C HIS A 10 31.73 -1.30 -28.76
N ALA A 11 31.79 -2.57 -29.13
CA ALA A 11 30.62 -3.42 -29.30
C ALA A 11 31.00 -4.85 -28.91
N VAL A 12 29.98 -5.70 -28.77
CA VAL A 12 30.19 -7.11 -28.48
C VAL A 12 29.42 -7.97 -29.48
N ALA A 13 29.89 -9.20 -29.66
CA ALA A 13 29.24 -10.18 -30.55
C ALA A 13 27.87 -10.62 -30.00
N ASN A 14 27.74 -10.68 -28.67
CA ASN A 14 26.55 -11.21 -27.99
C ASN A 14 25.92 -10.16 -27.07
N GLY A 15 25.16 -9.25 -27.68
CA GLY A 15 24.41 -8.25 -26.93
C GLY A 15 23.22 -8.83 -26.19
N THR A 16 22.66 -8.05 -25.27
CA THR A 16 21.50 -8.46 -24.48
C THR A 16 20.36 -7.49 -24.72
N ILE A 17 19.14 -8.02 -24.70
CA ILE A 17 17.93 -7.23 -24.97
C ILE A 17 17.38 -6.68 -23.65
N VAL A 18 17.07 -5.39 -23.64
CA VAL A 18 16.40 -4.73 -22.52
C VAL A 18 15.24 -3.88 -23.03
N LYS A 19 14.38 -3.46 -22.10
CA LYS A 19 13.25 -2.60 -22.42
C LYS A 19 13.55 -1.19 -21.92
N THR A 20 13.20 -0.20 -22.74
CA THR A 20 13.34 1.22 -22.37
C THR A 20 11.93 1.83 -22.34
N LEU A 21 11.85 3.15 -22.13
CA LEU A 21 10.58 3.88 -22.20
C LEU A 21 9.93 3.80 -23.60
N THR A 22 10.76 3.75 -24.63
CA THR A 22 10.32 3.85 -26.03
C THR A 22 10.47 2.55 -26.85
N ASN A 23 11.18 1.55 -26.33
CA ASN A 23 11.54 0.35 -27.11
C ASN A 23 11.52 -0.89 -26.24
N GLU A 24 10.78 -1.91 -26.68
CA GLU A 24 10.73 -3.20 -25.98
C GLU A 24 11.91 -4.12 -26.29
N GLN A 25 12.58 -3.90 -27.42
CA GLN A 25 13.61 -4.80 -27.94
C GLN A 25 14.90 -4.02 -28.22
N GLU A 26 15.45 -3.41 -27.18
CA GLU A 26 16.66 -2.58 -27.31
C GLU A 26 17.90 -3.42 -26.97
N GLU A 27 18.81 -3.57 -27.93
CA GLU A 27 20.03 -4.36 -27.72
C GLU A 27 21.13 -3.51 -27.10
N VAL A 28 21.64 -3.95 -25.95
CA VAL A 28 22.74 -3.27 -25.25
C VAL A 28 23.92 -4.23 -25.06
N THR A 29 25.08 -3.69 -24.71
CA THR A 29 26.31 -4.50 -24.59
C THR A 29 26.29 -5.42 -23.37
N ASN A 30 25.59 -5.00 -22.33
CA ASN A 30 25.50 -5.77 -21.09
C ASN A 30 24.28 -5.34 -20.28
N ALA A 31 23.77 -6.27 -19.48
CA ALA A 31 22.67 -5.98 -18.57
C ALA A 31 22.72 -6.93 -17.39
N THR A 32 21.97 -6.61 -16.34
CA THR A 32 21.90 -7.47 -15.16
C THR A 32 20.46 -7.57 -14.64
N GLU A 33 20.15 -8.71 -14.04
CA GLU A 33 18.81 -9.04 -13.56
C GLU A 33 18.50 -8.30 -12.26
N THR A 34 17.27 -7.79 -12.13
CA THR A 34 16.77 -7.14 -10.90
C THR A 34 15.71 -7.95 -10.13
N VAL A 35 15.18 -9.01 -10.75
CA VAL A 35 14.16 -9.87 -10.15
C VAL A 35 14.73 -11.25 -9.86
N GLU A 36 14.79 -11.62 -8.59
CA GLU A 36 15.27 -12.94 -8.17
C GLU A 36 14.24 -14.04 -8.45
N SER A 37 14.67 -15.09 -9.14
CA SER A 37 13.83 -16.24 -9.48
C SER A 37 14.16 -17.54 -8.73
N THR A 38 15.27 -17.58 -8.00
CA THR A 38 15.73 -18.79 -7.32
C THR A 38 15.65 -18.65 -5.80
N SER A 39 15.22 -19.72 -5.14
CA SER A 39 15.21 -19.82 -3.68
C SER A 39 16.02 -21.02 -3.24
N LEU A 40 16.64 -20.92 -2.07
CA LEU A 40 17.25 -22.06 -1.41
C LEU A 40 16.12 -22.78 -0.66
N ASN A 41 15.93 -24.07 -0.94
CA ASN A 41 14.84 -24.84 -0.30
C ASN A 41 15.20 -25.28 1.13
N ARG A 42 15.66 -24.32 1.92
CA ARG A 42 16.28 -24.58 3.23
C ARG A 42 16.13 -23.32 4.09
N LEU A 43 15.96 -23.50 5.40
CA LEU A 43 15.88 -22.37 6.33
C LEU A 43 17.28 -22.01 6.81
N CYS A 44 17.79 -20.88 6.31
CA CYS A 44 19.14 -20.42 6.60
C CYS A 44 19.22 -19.73 7.97
N MET A 45 19.80 -20.43 8.95
CA MET A 45 19.77 -19.99 10.36
C MET A 45 21.12 -19.57 10.94
N LYS A 46 22.14 -19.35 10.10
CA LYS A 46 23.43 -18.89 10.60
C LYS A 46 23.30 -17.49 11.23
N GLY A 47 23.89 -17.33 12.41
CA GLY A 47 23.81 -16.09 13.17
C GLY A 47 22.49 -15.83 13.87
N ARG A 48 21.67 -16.88 14.02
CA ARG A 48 20.37 -16.79 14.70
C ARG A 48 20.30 -17.81 15.82
N ASN A 49 19.92 -17.35 17.01
CA ASN A 49 19.51 -18.25 18.09
C ASN A 49 18.09 -18.71 17.77
N HIS A 50 17.99 -19.77 16.96
CA HIS A 50 16.71 -20.26 16.46
C HIS A 50 16.22 -21.46 17.27
N LYS A 51 14.90 -21.63 17.29
CA LYS A 51 14.26 -22.83 17.84
C LYS A 51 13.39 -23.46 16.76
N ASP A 52 13.71 -24.70 16.43
CA ASP A 52 12.89 -25.53 15.54
C ASP A 52 11.98 -26.37 16.42
N LEU A 53 10.67 -26.08 16.37
CA LEU A 53 9.69 -26.79 17.19
C LEU A 53 9.44 -28.23 16.73
N GLY A 54 9.74 -28.55 15.47
CA GLY A 54 9.54 -29.90 14.95
C GLY A 54 8.08 -30.30 15.00
N ASN A 55 7.79 -31.38 15.73
CA ASN A 55 6.43 -31.91 15.85
CA ASN A 55 6.42 -31.91 15.85
C ASN A 55 5.61 -31.23 16.97
N CYS A 56 6.22 -30.24 17.64
CA CYS A 56 5.58 -29.49 18.73
C CYS A 56 4.85 -28.27 18.17
N HIS A 57 3.56 -28.15 18.45
CA HIS A 57 2.77 -26.95 18.11
C HIS A 57 3.00 -25.90 19.20
N PRO A 58 3.10 -24.60 18.81
CA PRO A 58 3.32 -23.50 19.77
C PRO A 58 2.47 -23.51 21.06
N ILE A 59 1.19 -23.83 20.95
CA ILE A 59 0.28 -23.92 22.12
C ILE A 59 0.68 -25.07 23.05
N GLY A 60 1.18 -26.16 22.47
CA GLY A 60 1.74 -27.28 23.25
C GLY A 60 2.89 -26.91 24.18
N MET A 61 3.62 -25.85 23.84
CA MET A 61 4.70 -25.33 24.68
C MET A 61 4.19 -24.82 26.03
N LEU A 62 3.00 -24.20 26.02
CA LEU A 62 2.40 -23.59 27.21
C LEU A 62 1.70 -24.59 28.11
N ILE A 63 0.96 -25.53 27.52
CA ILE A 63 0.27 -26.57 28.31
C ILE A 63 1.17 -27.78 28.63
N GLY A 64 2.22 -27.99 27.84
CA GLY A 64 3.20 -29.05 28.11
C GLY A 64 2.78 -30.41 27.60
N THR A 65 2.34 -30.45 26.34
CA THR A 65 2.07 -31.71 25.64
C THR A 65 3.41 -32.47 25.53
N PRO A 66 3.41 -33.82 25.64
CA PRO A 66 4.65 -34.60 25.60
C PRO A 66 5.60 -34.32 24.43
N ALA A 67 5.05 -34.06 23.24
CA ALA A 67 5.85 -33.67 22.07
C ALA A 67 6.63 -32.37 22.26
N CYS A 68 6.20 -31.53 23.20
CA CYS A 68 6.84 -30.25 23.50
C CYS A 68 7.75 -30.23 24.74
N ASP A 69 8.15 -31.41 25.25
CA ASP A 69 8.94 -31.48 26.49
C ASP A 69 10.30 -30.76 26.43
N LEU A 70 10.90 -30.69 25.24
CA LEU A 70 12.16 -29.94 25.06
C LEU A 70 11.93 -28.47 24.63
N HIS A 71 10.68 -28.02 24.63
CA HIS A 71 10.31 -26.65 24.24
C HIS A 71 9.39 -25.98 25.27
N LEU A 72 9.54 -26.35 26.54
CA LEU A 72 8.73 -25.78 27.62
C LEU A 72 9.22 -24.41 28.06
N THR A 73 10.52 -24.17 27.95
CA THR A 73 11.13 -22.86 28.22
C THR A 73 12.23 -22.59 27.19
N GLY A 74 12.76 -21.37 27.22
CA GLY A 74 13.92 -20.99 26.41
C GLY A 74 13.84 -19.58 25.89
N THR A 75 14.85 -19.21 25.10
CA THR A 75 14.92 -17.92 24.44
C THR A 75 15.35 -18.14 22.98
N TRP A 76 14.88 -17.27 22.10
CA TRP A 76 15.13 -17.40 20.67
C TRP A 76 14.85 -16.08 19.96
N ASP A 77 15.54 -15.84 18.84
CA ASP A 77 15.20 -14.72 17.93
C ASP A 77 14.30 -15.17 16.78
N THR A 78 14.27 -16.48 16.51
CA THR A 78 13.49 -17.07 15.42
C THR A 78 12.83 -18.36 15.90
N LEU A 79 11.51 -18.47 15.72
CA LEU A 79 10.75 -19.66 16.11
C LEU A 79 10.12 -20.28 14.87
N ILE A 80 10.39 -21.56 14.64
CA ILE A 80 9.95 -22.25 13.43
C ILE A 80 8.86 -23.27 13.76
N GLU A 81 7.68 -23.08 13.16
CA GLU A 81 6.55 -24.00 13.28
C GLU A 81 6.49 -24.90 12.04
N ARG A 82 6.15 -26.17 12.24
CA ARG A 82 6.04 -27.15 11.15
C ARG A 82 4.58 -27.55 10.93
N LYS A 83 4.32 -28.17 9.76
CA LYS A 83 2.97 -28.63 9.42
C LYS A 83 2.58 -29.84 10.28
N ASN A 84 1.29 -29.94 10.60
CA ASN A 84 0.72 -31.04 11.39
C ASN A 84 1.35 -31.20 12.79
N ALA A 85 1.81 -30.08 13.35
CA ALA A 85 2.41 -30.09 14.69
C ALA A 85 1.34 -30.38 15.72
N ILE A 86 1.74 -31.02 16.82
CA ILE A 86 0.81 -31.50 17.84
C ILE A 86 0.70 -30.49 18.98
N ALA A 87 -0.54 -30.08 19.27
CA ALA A 87 -0.86 -29.24 20.42
C ALA A 87 -1.53 -30.02 21.55
N TYR A 88 -2.42 -30.95 21.20
CA TYR A 88 -3.31 -31.61 22.17
C TYR A 88 -3.17 -33.13 22.10
N CYS A 89 -2.81 -33.76 23.21
CA CYS A 89 -2.74 -35.22 23.30
C CYS A 89 -4.12 -35.81 23.60
N TYR A 90 -4.82 -35.22 24.55
CA TYR A 90 -6.20 -35.58 24.87
C TYR A 90 -7.15 -34.83 23.89
N PRO A 91 -8.30 -35.43 23.53
CA PRO A 91 -9.21 -34.71 22.63
C PRO A 91 -9.69 -33.37 23.20
N GLY A 92 -9.84 -32.38 22.33
CA GLY A 92 -10.24 -31.03 22.73
C GLY A 92 -9.53 -29.97 21.92
N ALA A 93 -9.78 -28.71 22.28
CA ALA A 93 -9.19 -27.56 21.59
C ALA A 93 -9.20 -26.33 22.49
N THR A 94 -8.44 -25.31 22.09
CA THR A 94 -8.35 -24.07 22.85
C THR A 94 -9.32 -23.03 22.27
N VAL A 95 -10.00 -22.31 23.14
CA VAL A 95 -10.84 -21.18 22.75
C VAL A 95 -9.92 -20.01 22.43
N ASN A 96 -10.19 -19.31 21.32
CA ASN A 96 -9.33 -18.21 20.83
C ASN A 96 -7.92 -18.74 20.51
N GLU A 97 -7.90 -19.83 19.74
CA GLU A 97 -6.71 -20.66 19.48
C GLU A 97 -5.65 -19.97 18.61
N GLU A 98 -6.09 -19.36 17.52
CA GLU A 98 -5.18 -18.74 16.55
C GLU A 98 -4.49 -17.49 17.12
N ALA A 99 -5.22 -16.69 17.89
CA ALA A 99 -4.65 -15.53 18.59
C ALA A 99 -3.53 -15.94 19.54
N LEU A 100 -3.73 -17.02 20.27
CA LEU A 100 -2.71 -17.56 21.17
C LEU A 100 -1.46 -18.02 20.40
N ARG A 101 -1.66 -18.77 19.32
CA ARG A 101 -0.55 -19.24 18.47
C ARG A 101 0.27 -18.07 17.94
N GLN A 102 -0.42 -17.06 17.40
CA GLN A 102 0.22 -15.85 16.87
C GLN A 102 1.04 -15.14 17.94
N LYS A 103 0.48 -15.02 19.13
CA LYS A 103 1.17 -14.39 20.28
C LYS A 103 2.49 -15.10 20.62
N ILE A 104 2.47 -16.44 20.63
CA ILE A 104 3.67 -17.24 20.93
C ILE A 104 4.70 -17.11 19.81
N MET A 105 4.24 -17.15 18.56
CA MET A 105 5.12 -17.01 17.39
C MET A 105 5.70 -15.60 17.19
N GLU A 106 5.14 -14.62 17.89
CA GLU A 106 5.73 -13.26 17.97
C GLU A 106 6.76 -13.09 19.09
N SER A 107 6.84 -14.06 20.01
CA SER A 107 7.71 -13.95 21.19
C SER A 107 9.16 -14.27 20.85
N GLY A 108 10.05 -13.86 21.76
CA GLY A 108 11.46 -14.24 21.71
C GLY A 108 11.88 -15.15 22.85
N GLY A 109 10.94 -15.92 23.40
CA GLY A 109 11.23 -16.82 24.51
C GLY A 109 10.05 -17.07 25.42
N ILE A 110 10.19 -18.09 26.26
CA ILE A 110 9.18 -18.42 27.27
C ILE A 110 9.87 -18.76 28.59
N SER A 111 9.38 -18.17 29.68
CA SER A 111 9.71 -18.59 31.05
C SER A 111 8.46 -19.17 31.69
N LYS A 112 8.68 -20.09 32.64
CA LYS A 112 7.58 -20.74 33.37
C LYS A 112 7.68 -20.42 34.86
N ILE A 113 6.54 -20.06 35.46
CA ILE A 113 6.47 -19.68 36.86
C ILE A 113 5.43 -20.56 37.55
N ASN A 114 5.79 -21.11 38.71
CA ASN A 114 4.87 -21.97 39.46
C ASN A 114 3.66 -21.17 39.95
N THR A 115 2.48 -21.77 39.85
CA THR A 115 1.26 -21.19 40.40
C THR A 115 1.25 -21.31 41.93
N GLY A 116 1.92 -22.33 42.45
CA GLY A 116 1.89 -22.65 43.86
C GLY A 116 0.56 -23.23 44.33
N PHE A 117 -0.26 -23.71 43.40
CA PHE A 117 -1.57 -24.28 43.74
C PHE A 117 -1.41 -25.58 44.52
N THR A 118 -2.18 -25.70 45.61
CA THR A 118 -2.16 -26.87 46.48
C THR A 118 -3.59 -27.36 46.70
N TYR A 119 -3.73 -28.64 47.06
CA TYR A 119 -5.03 -29.30 47.14
C TYR A 119 -5.13 -30.20 48.36
N GLY A 120 -6.31 -30.23 48.98
CA GLY A 120 -6.54 -31.04 50.18
C GLY A 120 -6.60 -32.53 49.92
N SER A 121 -6.70 -33.29 51.02
CA SER A 121 -6.69 -34.77 51.01
C SER A 121 -7.72 -35.44 50.10
N SER A 122 -8.89 -34.82 49.93
CA SER A 122 -9.97 -35.41 49.14
C SER A 122 -9.82 -35.23 47.62
N ILE A 123 -8.83 -34.42 47.19
CA ILE A 123 -8.55 -34.21 45.76
C ILE A 123 -7.34 -35.06 45.35
N ASN A 124 -7.51 -35.82 44.26
CA ASN A 124 -6.41 -36.49 43.58
C ASN A 124 -6.01 -35.56 42.42
N SER A 125 -4.83 -34.94 42.53
CA SER A 125 -4.34 -34.00 41.52
C SER A 125 -3.44 -34.66 40.44
N ALA A 126 -3.23 -35.97 40.55
CA ALA A 126 -2.34 -36.71 39.63
C ALA A 126 -3.10 -37.56 38.59
N GLY A 127 -4.22 -37.04 38.09
CA GLY A 127 -4.98 -37.72 37.05
C GLY A 127 -4.17 -37.77 35.75
N THR A 128 -4.18 -38.93 35.11
CA THR A 128 -3.41 -39.16 33.87
C THR A 128 -4.31 -39.84 32.84
N THR A 129 -3.79 -40.03 31.63
CA THR A 129 -4.55 -40.69 30.56
C THR A 129 -3.63 -41.35 29.53
N LYS A 130 -4.11 -42.44 28.95
CA LYS A 130 -3.41 -43.14 27.85
C LYS A 130 -3.25 -42.29 26.58
N ALA A 131 -4.10 -41.28 26.42
CA ALA A 131 -3.97 -40.32 25.32
C ALA A 131 -2.70 -39.48 25.38
N CYS A 132 -2.17 -39.24 26.58
CA CYS A 132 -0.96 -38.42 26.78
C CYS A 132 0.16 -39.27 27.36
N MET A 133 0.82 -40.06 26.50
CA MET A 133 1.89 -40.97 26.93
C MET A 133 3.20 -40.23 27.15
N ARG A 134 3.94 -40.66 28.18
CA ARG A 134 5.27 -40.12 28.46
C ARG A 134 6.10 -41.20 29.17
N ASN A 135 7.28 -41.51 28.62
CA ASN A 135 8.17 -42.58 29.15
C ASN A 135 7.47 -43.95 29.22
N GLY A 136 6.68 -44.26 28.20
CA GLY A 136 5.94 -45.53 28.14
C GLY A 136 4.82 -45.71 29.13
N GLY A 137 4.36 -44.62 29.75
CA GLY A 137 3.33 -44.66 30.78
C GLY A 137 2.30 -43.55 30.60
N ASN A 138 1.13 -43.75 31.20
CA ASN A 138 0.07 -42.75 31.17
C ASN A 138 0.54 -41.48 31.88
N SER A 139 0.25 -40.33 31.29
CA SER A 139 0.73 -39.06 31.81
C SER A 139 -0.32 -37.97 31.52
N PHE A 140 0.12 -36.72 31.61
CA PHE A 140 -0.77 -35.59 31.36
C PHE A 140 0.05 -34.39 30.92
N TYR A 141 -0.64 -33.36 30.43
CA TYR A 141 -0.05 -32.05 30.14
C TYR A 141 0.84 -31.63 31.31
N ALA A 142 2.12 -31.36 31.03
CA ALA A 142 3.12 -31.09 32.07
C ALA A 142 2.82 -29.87 32.93
N GLU A 143 2.16 -28.86 32.36
CA GLU A 143 1.91 -27.60 33.04
C GLU A 143 0.51 -27.52 33.67
N LEU A 144 -0.25 -28.61 33.61
CA LEU A 144 -1.59 -28.67 34.18
C LEU A 144 -1.77 -29.91 35.04
N LYS A 145 -2.83 -29.89 35.84
CA LYS A 145 -3.18 -31.02 36.70
C LYS A 145 -4.64 -31.36 36.54
N TRP A 146 -4.91 -32.65 36.29
CA TRP A 146 -6.28 -33.16 36.20
C TRP A 146 -6.71 -33.49 37.63
N LEU A 147 -7.62 -32.67 38.15
CA LEU A 147 -8.11 -32.84 39.52
C LEU A 147 -9.36 -33.72 39.50
N VAL A 148 -9.33 -34.81 40.26
CA VAL A 148 -10.51 -35.67 40.47
C VAL A 148 -10.66 -35.98 41.97
N SER A 149 -11.82 -36.49 42.37
CA SER A 149 -12.05 -36.93 43.75
C SER A 149 -11.18 -38.14 44.06
N LYS A 150 -10.57 -38.15 45.25
CA LYS A 150 -9.69 -39.27 45.65
C LYS A 150 -10.47 -40.58 45.81
N ASN A 151 -11.64 -40.49 46.45
CA ASN A 151 -12.57 -41.61 46.56
C ASN A 151 -13.54 -41.56 45.38
N LYS A 152 -13.53 -42.60 44.55
CA LYS A 152 -14.40 -42.67 43.38
C LYS A 152 -15.86 -42.65 43.82
N GLY A 153 -16.64 -41.73 43.25
CA GLY A 153 -18.04 -41.53 43.60
C GLY A 153 -18.30 -40.29 44.44
N GLN A 154 -17.42 -40.01 45.40
CA GLN A 154 -17.59 -38.86 46.31
C GLN A 154 -17.60 -37.52 45.59
N ASN A 155 -18.33 -36.56 46.17
CA ASN A 155 -18.39 -35.21 45.62
C ASN A 155 -17.03 -34.52 45.76
N PHE A 156 -16.58 -33.93 44.66
CA PHE A 156 -15.34 -33.15 44.63
C PHE A 156 -15.61 -31.90 45.47
N PRO A 157 -14.73 -31.61 46.45
CA PRO A 157 -15.02 -30.53 47.40
C PRO A 157 -14.99 -29.13 46.74
N GLN A 158 -15.75 -28.20 47.31
CA GLN A 158 -15.69 -26.80 46.86
C GLN A 158 -14.29 -26.28 47.18
N THR A 159 -13.61 -25.80 46.15
CA THR A 159 -12.16 -25.52 46.23
C THR A 159 -11.87 -24.13 45.67
N THR A 160 -10.89 -23.47 46.28
CA THR A 160 -10.43 -22.13 45.87
C THR A 160 -8.92 -22.17 45.66
N ASN A 161 -8.47 -21.72 44.49
CA ASN A 161 -7.04 -21.58 44.19
C ASN A 161 -6.82 -20.20 43.57
N THR A 162 -5.93 -19.42 44.19
CA THR A 162 -5.64 -18.06 43.74
C THR A 162 -4.16 -17.92 43.39
N TYR A 163 -3.88 -17.45 42.18
CA TYR A 163 -2.51 -17.15 41.75
C TYR A 163 -2.30 -15.65 41.74
N ARG A 164 -1.27 -15.18 42.42
CA ARG A 164 -0.85 -13.77 42.37
C ARG A 164 0.37 -13.62 41.47
N ASN A 165 0.28 -12.69 40.52
CA ASN A 165 1.43 -12.32 39.70
C ASN A 165 2.32 -11.39 40.52
N ALA A 166 3.44 -11.92 41.01
CA ALA A 166 4.41 -11.16 41.79
C ALA A 166 5.52 -10.54 40.93
N ASP A 167 5.43 -10.73 39.60
CA ASP A 167 6.44 -10.27 38.64
C ASP A 167 6.10 -8.84 38.20
N THR A 168 7.03 -8.22 37.47
CA THR A 168 6.82 -6.89 36.88
C THR A 168 6.26 -6.92 35.44
N ALA A 169 6.11 -8.11 34.86
CA ALA A 169 5.52 -8.29 33.53
C ALA A 169 4.28 -9.18 33.61
N GLU A 170 3.41 -9.05 32.61
CA GLU A 170 2.19 -9.86 32.56
C GLU A 170 2.49 -11.34 32.36
N HIS A 171 1.66 -12.19 32.95
CA HIS A 171 1.77 -13.64 32.80
C HIS A 171 0.56 -14.20 32.07
N LEU A 172 0.82 -15.19 31.22
CA LEU A 172 -0.22 -15.89 30.48
C LEU A 172 -0.57 -17.17 31.22
N ILE A 173 -1.83 -17.28 31.62
CA ILE A 173 -2.33 -18.42 32.39
C ILE A 173 -3.34 -19.17 31.54
N MET A 174 -3.23 -20.50 31.54
CA MET A 174 -4.18 -21.37 30.84
C MET A 174 -4.77 -22.38 31.80
N TRP A 175 -5.99 -22.82 31.49
CA TRP A 175 -6.64 -23.89 32.23
C TRP A 175 -7.54 -24.65 31.29
N GLY A 176 -8.01 -25.80 31.75
CA GLY A 176 -8.90 -26.64 30.96
C GLY A 176 -10.19 -26.93 31.69
N ILE A 177 -11.21 -27.28 30.92
CA ILE A 177 -12.48 -27.77 31.45
C ILE A 177 -12.68 -29.16 30.88
N HIS A 178 -12.81 -30.16 31.74
CA HIS A 178 -13.11 -31.52 31.31
C HIS A 178 -14.62 -31.66 31.08
N HIS A 179 -14.98 -32.14 29.89
CA HIS A 179 -16.35 -32.42 29.52
C HIS A 179 -16.49 -33.94 29.45
N PRO A 180 -17.06 -34.57 30.50
CA PRO A 180 -17.07 -36.04 30.53
C PRO A 180 -17.92 -36.70 29.44
N SER A 181 -17.58 -37.94 29.11
CA SER A 181 -18.23 -38.66 28.02
C SER A 181 -19.64 -39.14 28.37
N SER A 182 -19.90 -39.38 29.66
CA SER A 182 -21.23 -39.81 30.13
C SER A 182 -21.53 -39.27 31.51
N THR A 183 -22.82 -39.30 31.88
CA THR A 183 -23.27 -38.93 33.23
C THR A 183 -22.65 -39.84 34.29
N GLN A 184 -22.44 -41.11 33.95
CA GLN A 184 -21.78 -42.08 34.82
C GLN A 184 -20.32 -41.70 35.10
N GLU A 185 -19.61 -41.32 34.05
CA GLU A 185 -18.19 -40.91 34.16
C GLU A 185 -18.03 -39.64 35.01
N LYS A 186 -18.90 -38.66 34.76
CA LYS A 186 -18.98 -37.42 35.55
C LYS A 186 -19.14 -37.70 37.05
N ASN A 187 -20.03 -38.63 37.39
CA ASN A 187 -20.29 -39.00 38.79
C ASN A 187 -19.09 -39.70 39.46
N ASP A 188 -18.35 -40.51 38.71
CA ASP A 188 -17.17 -41.22 39.25
C ASP A 188 -16.02 -40.28 39.60
N LEU A 189 -15.78 -39.29 38.75
CA LEU A 189 -14.65 -38.37 38.94
C LEU A 189 -14.97 -37.22 39.90
N TYR A 190 -16.17 -36.63 39.75
CA TYR A 190 -16.54 -35.39 40.46
C TYR A 190 -17.76 -35.49 41.40
N GLY A 191 -18.49 -36.60 41.37
CA GLY A 191 -19.69 -36.79 42.21
C GLY A 191 -20.99 -36.35 41.55
N THR A 192 -22.10 -36.65 42.21
CA THR A 192 -23.44 -36.39 41.67
C THR A 192 -23.86 -34.91 41.67
N GLN A 193 -23.20 -34.08 42.48
CA GLN A 193 -23.45 -32.63 42.53
C GLN A 193 -23.36 -31.94 41.16
N SER A 194 -24.08 -30.84 40.99
CA SER A 194 -23.95 -30.01 39.78
C SER A 194 -22.64 -29.24 39.84
N LEU A 195 -21.99 -29.12 38.69
CA LEU A 195 -20.62 -28.60 38.60
C LEU A 195 -20.60 -27.18 38.07
N SER A 196 -19.67 -26.38 38.59
CA SER A 196 -19.50 -25.00 38.16
C SER A 196 -18.07 -24.53 38.46
N ILE A 197 -17.42 -23.92 37.47
CA ILE A 197 -16.08 -23.38 37.62
C ILE A 197 -16.13 -21.89 37.34
N SER A 198 -15.77 -21.08 38.33
CA SER A 198 -15.66 -19.62 38.16
C SER A 198 -14.19 -19.24 38.14
N VAL A 199 -13.86 -18.27 37.29
CA VAL A 199 -12.51 -17.71 37.20
C VAL A 199 -12.66 -16.20 37.24
N GLY A 200 -11.91 -15.53 38.11
CA GLY A 200 -12.03 -14.08 38.30
C GLY A 200 -10.72 -13.41 38.65
N SER A 201 -10.37 -12.37 37.88
CA SER A 201 -9.26 -11.47 38.19
C SER A 201 -9.82 -10.04 38.24
N SER A 202 -8.93 -9.05 38.28
CA SER A 202 -9.33 -7.64 38.20
C SER A 202 -9.83 -7.28 36.80
N THR A 203 -9.20 -7.86 35.78
CA THR A 203 -9.48 -7.55 34.37
C THR A 203 -10.24 -8.65 33.61
N TYR A 204 -10.57 -9.76 34.26
CA TYR A 204 -11.17 -10.92 33.60
C TYR A 204 -12.15 -11.63 34.52
N LYS A 205 -13.24 -12.15 33.96
CA LYS A 205 -14.10 -13.09 34.65
C LYS A 205 -14.90 -13.95 33.68
N ASN A 206 -15.18 -15.18 34.09
CA ASN A 206 -15.92 -16.12 33.26
C ASN A 206 -16.40 -17.28 34.10
N ASN A 207 -17.43 -17.97 33.61
CA ASN A 207 -18.00 -19.14 34.26
C ASN A 207 -18.03 -20.31 33.28
N PHE A 208 -17.79 -21.52 33.80
CA PHE A 208 -17.76 -22.73 32.96
C PHE A 208 -18.52 -23.87 33.63
N VAL A 209 -19.26 -24.63 32.83
CA VAL A 209 -20.01 -25.80 33.29
C VAL A 209 -19.63 -26.99 32.41
N PRO A 210 -19.15 -28.09 33.03
CA PRO A 210 -18.92 -29.33 32.28
C PRO A 210 -20.18 -29.86 31.56
N VAL A 211 -20.22 -29.68 30.24
CA VAL A 211 -21.25 -30.26 29.39
C VAL A 211 -21.03 -31.76 29.28
N VAL A 212 -22.02 -32.54 29.69
CA VAL A 212 -21.94 -34.01 29.70
C VAL A 212 -22.83 -34.61 28.60
N GLY A 213 -22.32 -35.64 27.94
CA GLY A 213 -23.07 -36.30 26.86
C GLY A 213 -22.19 -37.09 25.90
N ALA A 214 -22.80 -38.05 25.20
CA ALA A 214 -22.08 -38.88 24.24
C ALA A 214 -21.75 -38.11 22.96
N ARG A 215 -20.55 -38.32 22.44
CA ARG A 215 -20.09 -37.68 21.20
C ARG A 215 -19.05 -38.61 20.51
N PRO A 216 -18.74 -38.37 19.21
CA PRO A 216 -17.79 -39.23 18.49
C PRO A 216 -16.44 -39.44 19.19
N GLN A 217 -15.93 -40.67 19.15
CA GLN A 217 -14.66 -41.02 19.80
C GLN A 217 -13.46 -40.55 18.98
N VAL A 218 -12.61 -39.72 19.59
CA VAL A 218 -11.32 -39.33 19.02
C VAL A 218 -10.25 -40.21 19.68
N ASN A 219 -9.72 -41.17 18.92
CA ASN A 219 -8.76 -42.17 19.40
C ASN A 219 -9.31 -42.98 20.59
N GLY A 220 -10.55 -43.44 20.44
CA GLY A 220 -11.24 -44.23 21.47
C GLY A 220 -11.61 -43.47 22.73
N LEU A 221 -11.90 -42.17 22.61
CA LEU A 221 -12.27 -41.33 23.75
C LEU A 221 -13.31 -40.27 23.34
N SER A 222 -14.50 -40.36 23.96
CA SER A 222 -15.58 -39.39 23.72
C SER A 222 -15.47 -38.12 24.59
N GLY A 223 -14.74 -38.21 25.70
CA GLY A 223 -14.49 -37.04 26.56
C GLY A 223 -13.61 -36.00 25.89
N ARG A 224 -13.72 -34.76 26.36
CA ARG A 224 -12.93 -33.64 25.85
C ARG A 224 -12.35 -32.81 26.99
N ILE A 225 -11.16 -32.24 26.77
CA ILE A 225 -10.61 -31.20 27.64
C ILE A 225 -10.34 -29.98 26.76
N ASP A 226 -11.20 -28.97 26.89
CA ASP A 226 -11.08 -27.73 26.14
C ASP A 226 -10.38 -26.68 26.98
N PHE A 227 -9.52 -25.89 26.35
CA PHE A 227 -8.66 -24.94 27.04
C PHE A 227 -9.11 -23.50 26.85
N HIS A 228 -8.81 -22.68 27.87
CA HIS A 228 -9.06 -21.25 27.86
C HIS A 228 -7.83 -20.55 28.39
N TRP A 229 -7.69 -19.27 28.07
CA TRP A 229 -6.55 -18.49 28.53
C TRP A 229 -6.86 -17.02 28.75
N THR A 230 -6.04 -16.38 29.58
CA THR A 230 -6.06 -14.95 29.76
C THR A 230 -4.69 -14.45 30.25
N LEU A 231 -4.56 -13.12 30.35
CA LEU A 231 -3.36 -12.50 30.86
C LEU A 231 -3.61 -11.97 32.26
N VAL A 232 -2.68 -12.22 33.17
CA VAL A 232 -2.73 -11.68 34.54
C VAL A 232 -1.70 -10.57 34.63
N GLN A 233 -2.15 -9.36 34.96
CA GLN A 233 -1.27 -8.19 35.01
C GLN A 233 -0.37 -8.22 36.26
N PRO A 234 0.78 -7.49 36.21
CA PRO A 234 1.69 -7.38 37.36
C PRO A 234 0.99 -6.92 38.63
N GLY A 235 1.10 -7.71 39.70
CA GLY A 235 0.48 -7.39 40.98
C GLY A 235 -0.96 -7.85 41.14
N ASP A 236 -1.61 -8.27 40.06
CA ASP A 236 -2.99 -8.73 40.12
C ASP A 236 -3.03 -10.21 40.47
N LYS A 237 -4.18 -10.68 40.95
CA LYS A 237 -4.40 -12.10 41.20
C LYS A 237 -5.61 -12.63 40.41
N ILE A 238 -5.65 -13.95 40.23
CA ILE A 238 -6.71 -14.64 39.52
C ILE A 238 -7.16 -15.83 40.37
N THR A 239 -8.47 -15.95 40.58
CA THR A 239 -9.03 -16.92 41.51
C THR A 239 -9.91 -17.93 40.78
N PHE A 240 -9.62 -19.21 41.00
CA PHE A 240 -10.41 -20.31 40.48
C PHE A 240 -11.28 -20.85 41.61
N SER A 241 -12.60 -20.81 41.42
CA SER A 241 -13.55 -21.41 42.35
C SER A 241 -14.24 -22.56 41.63
N HIS A 242 -14.10 -23.77 42.14
CA HIS A 242 -14.49 -24.96 41.40
C HIS A 242 -14.86 -26.13 42.33
N ASN A 243 -15.69 -27.03 41.80
CA ASN A 243 -16.12 -28.24 42.54
C ASN A 243 -16.15 -29.47 41.62
N GLY A 244 -15.21 -29.53 40.67
CA GLY A 244 -15.12 -30.66 39.73
C GLY A 244 -15.19 -30.21 38.28
N GLY A 245 -14.23 -30.67 37.48
CA GLY A 245 -14.16 -30.33 36.06
C GLY A 245 -12.99 -29.45 35.67
N LEU A 246 -12.41 -28.72 36.62
CA LEU A 246 -11.27 -27.84 36.33
C LEU A 246 -9.99 -28.67 36.13
N ILE A 247 -9.30 -28.36 35.04
CA ILE A 247 -7.93 -28.80 34.79
C ILE A 247 -7.06 -27.59 35.12
N ALA A 248 -6.42 -27.62 36.28
CA ALA A 248 -5.80 -26.44 36.88
C ALA A 248 -4.34 -26.27 36.45
N PRO A 249 -3.88 -25.02 36.26
CA PRO A 249 -2.48 -24.79 35.94
C PRO A 249 -1.55 -25.01 37.13
N SER A 250 -0.44 -25.73 36.91
CA SER A 250 0.65 -25.84 37.87
C SER A 250 1.76 -24.84 37.57
N ARG A 251 1.89 -24.41 36.31
CA ARG A 251 2.75 -23.28 35.96
C ARG A 251 2.03 -22.31 35.00
N VAL A 252 2.41 -21.04 35.08
CA VAL A 252 1.99 -20.02 34.10
C VAL A 252 3.19 -19.64 33.24
N SER A 253 2.92 -18.94 32.14
CA SER A 253 3.96 -18.60 31.18
C SER A 253 4.20 -17.10 31.12
N LYS A 254 5.43 -16.74 30.78
CA LYS A 254 5.85 -15.37 30.56
C LYS A 254 6.52 -15.33 29.19
N LEU A 255 5.90 -14.65 28.23
CA LEU A 255 6.48 -14.48 26.90
C LEU A 255 7.52 -13.37 26.94
N ILE A 256 8.73 -13.69 26.51
CA ILE A 256 9.90 -12.82 26.66
C ILE A 256 10.20 -12.14 25.33
N GLY A 257 10.10 -10.80 25.30
CA GLY A 257 10.53 -10.00 24.16
C GLY A 257 9.85 -10.33 22.84
N ARG A 258 10.59 -10.16 21.74
CA ARG A 258 10.07 -10.40 20.39
C ARG A 258 10.98 -11.30 19.59
N GLY A 259 10.39 -12.04 18.65
CA GLY A 259 11.13 -12.89 17.72
C GLY A 259 10.39 -13.03 16.41
N LEU A 260 11.06 -13.59 15.40
CA LEU A 260 10.47 -13.78 14.07
C LEU A 260 9.88 -15.20 13.94
N GLY A 261 8.57 -15.27 13.80
CA GLY A 261 7.88 -16.55 13.58
C GLY A 261 7.90 -16.95 12.12
N ILE A 262 8.30 -18.20 11.85
CA ILE A 262 8.32 -18.78 10.49
C ILE A 262 7.50 -20.07 10.47
N GLN A 263 6.65 -20.22 9.45
CA GLN A 263 5.93 -21.45 9.18
C GLN A 263 6.45 -22.05 7.88
N SER A 264 7.15 -23.18 7.99
CA SER A 264 7.79 -23.81 6.82
C SER A 264 8.09 -25.30 7.05
N GLU A 265 8.09 -26.06 5.96
CA GLU A 265 8.48 -27.48 5.97
C GLU A 265 9.96 -27.70 5.61
N ALA A 266 10.65 -26.63 5.19
CA ALA A 266 12.02 -26.74 4.70
C ALA A 266 13.00 -27.06 5.85
N PRO A 267 14.05 -27.87 5.58
CA PRO A 267 14.99 -28.25 6.62
C PRO A 267 15.90 -27.10 7.06
N ILE A 268 16.43 -27.21 8.27
CA ILE A 268 17.33 -26.21 8.83
C ILE A 268 18.69 -26.33 8.16
N ASP A 269 19.36 -25.19 7.97
CA ASP A 269 20.74 -25.13 7.51
C ASP A 269 21.47 -24.01 8.24
N ASN A 270 22.41 -24.38 9.12
CA ASN A 270 23.22 -23.40 9.86
C ASN A 270 24.48 -22.95 9.12
N SER A 271 24.68 -23.42 7.88
CA SER A 271 25.81 -22.99 7.05
C SER A 271 25.50 -21.66 6.32
N CYS A 272 24.27 -21.51 5.82
CA CYS A 272 23.85 -20.29 5.12
C CYS A 272 23.14 -19.30 6.05
N GLU A 273 23.14 -18.04 5.62
CA GLU A 273 22.58 -16.91 6.37
C GLU A 273 21.50 -16.24 5.54
N SER A 274 20.49 -15.68 6.22
CA SER A 274 19.38 -15.01 5.53
C SER A 274 18.58 -14.11 6.46
N LYS A 275 17.92 -13.12 5.85
CA LYS A 275 16.98 -12.25 6.56
C LYS A 275 15.57 -12.31 5.99
N CYS A 276 15.34 -13.18 5.01
CA CYS A 276 14.05 -13.30 4.33
C CYS A 276 13.67 -14.77 4.20
N PHE A 277 12.43 -15.09 4.60
CA PHE A 277 11.95 -16.47 4.62
C PHE A 277 10.53 -16.59 4.10
N TRP A 278 10.19 -17.78 3.64
CA TRP A 278 8.84 -18.10 3.18
C TRP A 278 8.60 -19.60 3.36
N ARG A 279 7.40 -20.07 3.02
CA ARG A 279 7.03 -21.49 3.23
C ARG A 279 8.05 -22.47 2.63
N GLY A 280 8.48 -22.16 1.41
CA GLY A 280 9.45 -22.97 0.65
C GLY A 280 10.93 -22.81 0.98
N GLY A 281 11.30 -21.84 1.81
CA GLY A 281 12.70 -21.71 2.27
C GLY A 281 13.17 -20.30 2.51
N SER A 282 14.37 -19.98 2.01
CA SER A 282 15.04 -18.70 2.25
C SER A 282 15.37 -17.96 0.94
N ILE A 283 15.34 -16.63 1.00
CA ILE A 283 15.68 -15.77 -0.14
C ILE A 283 16.88 -14.90 0.25
N ASN A 284 18.07 -15.32 -0.17
CA ASN A 284 19.35 -14.69 0.21
C ASN A 284 19.82 -13.60 -0.75
N THR A 285 19.03 -13.33 -1.80
CA THR A 285 19.44 -12.43 -2.89
C THR A 285 19.76 -11.00 -2.45
N ARG A 286 20.64 -10.36 -3.21
CA ARG A 286 20.92 -8.93 -3.07
C ARG A 286 19.96 -8.09 -3.93
N LEU A 287 19.17 -8.73 -4.78
CA LEU A 287 18.32 -8.04 -5.74
C LEU A 287 17.12 -7.35 -5.07
N PRO A 288 16.61 -6.25 -5.66
CA PRO A 288 15.50 -5.50 -5.08
C PRO A 288 14.13 -6.19 -5.15
N PHE A 289 13.93 -7.06 -6.15
CA PHE A 289 12.65 -7.71 -6.40
C PHE A 289 12.77 -9.23 -6.43
N GLN A 290 11.64 -9.91 -6.27
CA GLN A 290 11.58 -11.38 -6.30
C GLN A 290 10.21 -11.85 -6.80
N ASN A 291 10.17 -13.03 -7.43
CA ASN A 291 8.93 -13.60 -7.98
C ASN A 291 8.64 -14.99 -7.40
N LEU A 292 9.23 -15.30 -6.24
CA LEU A 292 9.06 -16.60 -5.62
C LEU A 292 7.76 -16.71 -4.85
N SER A 293 7.44 -15.68 -4.06
CA SER A 293 6.22 -15.71 -3.23
C SER A 293 5.79 -14.33 -2.73
N PRO A 294 4.46 -14.05 -2.77
CA PRO A 294 3.95 -12.86 -2.08
C PRO A 294 3.85 -13.04 -0.55
N ARG A 295 4.10 -14.26 -0.06
CA ARG A 295 3.96 -14.60 1.35
C ARG A 295 5.36 -14.77 1.95
N THR A 296 5.96 -13.67 2.40
CA THR A 296 7.31 -13.68 2.97
C THR A 296 7.34 -12.98 4.33
N VAL A 297 8.35 -13.30 5.13
CA VAL A 297 8.60 -12.63 6.42
C VAL A 297 10.07 -12.27 6.55
N GLY A 298 10.34 -11.22 7.32
CA GLY A 298 11.69 -10.69 7.54
C GLY A 298 11.94 -9.44 6.72
N GLN A 299 13.22 -9.22 6.37
CA GLN A 299 13.61 -8.10 5.50
C GLN A 299 13.82 -8.67 4.10
N CYS A 300 12.93 -8.31 3.19
CA CYS A 300 12.77 -9.03 1.94
C CYS A 300 12.78 -8.14 0.69
N PRO A 301 13.20 -8.71 -0.46
CA PRO A 301 12.93 -8.05 -1.74
C PRO A 301 11.42 -8.02 -1.96
N LYS A 302 10.95 -7.01 -2.68
CA LYS A 302 9.53 -6.85 -2.92
C LYS A 302 9.05 -7.82 -3.99
N TYR A 303 7.92 -8.47 -3.73
CA TYR A 303 7.32 -9.39 -4.68
C TYR A 303 6.77 -8.64 -5.89
N VAL A 304 7.06 -9.14 -7.10
CA VAL A 304 6.55 -8.56 -8.34
C VAL A 304 6.04 -9.66 -9.28
N ASN A 305 5.03 -9.32 -10.08
CA ASN A 305 4.47 -10.24 -11.09
C ASN A 305 5.31 -10.19 -12.38
N LYS A 306 6.57 -10.57 -12.27
CA LYS A 306 7.51 -10.52 -13.40
C LYS A 306 8.52 -11.67 -13.31
N LYS A 307 8.77 -12.32 -14.45
CA LYS A 307 9.78 -13.37 -14.55
C LYS A 307 11.19 -12.78 -14.54
N SER A 308 11.38 -11.69 -15.30
CA SER A 308 12.68 -11.04 -15.47
C SER A 308 12.52 -9.55 -15.75
N LEU A 309 13.43 -8.74 -15.18
CA LEU A 309 13.56 -7.32 -15.52
C LEU A 309 15.04 -6.96 -15.62
N MET A 310 15.52 -6.77 -16.86
CA MET A 310 16.94 -6.57 -17.10
C MET A 310 17.30 -5.08 -17.09
N LEU A 311 18.26 -4.73 -16.23
CA LEU A 311 18.77 -3.38 -16.11
C LEU A 311 20.04 -3.26 -16.97
N ALA A 312 20.04 -2.31 -17.90
CA ALA A 312 21.18 -2.09 -18.79
C ALA A 312 22.39 -1.61 -17.99
N THR A 313 23.56 -2.20 -18.26
CA THR A 313 24.83 -1.80 -17.68
C THR A 313 25.85 -1.45 -18.78
N GLY A 314 25.34 -1.04 -19.92
CA GLY A 314 26.17 -0.71 -21.07
C GLY A 314 25.39 0.04 -22.12
N MET A 315 26.13 0.58 -23.09
CA MET A 315 25.56 1.32 -24.23
C MET A 315 24.80 0.42 -25.20
N ARG A 316 24.09 1.03 -26.15
CA ARG A 316 23.54 0.33 -27.32
C ARG A 316 24.63 -0.50 -28.00
N ASN A 317 24.32 -1.77 -28.29
CA ASN A 317 25.24 -2.62 -29.02
C ASN A 317 24.95 -2.44 -30.50
N VAL A 318 25.93 -1.95 -31.24
CA VAL A 318 25.80 -1.73 -32.69
C VAL A 318 26.92 -2.53 -33.38
N PRO A 319 26.67 -3.84 -33.63
CA PRO A 319 27.75 -4.68 -34.17
C PRO A 319 28.13 -4.37 -35.61
N GLU A 320 29.28 -4.91 -36.01
CA GLU A 320 29.84 -4.70 -37.35
C GLU A 320 29.19 -5.68 -38.31
N LEU A 321 29.05 -5.27 -39.57
CA LEU A 321 28.57 -6.16 -40.65
C LEU A 321 29.76 -6.92 -41.23
N GLY B 1 19.54 8.22 -31.66
CA GLY B 1 19.49 8.45 -30.19
C GLY B 1 19.61 9.92 -29.84
N LEU B 2 19.42 10.24 -28.56
CA LEU B 2 19.32 11.65 -28.11
C LEU B 2 20.50 12.54 -28.52
N PHE B 3 21.72 12.02 -28.43
CA PHE B 3 22.91 12.82 -28.73
C PHE B 3 23.53 12.52 -30.09
N GLY B 4 22.91 11.61 -30.85
CA GLY B 4 23.18 11.44 -32.26
C GLY B 4 24.45 10.72 -32.68
N ALA B 5 25.23 10.22 -31.72
CA ALA B 5 26.53 9.60 -32.02
C ALA B 5 26.43 8.08 -32.10
N ILE B 6 26.14 7.43 -30.98
CA ILE B 6 26.04 5.98 -30.90
C ILE B 6 24.72 5.57 -31.53
N ALA B 7 24.80 4.63 -32.48
CA ALA B 7 23.67 4.28 -33.37
C ALA B 7 23.14 5.51 -34.13
N GLY B 8 24.06 6.42 -34.46
CA GLY B 8 23.75 7.67 -35.14
C GLY B 8 24.82 7.88 -36.20
N PHE B 9 25.57 8.98 -36.11
CA PHE B 9 26.60 9.28 -37.10
C PHE B 9 27.84 8.37 -37.02
N ILE B 10 28.07 7.73 -35.87
CA ILE B 10 29.00 6.60 -35.79
C ILE B 10 28.21 5.40 -36.30
N GLU B 11 28.64 4.83 -37.43
CA GLU B 11 27.87 3.78 -38.11
C GLU B 11 27.74 2.51 -37.25
N ASN B 12 28.83 2.10 -36.62
CA ASN B 12 28.81 0.93 -35.73
C ASN B 12 29.95 0.97 -34.71
N GLY B 13 29.84 0.10 -33.73
CA GLY B 13 30.87 -0.08 -32.71
C GLY B 13 32.02 -0.94 -33.19
N TRP B 14 33.09 -0.98 -32.39
CA TRP B 14 34.29 -1.75 -32.68
C TRP B 14 34.39 -2.93 -31.72
N GLU B 15 34.15 -4.13 -32.24
CA GLU B 15 34.26 -5.36 -31.44
C GLU B 15 35.69 -5.62 -30.97
N GLY B 16 36.66 -5.19 -31.77
CA GLY B 16 38.07 -5.31 -31.44
C GLY B 16 38.61 -4.38 -30.36
N MET B 17 37.84 -3.36 -29.95
CA MET B 17 38.25 -2.50 -28.85
C MET B 17 37.81 -3.11 -27.52
N VAL B 18 38.69 -3.95 -26.96
CA VAL B 18 38.39 -4.73 -25.76
C VAL B 18 38.88 -4.10 -24.45
N ASP B 19 39.70 -3.05 -24.54
CA ASP B 19 40.25 -2.39 -23.34
C ASP B 19 39.64 -0.99 -23.07
N GLY B 20 38.48 -0.72 -23.65
CA GLY B 20 37.79 0.53 -23.39
C GLY B 20 36.43 0.58 -24.01
N TRP B 21 35.64 1.55 -23.57
CA TRP B 21 34.29 1.77 -24.07
C TRP B 21 34.30 2.74 -25.25
N TYR B 22 35.20 3.72 -25.20
CA TYR B 22 35.38 4.71 -26.26
C TYR B 22 36.86 4.79 -26.60
N GLY B 23 37.16 5.25 -27.80
CA GLY B 23 38.56 5.37 -28.21
C GLY B 23 38.79 5.90 -29.59
N PHE B 24 39.99 5.66 -30.10
CA PHE B 24 40.48 6.26 -31.34
C PHE B 24 41.06 5.21 -32.27
N ARG B 25 40.86 5.39 -33.57
CA ARG B 25 41.64 4.72 -34.62
C ARG B 25 42.21 5.79 -35.53
N HIS B 26 43.46 5.63 -35.96
CA HIS B 26 44.10 6.61 -36.85
C HIS B 26 44.74 5.98 -38.07
N GLN B 27 45.04 6.83 -39.05
CA GLN B 27 45.78 6.46 -40.25
C GLN B 27 46.76 7.60 -40.53
N ASN B 28 48.05 7.26 -40.61
CA ASN B 28 49.07 8.19 -41.11
C ASN B 28 50.05 7.42 -42.00
N ALA B 29 51.11 8.11 -42.46
CA ALA B 29 52.13 7.49 -43.32
C ALA B 29 52.81 6.26 -42.70
N GLN B 30 52.97 6.25 -41.38
CA GLN B 30 53.55 5.11 -40.66
C GLN B 30 52.60 3.91 -40.53
N GLY B 31 51.29 4.14 -40.65
CA GLY B 31 50.30 3.07 -40.66
C GLY B 31 49.09 3.40 -39.79
N THR B 32 48.45 2.36 -39.26
CA THR B 32 47.28 2.50 -38.40
C THR B 32 47.58 2.18 -36.94
N GLY B 33 46.65 2.54 -36.08
CA GLY B 33 46.71 2.21 -34.66
C GLY B 33 45.38 2.42 -33.99
N GLN B 34 45.23 1.82 -32.82
CA GLN B 34 44.01 1.92 -32.00
C GLN B 34 44.40 2.18 -30.54
N ALA B 35 43.56 2.94 -29.84
CA ALA B 35 43.75 3.19 -28.42
C ALA B 35 42.44 3.61 -27.73
N ALA B 36 42.19 3.03 -26.56
CA ALA B 36 41.01 3.39 -25.76
C ALA B 36 41.23 4.75 -25.11
N ASP B 37 40.13 5.48 -24.90
CA ASP B 37 40.14 6.69 -24.09
C ASP B 37 39.71 6.33 -22.67
N TYR B 38 40.62 6.47 -21.72
CA TYR B 38 40.37 6.09 -20.32
C TYR B 38 39.31 6.96 -19.64
N LYS B 39 39.41 8.27 -19.81
CA LYS B 39 38.58 9.23 -19.07
C LYS B 39 37.08 9.14 -19.40
N SER B 40 36.75 9.09 -20.69
CA SER B 40 35.35 8.94 -21.12
C SER B 40 34.78 7.57 -20.75
N THR B 41 35.60 6.53 -20.90
CA THR B 41 35.24 5.17 -20.48
C THR B 41 34.90 5.12 -18.98
N GLN B 42 35.76 5.72 -18.16
CA GLN B 42 35.56 5.73 -16.71
C GLN B 42 34.36 6.58 -16.29
N ALA B 43 34.13 7.69 -17.00
CA ALA B 43 32.94 8.53 -16.77
C ALA B 43 31.63 7.73 -16.95
N ALA B 44 31.54 6.96 -18.02
CA ALA B 44 30.35 6.12 -18.27
C ALA B 44 30.21 4.98 -17.24
N ILE B 45 31.30 4.27 -16.99
CA ILE B 45 31.31 3.15 -16.04
C ILE B 45 30.91 3.60 -14.62
N ASP B 46 31.48 4.72 -14.17
CA ASP B 46 31.19 5.25 -12.83
C ASP B 46 29.72 5.63 -12.65
N GLN B 47 29.10 6.18 -13.69
CA GLN B 47 27.67 6.53 -13.63
C GLN B 47 26.78 5.27 -13.55
N ILE B 48 27.12 4.24 -14.31
CA ILE B 48 26.42 2.95 -14.23
C ILE B 48 26.62 2.27 -12.86
N THR B 49 27.84 2.30 -12.34
CA THR B 49 28.12 1.80 -10.97
C THR B 49 27.28 2.56 -9.95
N GLY B 50 27.14 3.87 -10.14
CA GLY B 50 26.26 4.71 -9.33
C GLY B 50 24.82 4.22 -9.26
N LYS B 51 24.26 3.91 -10.44
CA LYS B 51 22.90 3.38 -10.55
C LYS B 51 22.74 2.03 -9.86
N LEU B 52 23.70 1.14 -10.09
CA LEU B 52 23.69 -0.19 -9.45
C LEU B 52 23.67 -0.10 -7.93
N ASN B 53 24.49 0.80 -7.38
CA ASN B 53 24.55 1.01 -5.93
C ASN B 53 23.21 1.48 -5.35
N ARG B 54 22.49 2.31 -6.10
CA ARG B 54 21.17 2.77 -5.68
C ARG B 54 20.06 1.73 -5.89
N ILE B 55 20.11 0.99 -6.99
CA ILE B 55 19.02 0.09 -7.39
C ILE B 55 19.11 -1.31 -6.75
N ILE B 56 20.33 -1.85 -6.67
CA ILE B 56 20.53 -3.21 -6.14
C ILE B 56 20.55 -3.18 -4.61
N LYS B 57 19.36 -3.06 -4.02
CA LYS B 57 19.19 -3.03 -2.58
C LYS B 57 17.73 -3.33 -2.21
N LYS B 58 17.52 -3.72 -0.96
CA LYS B 58 16.17 -3.95 -0.42
C LYS B 58 15.99 -3.07 0.81
N THR B 59 14.75 -2.90 1.25
CA THR B 59 14.46 -2.11 2.46
C THR B 59 14.84 -2.95 3.68
N ASN B 60 15.15 -2.27 4.79
CA ASN B 60 15.45 -2.96 6.05
C ASN B 60 14.22 -3.08 6.99
N THR B 61 13.02 -2.90 6.43
CA THR B 61 11.77 -3.04 7.21
C THR B 61 11.50 -4.52 7.46
N GLU B 62 11.35 -4.90 8.75
CA GLU B 62 11.05 -6.27 9.12
C GLU B 62 9.53 -6.47 9.06
N PHE B 63 9.10 -7.40 8.21
CA PHE B 63 7.70 -7.77 8.09
C PHE B 63 7.47 -9.10 8.79
N GLU B 64 6.32 -9.23 9.44
CA GLU B 64 5.93 -10.47 10.12
C GLU B 64 4.71 -11.06 9.44
N SER B 65 4.36 -12.28 9.81
CA SER B 65 3.24 -13.00 9.19
C SER B 65 1.90 -12.40 9.58
N ILE B 66 1.07 -12.12 8.57
CA ILE B 66 -0.35 -11.80 8.76
C ILE B 66 -1.27 -12.83 8.08
N GLU B 67 -0.67 -13.94 7.60
CA GLU B 67 -1.42 -15.04 6.99
C GLU B 67 -0.82 -16.35 7.48
N SER B 68 -1.62 -17.15 8.18
CA SER B 68 -1.16 -18.45 8.67
C SER B 68 -1.09 -19.46 7.53
N GLU B 69 0.07 -20.10 7.41
CA GLU B 69 0.30 -21.15 6.41
C GLU B 69 -0.47 -22.44 6.72
N PHE B 70 -0.56 -22.80 8.01
CA PHE B 70 -1.09 -24.11 8.42
C PHE B 70 -2.45 -24.04 9.13
N SER B 71 -3.20 -22.96 8.96
CA SER B 71 -4.54 -22.85 9.57
C SER B 71 -5.39 -21.78 8.87
N GLU B 72 -6.71 -21.92 8.99
CA GLU B 72 -7.66 -21.05 8.29
C GLU B 72 -7.74 -19.67 8.93
N ILE B 73 -8.10 -18.68 8.12
CA ILE B 73 -8.31 -17.30 8.56
C ILE B 73 -9.76 -16.90 8.26
N ASP B 74 -10.32 -15.99 9.08
CA ASP B 74 -11.66 -15.46 8.85
C ASP B 74 -11.76 -14.94 7.41
N HIS B 75 -12.82 -15.32 6.71
CA HIS B 75 -12.92 -15.06 5.27
C HIS B 75 -12.93 -13.57 4.91
N GLN B 76 -13.62 -12.75 5.70
CA GLN B 76 -13.64 -11.30 5.49
C GLN B 76 -12.24 -10.69 5.66
N ILE B 77 -11.58 -11.03 6.76
CA ILE B 77 -10.23 -10.49 7.05
C ILE B 77 -9.22 -11.01 6.03
N GLY B 78 -9.32 -12.29 5.68
CA GLY B 78 -8.51 -12.90 4.62
C GLY B 78 -8.67 -12.20 3.26
N ASN B 79 -9.90 -11.83 2.94
CA ASN B 79 -10.19 -11.05 1.71
C ASN B 79 -9.62 -9.63 1.74
N VAL B 80 -9.63 -8.98 2.90
CA VAL B 80 -9.00 -7.66 3.05
C VAL B 80 -7.47 -7.76 2.85
N ILE B 81 -6.85 -8.76 3.46
CA ILE B 81 -5.40 -9.00 3.32
C ILE B 81 -5.04 -9.25 1.85
N ASN B 82 -5.83 -10.10 1.19
CA ASN B 82 -5.62 -10.43 -0.23
C ASN B 82 -5.73 -9.22 -1.16
N TRP B 83 -6.76 -8.39 -0.95
CA TRP B 83 -6.93 -7.15 -1.70
C TRP B 83 -5.73 -6.21 -1.50
N THR B 84 -5.33 -6.05 -0.24
CA THR B 84 -4.22 -5.18 0.12
C THR B 84 -2.90 -5.67 -0.48
N LYS B 85 -2.57 -6.95 -0.26
CA LYS B 85 -1.34 -7.55 -0.81
C LYS B 85 -1.28 -7.48 -2.35
N ASP B 86 -2.39 -7.81 -3.02
CA ASP B 86 -2.46 -7.69 -4.49
C ASP B 86 -2.35 -6.24 -4.98
N SER B 87 -2.94 -5.30 -4.24
CA SER B 87 -2.80 -3.86 -4.55
C SER B 87 -1.35 -3.40 -4.40
N ILE B 88 -0.68 -3.87 -3.35
CA ILE B 88 0.73 -3.54 -3.11
C ILE B 88 1.63 -4.14 -4.21
N THR B 89 1.35 -5.38 -4.60
CA THR B 89 2.12 -6.04 -5.65
C THR B 89 1.95 -5.36 -7.02
N ASP B 90 0.74 -4.93 -7.35
CA ASP B 90 0.52 -4.15 -8.58
C ASP B 90 1.33 -2.84 -8.58
N ILE B 91 1.43 -2.19 -7.43
CA ILE B 91 2.24 -0.97 -7.29
C ILE B 91 3.73 -1.26 -7.51
N TRP B 92 4.26 -2.29 -6.83
CA TRP B 92 5.68 -2.63 -6.94
C TRP B 92 6.07 -3.14 -8.33
N THR B 93 5.21 -3.94 -8.95
CA THR B 93 5.43 -4.41 -10.32
C THR B 93 5.49 -3.21 -11.29
N TYR B 94 4.52 -2.31 -11.18
CA TYR B 94 4.50 -1.09 -11.98
CA TYR B 94 4.51 -1.10 -12.00
C TYR B 94 5.76 -0.25 -11.73
N GLN B 95 6.10 -0.07 -10.45
CA GLN B 95 7.28 0.71 -10.06
C GLN B 95 8.59 0.10 -10.59
N ALA B 96 8.72 -1.22 -10.47
CA ALA B 96 9.89 -1.93 -10.98
C ALA B 96 10.03 -1.75 -12.49
N GLU B 97 8.95 -1.98 -13.22
CA GLU B 97 8.91 -1.81 -14.69
C GLU B 97 9.27 -0.39 -15.13
N LEU B 98 8.73 0.61 -14.43
CA LEU B 98 9.00 2.02 -14.74
C LEU B 98 10.43 2.41 -14.43
N LEU B 99 10.92 1.98 -13.26
CA LEU B 99 12.31 2.21 -12.85
C LEU B 99 13.29 1.73 -13.91
N VAL B 100 13.16 0.47 -14.30
CA VAL B 100 14.13 -0.16 -15.19
C VAL B 100 14.02 0.42 -16.62
N ALA B 101 12.80 0.69 -17.09
CA ALA B 101 12.60 1.33 -18.41
C ALA B 101 13.21 2.75 -18.47
N MET B 102 12.97 3.53 -17.42
CA MET B 102 13.49 4.90 -17.30
C MET B 102 15.01 4.91 -17.18
N GLU B 103 15.54 4.05 -16.31
CA GLU B 103 16.99 3.93 -16.12
C GLU B 103 17.70 3.45 -17.40
N ASN B 104 17.11 2.47 -18.07
CA ASN B 104 17.67 1.95 -19.33
C ASN B 104 17.73 3.02 -20.40
N GLN B 105 16.66 3.82 -20.51
CA GLN B 105 16.63 4.96 -21.43
C GLN B 105 17.79 5.93 -21.14
N HIS B 106 17.91 6.31 -19.86
CA HIS B 106 18.95 7.24 -19.44
C HIS B 106 20.38 6.69 -19.60
N THR B 107 20.58 5.40 -19.27
CA THR B 107 21.90 4.77 -19.42
C THR B 107 22.41 4.83 -20.86
N ILE B 108 21.54 4.45 -21.79
CA ILE B 108 21.81 4.47 -23.24
C ILE B 108 22.14 5.88 -23.74
N ASP B 109 21.34 6.85 -23.33
CA ASP B 109 21.53 8.24 -23.73
C ASP B 109 22.74 8.89 -23.04
N MET B 110 23.01 8.52 -21.79
CA MET B 110 24.23 8.95 -21.09
C MET B 110 25.48 8.46 -21.83
N ALA B 111 25.48 7.19 -22.22
CA ALA B 111 26.60 6.61 -22.96
C ALA B 111 26.82 7.33 -24.30
N ASP B 112 25.72 7.66 -24.96
CA ASP B 112 25.68 8.46 -26.20
C ASP B 112 26.32 9.84 -25.98
N SER B 113 25.94 10.51 -24.89
CA SER B 113 26.51 11.82 -24.55
C SER B 113 28.03 11.79 -24.31
N GLU B 114 28.53 10.74 -23.67
CA GLU B 114 29.97 10.63 -23.43
C GLU B 114 30.76 10.43 -24.74
N MET B 115 30.19 9.67 -25.69
CA MET B 115 30.78 9.57 -27.04
C MET B 115 30.85 10.93 -27.71
N LEU B 116 29.73 11.66 -27.69
CA LEU B 116 29.66 12.99 -28.27
C LEU B 116 30.62 13.98 -27.61
N ASN B 117 30.71 13.93 -26.28
CA ASN B 117 31.59 14.84 -25.54
C ASN B 117 33.07 14.62 -25.88
N LEU B 118 33.47 13.35 -26.09
CA LEU B 118 34.82 13.03 -26.55
C LEU B 118 35.06 13.60 -27.96
N TYR B 119 34.10 13.36 -28.85
CA TYR B 119 34.12 13.91 -30.23
C TYR B 119 34.24 15.42 -30.27
N GLU B 120 33.43 16.09 -29.48
CA GLU B 120 33.44 17.55 -29.37
C GLU B 120 34.77 18.10 -28.84
N ARG B 121 35.36 17.41 -27.87
CA ARG B 121 36.67 17.80 -27.32
C ARG B 121 37.75 17.76 -28.40
N VAL B 122 37.77 16.67 -29.18
CA VAL B 122 38.75 16.50 -30.25
C VAL B 122 38.53 17.54 -31.36
N ARG B 123 37.25 17.78 -31.71
CA ARG B 123 36.90 18.79 -32.72
C ARG B 123 37.50 20.16 -32.36
N LYS B 124 37.24 20.60 -31.13
CA LYS B 124 37.71 21.94 -30.69
C LYS B 124 39.24 22.02 -30.57
N GLN B 125 39.89 20.93 -30.15
CA GLN B 125 41.36 20.89 -30.11
C GLN B 125 41.98 21.08 -31.49
N LEU B 126 41.47 20.35 -32.47
CA LEU B 126 41.98 20.41 -33.85
C LEU B 126 41.72 21.76 -34.53
N ARG B 127 40.63 22.43 -34.14
CA ARG B 127 40.32 23.79 -34.57
C ARG B 127 40.26 23.88 -36.11
N GLN B 128 41.13 24.66 -36.77
CA GLN B 128 41.04 24.85 -38.22
C GLN B 128 42.01 23.95 -39.00
N ASN B 129 42.61 22.98 -38.33
CA ASN B 129 43.58 22.07 -38.96
C ASN B 129 42.96 20.79 -39.49
N ALA B 130 41.67 20.57 -39.21
CA ALA B 130 40.97 19.36 -39.63
C ALA B 130 39.51 19.64 -39.99
N GLU B 131 38.90 18.70 -40.70
CA GLU B 131 37.49 18.77 -41.10
C GLU B 131 36.79 17.45 -40.78
N GLU B 132 35.51 17.54 -40.43
CA GLU B 132 34.70 16.38 -40.07
C GLU B 132 34.21 15.68 -41.33
N ASP B 133 34.29 14.35 -41.33
N ASP B 133 34.28 14.35 -41.35
CA ASP B 133 33.82 13.52 -42.45
CA ASP B 133 33.78 13.57 -42.49
C ASP B 133 32.32 13.21 -42.38
C ASP B 133 32.33 13.13 -42.36
N GLY B 134 31.72 13.36 -41.19
CA GLY B 134 30.31 13.00 -40.96
C GLY B 134 30.10 11.59 -40.40
N LYS B 135 31.18 10.81 -40.28
CA LYS B 135 31.14 9.43 -39.82
C LYS B 135 31.88 9.25 -38.49
N GLY B 136 32.21 10.37 -37.83
CA GLY B 136 32.96 10.35 -36.58
C GLY B 136 34.47 10.52 -36.70
N CYS B 137 34.97 10.75 -37.92
CA CYS B 137 36.40 10.98 -38.13
C CYS B 137 36.70 12.43 -38.46
N PHE B 138 37.96 12.78 -38.26
CA PHE B 138 38.50 14.07 -38.60
C PHE B 138 39.61 13.85 -39.62
N GLU B 139 39.47 14.46 -40.79
CA GLU B 139 40.55 14.49 -41.77
C GLU B 139 41.49 15.63 -41.42
N ILE B 140 42.74 15.29 -41.11
CA ILE B 140 43.75 16.23 -40.61
C ILE B 140 44.62 16.66 -41.80
N TYR B 141 44.65 17.97 -42.07
CA TYR B 141 45.27 18.52 -43.29
C TYR B 141 46.76 18.87 -43.12
N HIS B 142 47.46 18.08 -42.32
CA HIS B 142 48.91 18.14 -42.21
C HIS B 142 49.41 16.76 -41.85
N ALA B 143 50.70 16.51 -42.06
CA ALA B 143 51.32 15.26 -41.64
C ALA B 143 51.27 15.18 -40.11
N CYS B 144 50.65 14.12 -39.60
CA CYS B 144 50.47 13.93 -38.15
C CYS B 144 50.99 12.54 -37.80
N ASP B 145 52.25 12.49 -37.37
CA ASP B 145 52.93 11.22 -37.03
C ASP B 145 52.40 10.63 -35.71
N ASP B 146 53.00 9.54 -35.24
CA ASP B 146 52.48 8.82 -34.08
C ASP B 146 52.43 9.69 -32.82
N SER B 147 53.49 10.49 -32.61
CA SER B 147 53.51 11.43 -31.48
C SER B 147 52.45 12.54 -31.59
N CYS B 148 52.20 13.00 -32.82
CA CYS B 148 51.13 13.96 -33.09
C CYS B 148 49.75 13.33 -32.77
N MET B 149 49.53 12.11 -33.23
CA MET B 149 48.29 11.39 -32.92
C MET B 149 48.11 11.18 -31.41
N GLU B 150 49.20 10.83 -30.74
CA GLU B 150 49.21 10.71 -29.28
C GLU B 150 48.82 12.02 -28.58
N SER B 151 49.32 13.15 -29.06
CA SER B 151 48.98 14.46 -28.50
C SER B 151 47.49 14.81 -28.65
N ILE B 152 46.86 14.33 -29.74
CA ILE B 152 45.41 14.50 -29.92
C ILE B 152 44.65 13.63 -28.89
N ARG B 153 45.05 12.37 -28.75
CA ARG B 153 44.45 11.47 -27.76
C ARG B 153 44.67 11.93 -26.31
N ASN B 154 45.84 12.53 -26.05
CA ASN B 154 46.22 12.98 -24.69
C ASN B 154 45.81 14.43 -24.36
N ASN B 155 45.10 15.09 -25.29
CA ASN B 155 44.58 16.45 -25.08
C ASN B 155 45.70 17.51 -24.95
N THR B 156 46.79 17.31 -25.69
CA THR B 156 47.93 18.25 -25.69
C THR B 156 48.29 18.76 -27.10
N TYR B 157 47.46 18.50 -28.10
CA TYR B 157 47.68 18.94 -29.48
C TYR B 157 47.59 20.46 -29.56
N ASP B 158 48.65 21.09 -30.07
CA ASP B 158 48.71 22.54 -30.23
C ASP B 158 48.36 22.89 -31.68
N HIS B 159 47.16 23.43 -31.88
CA HIS B 159 46.66 23.75 -33.23
C HIS B 159 47.55 24.77 -33.96
N SER B 160 48.09 25.74 -33.22
CA SER B 160 48.94 26.80 -33.79
C SER B 160 50.23 26.26 -34.41
N GLN B 161 50.72 25.14 -33.91
CA GLN B 161 51.91 24.48 -34.46
C GLN B 161 51.75 24.10 -35.94
N TYR B 162 50.56 23.63 -36.31
CA TYR B 162 50.30 23.11 -37.65
C TYR B 162 49.38 23.98 -38.51
N ARG B 163 48.91 25.10 -37.97
CA ARG B 163 47.88 25.93 -38.62
C ARG B 163 48.26 26.42 -40.02
N GLU B 164 49.45 26.98 -40.15
CA GLU B 164 49.91 27.57 -41.42
C GLU B 164 49.83 26.55 -42.56
N GLU B 165 50.41 25.37 -42.35
CA GLU B 165 50.42 24.33 -43.38
C GLU B 165 49.03 23.71 -43.58
N ALA B 166 48.27 23.56 -42.49
CA ALA B 166 46.93 22.98 -42.57
C ALA B 166 45.97 23.83 -43.42
N LEU B 167 45.96 25.14 -43.19
CA LEU B 167 45.09 26.05 -43.96
C LEU B 167 45.43 26.07 -45.47
N LEU B 168 46.72 25.99 -45.80
CA LEU B 168 47.14 25.91 -47.21
C LEU B 168 46.61 24.64 -47.88
N ASN B 169 46.68 23.51 -47.18
CA ASN B 169 46.18 22.22 -47.71
C ASN B 169 44.65 22.19 -47.81
N ARG B 170 43.95 22.83 -46.87
CA ARG B 170 42.49 22.93 -46.92
C ARG B 170 42.01 23.81 -48.07
N LEU B 171 42.66 24.95 -48.26
CA LEU B 171 42.35 25.87 -49.38
C LEU B 171 42.88 25.35 -50.72
N ASN B 172 43.97 24.60 -50.68
CA ASN B 172 44.56 23.91 -51.84
C ASN B 172 45.20 24.88 -52.84
N ASP C 1 46.85 38.79 -32.34
CA ASP C 1 46.32 39.63 -31.21
C ASP C 1 44.77 39.72 -31.22
N PRO C 2 44.08 38.58 -31.00
CA PRO C 2 42.64 38.58 -31.17
C PRO C 2 41.89 38.99 -29.89
N ASP C 3 40.85 39.80 -30.05
CA ASP C 3 39.90 40.08 -28.98
C ASP C 3 39.09 38.81 -28.72
N LYS C 4 38.49 38.72 -27.54
CA LYS C 4 37.72 37.52 -27.20
C LYS C 4 36.52 37.78 -26.30
N ILE C 5 35.55 36.89 -26.41
CA ILE C 5 34.38 36.88 -25.54
C ILE C 5 34.23 35.45 -25.01
N CYS C 6 34.09 35.32 -23.69
CA CYS C 6 34.09 34.04 -23.00
C CYS C 6 32.73 33.79 -22.36
N LEU C 7 32.19 32.59 -22.56
CA LEU C 7 30.92 32.17 -21.95
C LEU C 7 31.22 31.45 -20.64
N GLY C 8 30.36 31.64 -19.65
CA GLY C 8 30.56 31.05 -18.33
C GLY C 8 29.31 30.99 -17.50
N HIS C 9 29.41 30.32 -16.35
CA HIS C 9 28.30 30.16 -15.40
C HIS C 9 28.72 30.63 -14.03
N HIS C 10 27.74 30.86 -13.17
CA HIS C 10 28.02 31.26 -11.79
C HIS C 10 28.47 30.07 -10.94
N ALA C 11 29.00 30.39 -9.77
CA ALA C 11 29.33 29.41 -8.76
C ALA C 11 29.23 30.07 -7.39
N VAL C 12 29.24 29.26 -6.33
CA VAL C 12 29.15 29.76 -4.96
C VAL C 12 30.26 29.15 -4.12
N ALA C 13 30.59 29.83 -3.03
CA ALA C 13 31.63 29.37 -2.09
C ALA C 13 31.13 28.16 -1.30
N ASN C 14 29.93 28.29 -0.73
CA ASN C 14 29.28 27.21 0.04
C ASN C 14 28.31 26.39 -0.82
N GLY C 15 28.83 25.38 -1.50
CA GLY C 15 27.99 24.44 -2.25
C GLY C 15 27.30 23.47 -1.31
N THR C 16 26.28 22.77 -1.82
CA THR C 16 25.53 21.80 -1.03
C THR C 16 25.38 20.47 -1.78
N ILE C 17 25.40 19.37 -1.04
CA ILE C 17 25.44 18.02 -1.60
C ILE C 17 24.04 17.45 -1.80
N VAL C 18 23.79 16.92 -3.00
CA VAL C 18 22.57 16.16 -3.30
C VAL C 18 22.91 14.83 -3.93
N LYS C 19 21.91 13.94 -3.97
CA LYS C 19 22.02 12.65 -4.62
C LYS C 19 21.29 12.69 -5.96
N THR C 20 21.88 12.07 -6.97
CA THR C 20 21.27 11.93 -8.30
C THR C 20 21.08 10.44 -8.58
N LEU C 21 20.63 10.12 -9.79
CA LEU C 21 20.53 8.73 -10.23
C LEU C 21 21.89 8.02 -10.27
N THR C 22 22.95 8.78 -10.59
CA THR C 22 24.28 8.23 -10.83
C THR C 22 25.34 8.61 -9.78
N ASN C 23 25.04 9.55 -8.88
CA ASN C 23 26.04 10.10 -7.96
C ASN C 23 25.42 10.38 -6.58
N GLU C 24 26.01 9.79 -5.53
CA GLU C 24 25.59 10.05 -4.14
C GLU C 24 26.05 11.40 -3.61
N GLN C 25 27.16 11.93 -4.14
CA GLN C 25 27.85 13.09 -3.56
C GLN C 25 28.03 14.18 -4.62
N GLU C 26 26.91 14.67 -5.13
CA GLU C 26 26.89 15.66 -6.22
C GLU C 26 26.74 17.08 -5.63
N GLU C 27 27.74 17.93 -5.84
CA GLU C 27 27.71 19.29 -5.32
C GLU C 27 26.97 20.23 -6.28
N VAL C 28 25.95 20.90 -5.76
CA VAL C 28 25.17 21.88 -6.53
C VAL C 28 25.21 23.24 -5.82
N THR C 29 24.82 24.29 -6.54
CA THR C 29 24.87 25.65 -6.00
C THR C 29 23.86 25.90 -4.88
N ASN C 30 22.74 25.16 -4.91
CA ASN C 30 21.65 25.38 -3.97
C ASN C 30 20.71 24.17 -3.96
N ALA C 31 20.12 23.89 -2.81
CA ALA C 31 19.12 22.83 -2.69
C ALA C 31 18.14 23.17 -1.57
N THR C 32 17.05 22.40 -1.52
CA THR C 32 16.02 22.61 -0.50
C THR C 32 15.45 21.28 -0.01
N GLU C 33 15.07 21.24 1.26
CA GLU C 33 14.62 20.01 1.92
C GLU C 33 13.21 19.62 1.45
N THR C 34 12.98 18.32 1.28
CA THR C 34 11.65 17.77 0.97
C THR C 34 11.00 16.94 2.11
N VAL C 35 11.79 16.60 3.14
CA VAL C 35 11.29 15.85 4.30
C VAL C 35 11.27 16.73 5.55
N GLU C 36 10.10 16.92 6.13
CA GLU C 36 9.96 17.64 7.40
C GLU C 36 10.42 16.75 8.57
N SER C 37 11.40 17.23 9.33
CA SER C 37 11.89 16.51 10.53
C SER C 37 11.73 17.28 11.86
N THR C 38 11.13 18.48 11.82
CA THR C 38 10.79 19.23 13.04
C THR C 38 9.27 19.32 13.20
N SER C 39 8.80 19.28 14.45
CA SER C 39 7.37 19.43 14.76
C SER C 39 7.14 20.49 15.81
N LEU C 40 5.91 20.99 15.84
CA LEU C 40 5.43 21.91 16.88
C LEU C 40 4.87 21.01 17.98
N ASN C 41 5.45 21.08 19.17
CA ASN C 41 4.99 20.24 20.31
C ASN C 41 3.73 20.86 20.95
N ARG C 42 2.70 21.04 20.12
CA ARG C 42 1.49 21.80 20.47
C ARG C 42 0.37 21.41 19.52
N LEU C 43 -0.87 21.37 20.02
CA LEU C 43 -2.05 21.15 19.19
C LEU C 43 -2.58 22.49 18.68
N CYS C 44 -2.36 22.75 17.40
CA CYS C 44 -2.74 24.01 16.77
C CYS C 44 -4.24 24.03 16.44
N MET C 45 -5.00 24.78 17.24
CA MET C 45 -6.47 24.73 17.22
C MET C 45 -7.16 26.02 16.74
N LYS C 46 -6.43 26.94 16.13
CA LYS C 46 -7.05 28.14 15.56
C LYS C 46 -7.99 27.76 14.42
N GLY C 47 -9.15 28.42 14.37
CA GLY C 47 -10.17 28.11 13.38
C GLY C 47 -10.94 26.82 13.62
N ARG C 48 -10.76 26.21 14.79
CA ARG C 48 -11.43 24.96 15.16
C ARG C 48 -12.23 25.15 16.44
N ASN C 49 -13.52 24.83 16.37
CA ASN C 49 -14.36 24.68 17.56
C ASN C 49 -14.00 23.33 18.18
N HIS C 50 -12.99 23.34 19.05
CA HIS C 50 -12.42 22.12 19.62
C HIS C 50 -12.90 21.84 21.04
N LYS C 51 -12.79 20.59 21.46
CA LYS C 51 -13.02 20.17 22.84
C LYS C 51 -11.83 19.36 23.33
N ASP C 52 -11.16 19.86 24.37
CA ASP C 52 -10.11 19.11 25.06
C ASP C 52 -10.75 18.37 26.23
N LEU C 53 -10.77 17.05 26.16
CA LEU C 53 -11.43 16.24 27.20
C LEU C 53 -10.66 16.14 28.51
N GLY C 54 -9.36 16.43 28.50
CA GLY C 54 -8.54 16.35 29.72
C GLY C 54 -8.53 14.93 30.27
N ASN C 55 -8.84 14.77 31.55
CA ASN C 55 -8.90 13.44 32.18
C ASN C 55 -10.21 12.66 31.92
N CYS C 56 -11.13 13.22 31.12
CA CYS C 56 -12.36 12.52 30.72
C CYS C 56 -12.13 11.64 29.50
N HIS C 57 -12.41 10.35 29.62
CA HIS C 57 -12.37 9.41 28.46
C HIS C 57 -13.66 9.58 27.65
N PRO C 58 -13.59 9.46 26.30
CA PRO C 58 -14.81 9.63 25.48
C PRO C 58 -16.04 8.83 25.93
N ILE C 59 -15.84 7.57 26.31
CA ILE C 59 -16.94 6.71 26.81
C ILE C 59 -17.59 7.26 28.09
N GLY C 60 -16.78 7.88 28.96
CA GLY C 60 -17.29 8.51 30.17
C GLY C 60 -18.29 9.64 29.93
N MET C 61 -18.24 10.27 28.76
CA MET C 61 -19.23 11.27 28.35
C MET C 61 -20.63 10.66 28.20
N LEU C 62 -20.70 9.45 27.66
CA LEU C 62 -21.99 8.78 27.41
C LEU C 62 -22.66 8.31 28.70
N ILE C 63 -21.88 7.70 29.60
CA ILE C 63 -22.42 7.15 30.85
C ILE C 63 -22.45 8.16 32.01
N GLY C 64 -21.63 9.21 31.92
CA GLY C 64 -21.65 10.30 32.90
C GLY C 64 -20.83 10.00 34.13
N THR C 65 -19.59 9.56 33.90
CA THR C 65 -18.63 9.35 34.98
C THR C 65 -18.28 10.73 35.56
N PRO C 66 -18.07 10.83 36.89
CA PRO C 66 -17.79 12.15 37.51
C PRO C 66 -16.70 12.97 36.83
N ALA C 67 -15.62 12.33 36.38
CA ALA C 67 -14.56 13.01 35.62
C ALA C 67 -15.05 13.72 34.35
N CYS C 68 -16.18 13.28 33.80
CA CYS C 68 -16.77 13.83 32.58
C CYS C 68 -17.97 14.75 32.78
N ASP C 69 -18.21 15.22 34.02
CA ASP C 69 -19.38 16.08 34.32
C ASP C 69 -19.49 17.36 33.49
N LEU C 70 -18.36 17.91 33.06
CA LEU C 70 -18.33 19.11 32.19
C LEU C 70 -18.38 18.78 30.69
N HIS C 71 -18.46 17.49 30.34
CA HIS C 71 -18.48 17.03 28.94
C HIS C 71 -19.64 16.07 28.66
N LEU C 72 -20.77 16.24 29.36
CA LEU C 72 -21.95 15.38 29.15
C LEU C 72 -22.66 15.66 27.83
N THR C 73 -22.64 16.92 27.41
CA THR C 73 -23.07 17.32 26.08
C THR C 73 -22.05 18.29 25.50
N GLY C 74 -22.06 18.45 24.18
CA GLY C 74 -21.19 19.40 23.51
C GLY C 74 -21.33 19.39 22.00
N THR C 75 -20.77 20.41 21.36
CA THR C 75 -20.55 20.42 19.92
C THR C 75 -19.08 20.75 19.67
N TRP C 76 -18.55 20.19 18.60
CA TRP C 76 -17.15 20.38 18.22
C TRP C 76 -16.90 19.94 16.78
N ASP C 77 -15.85 20.45 16.17
CA ASP C 77 -15.31 19.89 14.92
C ASP C 77 -14.05 19.05 15.17
N THR C 78 -13.44 19.20 16.34
CA THR C 78 -12.23 18.48 16.71
C THR C 78 -12.33 18.03 18.17
N LEU C 79 -12.15 16.73 18.42
CA LEU C 79 -12.20 16.16 19.77
C LEU C 79 -10.84 15.59 20.18
N ILE C 80 -10.30 16.07 21.30
CA ILE C 80 -8.96 15.71 21.77
C ILE C 80 -9.05 14.80 22.99
N GLU C 81 -8.51 13.59 22.85
CA GLU C 81 -8.44 12.59 23.93
C GLU C 81 -7.03 12.60 24.51
N ARG C 82 -6.93 12.45 25.82
CA ARG C 82 -5.65 12.45 26.53
C ARG C 82 -5.33 11.09 27.13
N LYS C 83 -4.04 10.87 27.39
CA LYS C 83 -3.55 9.61 27.96
C LYS C 83 -4.06 9.44 29.39
N ASN C 84 -4.34 8.21 29.77
CA ASN C 84 -4.83 7.83 31.11
C ASN C 84 -6.17 8.47 31.49
N ALA C 85 -7.01 8.76 30.51
CA ALA C 85 -8.32 9.35 30.76
C ALA C 85 -9.26 8.33 31.40
N ILE C 86 -10.19 8.81 32.22
CA ILE C 86 -11.04 7.95 33.03
C ILE C 86 -12.39 7.75 32.37
N ALA C 87 -12.75 6.49 32.15
CA ALA C 87 -14.07 6.11 31.64
C ALA C 87 -14.98 5.55 32.73
N TYR C 88 -14.42 4.79 33.67
CA TYR C 88 -15.20 4.07 34.68
C TYR C 88 -14.75 4.44 36.10
N CYS C 89 -15.72 4.73 36.97
CA CYS C 89 -15.45 4.95 38.39
C CYS C 89 -15.57 3.62 39.17
N TYR C 90 -16.64 2.89 38.91
CA TYR C 90 -16.86 1.55 39.47
C TYR C 90 -16.11 0.52 38.62
N PRO C 91 -15.54 -0.54 39.24
CA PRO C 91 -14.82 -1.56 38.45
C PRO C 91 -15.65 -2.18 37.34
N GLY C 92 -15.04 -2.38 36.17
CA GLY C 92 -15.72 -2.99 35.01
C GLY C 92 -15.19 -2.48 33.68
N ALA C 93 -15.90 -2.86 32.62
CA ALA C 93 -15.49 -2.53 31.24
C ALA C 93 -16.67 -2.51 30.29
N THR C 94 -16.47 -1.92 29.12
CA THR C 94 -17.49 -1.91 28.07
C THR C 94 -17.22 -3.03 27.07
N VAL C 95 -18.26 -3.77 26.71
CA VAL C 95 -18.18 -4.74 25.61
C VAL C 95 -18.14 -3.95 24.30
N ASN C 96 -17.21 -4.31 23.41
CA ASN C 96 -17.00 -3.63 22.14
C ASN C 96 -16.57 -2.17 22.39
N GLU C 97 -15.56 -2.03 23.24
CA GLU C 97 -15.12 -0.74 23.79
C GLU C 97 -14.46 0.16 22.75
N GLU C 98 -13.53 -0.40 21.98
CA GLU C 98 -12.75 0.38 21.00
C GLU C 98 -13.61 0.97 19.90
N ALA C 99 -14.55 0.17 19.38
CA ALA C 99 -15.51 0.63 18.37
C ALA C 99 -16.36 1.79 18.87
N LEU C 100 -16.74 1.73 20.16
CA LEU C 100 -17.49 2.82 20.78
C LEU C 100 -16.66 4.10 20.91
N ARG C 101 -15.42 3.96 21.39
CA ARG C 101 -14.49 5.10 21.52
C ARG C 101 -14.24 5.76 20.17
N GLN C 102 -13.97 4.96 19.14
CA GLN C 102 -13.73 5.47 17.80
C GLN C 102 -14.96 6.20 17.24
N LYS C 103 -16.14 5.62 17.45
CA LYS C 103 -17.39 6.24 16.99
C LYS C 103 -17.64 7.61 17.62
N ILE C 104 -17.36 7.74 18.92
CA ILE C 104 -17.45 9.04 19.61
C ILE C 104 -16.41 10.01 19.03
N MET C 105 -15.20 9.52 18.81
CA MET C 105 -14.11 10.32 18.24
C MET C 105 -14.26 10.67 16.75
N GLU C 106 -15.26 10.10 16.09
CA GLU C 106 -15.64 10.50 14.72
C GLU C 106 -16.79 11.52 14.68
N SER C 107 -17.37 11.85 15.84
CA SER C 107 -18.55 12.70 15.91
C SER C 107 -18.17 14.18 16.00
N GLY C 108 -19.18 15.03 15.79
CA GLY C 108 -19.04 16.48 16.01
C GLY C 108 -19.86 16.99 17.18
N GLY C 109 -20.13 16.13 18.18
CA GLY C 109 -20.91 16.52 19.34
C GLY C 109 -21.72 15.40 19.96
N ILE C 110 -22.21 15.65 21.17
CA ILE C 110 -23.12 14.73 21.87
C ILE C 110 -24.28 15.53 22.44
N SER C 111 -25.50 15.04 22.22
CA SER C 111 -26.71 15.51 22.91
C SER C 111 -27.27 14.36 23.73
N LYS C 112 -28.04 14.70 24.76
CA LYS C 112 -28.62 13.72 25.67
C LYS C 112 -30.14 13.84 25.66
N ILE C 113 -30.82 12.69 25.73
CA ILE C 113 -32.28 12.61 25.66
C ILE C 113 -32.77 11.71 26.79
N ASN C 114 -33.73 12.19 27.59
CA ASN C 114 -34.29 11.43 28.71
C ASN C 114 -35.00 10.17 28.23
N THR C 115 -34.75 9.04 28.89
CA THR C 115 -35.52 7.83 28.64
C THR C 115 -36.89 7.91 29.28
N GLY C 116 -36.99 8.61 30.42
CA GLY C 116 -38.22 8.73 31.18
C GLY C 116 -38.63 7.46 31.90
N PHE C 117 -37.68 6.52 32.07
CA PHE C 117 -37.97 5.21 32.68
C PHE C 117 -38.43 5.38 34.13
N THR C 118 -39.52 4.69 34.47
CA THR C 118 -40.12 4.77 35.80
C THR C 118 -40.22 3.37 36.39
N TYR C 119 -40.25 3.32 37.73
CA TYR C 119 -40.13 2.07 38.48
C TYR C 119 -41.13 2.02 39.63
N GLY C 120 -41.60 0.81 39.94
CA GLY C 120 -42.53 0.60 41.05
C GLY C 120 -41.94 0.97 42.40
N SER C 121 -42.80 1.09 43.40
CA SER C 121 -42.40 1.55 44.73
C SER C 121 -41.45 0.60 45.47
N SER C 122 -41.42 -0.67 45.09
CA SER C 122 -40.49 -1.64 45.69
C SER C 122 -39.06 -1.60 45.09
N ILE C 123 -38.84 -0.75 44.08
CA ILE C 123 -37.50 -0.52 43.52
C ILE C 123 -36.89 0.76 44.08
N ASN C 124 -35.65 0.67 44.55
CA ASN C 124 -34.80 1.82 44.83
C ASN C 124 -34.00 2.08 43.55
N SER C 125 -34.28 3.19 42.88
CA SER C 125 -33.58 3.58 41.65
C SER C 125 -32.42 4.57 41.90
N ALA C 126 -32.11 4.84 43.17
CA ALA C 126 -31.08 5.81 43.54
C ALA C 126 -29.85 5.13 44.17
N GLY C 127 -29.49 3.94 43.70
CA GLY C 127 -28.31 3.24 44.19
C GLY C 127 -27.04 4.02 43.89
N THR C 128 -26.12 4.06 44.86
CA THR C 128 -24.85 4.78 44.74
C THR C 128 -23.70 3.94 45.28
N THR C 129 -22.48 4.43 45.11
CA THR C 129 -21.27 3.72 45.54
C THR C 129 -20.13 4.68 45.87
N LYS C 130 -19.26 4.24 46.77
CA LYS C 130 -18.07 4.99 47.17
C LYS C 130 -17.07 5.15 46.02
N ALA C 131 -17.10 4.22 45.06
CA ALA C 131 -16.22 4.29 43.88
C ALA C 131 -16.49 5.49 42.98
N CYS C 132 -17.75 5.93 42.92
CA CYS C 132 -18.18 7.06 42.10
C CYS C 132 -18.55 8.25 42.98
N MET C 133 -17.55 9.06 43.32
CA MET C 133 -17.72 10.24 44.17
C MET C 133 -18.15 11.43 43.33
N ARG C 134 -19.19 12.14 43.78
CA ARG C 134 -19.60 13.39 43.16
C ARG C 134 -20.02 14.38 44.24
N ASN C 135 -19.38 15.55 44.23
CA ASN C 135 -19.69 16.62 45.18
C ASN C 135 -19.52 16.12 46.63
N GLY C 136 -20.60 16.01 47.40
CA GLY C 136 -20.51 15.60 48.82
C GLY C 136 -19.99 14.19 49.08
N GLY C 137 -20.38 13.21 48.27
CA GLY C 137 -20.03 11.82 48.53
C GLY C 137 -20.53 10.79 47.53
N ASN C 138 -21.02 9.66 48.05
CA ASN C 138 -21.39 8.49 47.23
C ASN C 138 -22.40 8.86 46.15
N SER C 139 -22.03 8.60 44.90
CA SER C 139 -22.88 8.91 43.75
C SER C 139 -22.83 7.77 42.74
N PHE C 140 -23.20 8.06 41.49
CA PHE C 140 -23.23 7.06 40.45
C PHE C 140 -23.03 7.74 39.09
N TYR C 141 -22.84 6.92 38.07
CA TYR C 141 -22.87 7.38 36.67
C TYR C 141 -24.13 8.24 36.45
N ALA C 142 -23.93 9.48 35.99
CA ALA C 142 -25.01 10.48 35.88
C ALA C 142 -26.14 10.10 34.92
N GLU C 143 -25.81 9.35 33.87
CA GLU C 143 -26.77 9.00 32.82
C GLU C 143 -27.41 7.63 33.01
N LEU C 144 -27.12 6.97 34.13
CA LEU C 144 -27.62 5.63 34.43
C LEU C 144 -28.20 5.59 35.83
N LYS C 145 -28.96 4.53 36.13
CA LYS C 145 -29.55 4.34 37.45
C LYS C 145 -29.35 2.92 37.94
N TRP C 146 -28.78 2.80 39.14
CA TRP C 146 -28.58 1.51 39.78
C TRP C 146 -29.87 1.14 40.51
N LEU C 147 -30.58 0.15 39.96
CA LEU C 147 -31.85 -0.30 40.52
C LEU C 147 -31.61 -1.45 41.48
N VAL C 148 -32.12 -1.33 42.71
CA VAL C 148 -32.07 -2.41 43.70
C VAL C 148 -33.40 -2.49 44.44
N SER C 149 -33.64 -3.63 45.09
CA SER C 149 -34.85 -3.79 45.92
C SER C 149 -34.83 -2.80 47.07
N LYS C 150 -35.96 -2.12 47.31
CA LYS C 150 -36.08 -1.17 48.42
C LYS C 150 -35.84 -1.91 49.73
N ASN C 151 -36.50 -3.06 49.89
CA ASN C 151 -36.33 -3.91 51.08
C ASN C 151 -35.20 -4.91 50.84
N LYS C 152 -34.21 -4.89 51.72
CA LYS C 152 -33.05 -5.78 51.65
C LYS C 152 -33.47 -7.24 51.72
N GLY C 153 -33.10 -8.02 50.71
CA GLY C 153 -33.43 -9.45 50.64
C GLY C 153 -34.67 -9.80 49.82
N GLN C 154 -35.52 -8.81 49.52
CA GLN C 154 -36.78 -9.05 48.81
C GLN C 154 -36.53 -9.19 47.31
N ASN C 155 -37.35 -10.02 46.67
CA ASN C 155 -37.27 -10.22 45.22
C ASN C 155 -37.58 -8.93 44.46
N PHE C 156 -36.62 -8.50 43.64
CA PHE C 156 -36.77 -7.36 42.74
C PHE C 156 -37.91 -7.70 41.75
N PRO C 157 -38.87 -6.78 41.56
CA PRO C 157 -40.04 -7.11 40.74
C PRO C 157 -39.72 -7.20 39.24
N GLN C 158 -40.43 -8.09 38.53
CA GLN C 158 -40.35 -8.17 37.08
C GLN C 158 -40.80 -6.84 36.49
N THR C 159 -39.90 -6.19 35.76
CA THR C 159 -40.10 -4.82 35.28
C THR C 159 -39.83 -4.75 33.77
N THR C 160 -40.64 -3.95 33.06
CA THR C 160 -40.47 -3.69 31.64
C THR C 160 -40.35 -2.19 31.40
N ASN C 161 -39.32 -1.78 30.66
CA ASN C 161 -39.10 -0.39 30.27
C ASN C 161 -38.70 -0.36 28.79
N THR C 162 -39.39 0.48 28.02
CA THR C 162 -39.16 0.61 26.59
C THR C 162 -38.87 2.06 26.23
N TYR C 163 -37.78 2.28 25.48
CA TYR C 163 -37.43 3.59 24.95
C TYR C 163 -37.68 3.62 23.44
N ARG C 164 -38.56 4.53 23.01
CA ARG C 164 -38.77 4.79 21.59
C ARG C 164 -37.90 5.99 21.17
N ASN C 165 -37.21 5.84 20.04
CA ASN C 165 -36.49 6.96 19.43
C ASN C 165 -37.51 7.82 18.68
N ALA C 166 -37.88 8.95 19.27
CA ALA C 166 -38.83 9.90 18.68
C ALA C 166 -38.14 10.98 17.81
N ASP C 167 -36.86 10.82 17.53
CA ASP C 167 -36.05 11.77 16.78
C ASP C 167 -35.96 11.33 15.31
N THR C 168 -35.31 12.13 14.48
CA THR C 168 -35.05 11.82 13.06
C THR C 168 -33.62 11.32 12.78
N ALA C 169 -32.84 11.11 13.84
CA ALA C 169 -31.50 10.53 13.74
C ALA C 169 -31.33 9.43 14.78
N GLU C 170 -30.42 8.51 14.53
CA GLU C 170 -30.19 7.37 15.41
C GLU C 170 -29.66 7.80 16.78
N HIS C 171 -30.08 7.07 17.82
CA HIS C 171 -29.61 7.30 19.18
C HIS C 171 -28.75 6.14 19.67
N LEU C 172 -27.74 6.46 20.47
CA LEU C 172 -26.84 5.48 21.06
C LEU C 172 -27.28 5.21 22.49
N ILE C 173 -27.74 3.99 22.75
CA ILE C 173 -28.22 3.61 24.09
C ILE C 173 -27.18 2.74 24.77
N MET C 174 -26.86 3.07 26.02
CA MET C 174 -25.97 2.26 26.85
C MET C 174 -26.69 1.83 28.11
N TRP C 175 -26.33 0.65 28.59
CA TRP C 175 -26.80 0.16 29.88
C TRP C 175 -25.70 -0.67 30.49
N GLY C 176 -25.86 -0.97 31.77
CA GLY C 176 -24.91 -1.81 32.49
C GLY C 176 -25.58 -3.02 33.09
N ILE C 177 -24.77 -3.99 33.47
CA ILE C 177 -25.21 -5.16 34.21
C ILE C 177 -24.29 -5.26 35.42
N HIS C 178 -24.89 -5.30 36.62
CA HIS C 178 -24.12 -5.44 37.85
C HIS C 178 -23.87 -6.92 38.13
N HIS C 179 -22.61 -7.25 38.41
CA HIS C 179 -22.19 -8.60 38.77
C HIS C 179 -21.74 -8.56 40.24
N PRO C 180 -22.60 -9.03 41.16
CA PRO C 180 -22.29 -8.89 42.60
C PRO C 180 -21.04 -9.65 43.07
N SER C 181 -20.51 -9.23 44.22
CA SER C 181 -19.32 -9.85 44.81
C SER C 181 -19.56 -11.25 45.39
N SER C 182 -20.81 -11.57 45.71
CA SER C 182 -21.15 -12.88 46.28
C SER C 182 -22.63 -13.20 46.12
N THR C 183 -22.99 -14.44 46.47
CA THR C 183 -24.40 -14.87 46.48
C THR C 183 -25.18 -14.07 47.52
N GLN C 184 -24.58 -13.85 48.68
CA GLN C 184 -25.21 -13.08 49.76
C GLN C 184 -25.51 -11.64 49.32
N GLU C 185 -24.54 -10.99 48.68
CA GLU C 185 -24.74 -9.63 48.17
C GLU C 185 -25.84 -9.59 47.10
N LYS C 186 -25.79 -10.55 46.17
CA LYS C 186 -26.81 -10.71 45.13
C LYS C 186 -28.22 -10.85 45.73
N ASN C 187 -28.33 -11.68 46.77
CA ASN C 187 -29.62 -11.87 47.47
C ASN C 187 -30.09 -10.59 48.18
N ASP C 188 -29.16 -9.86 48.80
CA ASP C 188 -29.50 -8.60 49.48
C ASP C 188 -30.09 -7.55 48.52
N LEU C 189 -29.46 -7.40 47.35
CA LEU C 189 -29.86 -6.36 46.39
C LEU C 189 -31.09 -6.75 45.56
N TYR C 190 -31.11 -7.97 45.05
CA TYR C 190 -32.11 -8.41 44.06
C TYR C 190 -33.01 -9.58 44.47
N GLY C 191 -32.72 -10.22 45.61
CA GLY C 191 -33.49 -11.38 46.08
C GLY C 191 -32.91 -12.70 45.63
N THR C 192 -33.55 -13.79 46.06
CA THR C 192 -33.06 -15.16 45.81
C THR C 192 -33.40 -15.72 44.43
N GLN C 193 -34.33 -15.09 43.73
CA GLN C 193 -34.79 -15.55 42.41
C GLN C 193 -33.69 -15.57 41.35
N SER C 194 -33.89 -16.39 40.31
CA SER C 194 -33.00 -16.38 39.14
C SER C 194 -33.13 -15.04 38.42
N LEU C 195 -32.01 -14.40 38.15
CA LEU C 195 -31.99 -13.09 37.50
C LEU C 195 -31.80 -13.24 35.99
N SER C 196 -32.50 -12.40 35.24
CA SER C 196 -32.46 -12.44 33.78
C SER C 196 -32.78 -11.06 33.25
N ILE C 197 -31.88 -10.49 32.43
CA ILE C 197 -32.08 -9.19 31.80
C ILE C 197 -32.04 -9.40 30.29
N SER C 198 -33.20 -9.19 29.64
CA SER C 198 -33.31 -9.31 28.20
C SER C 198 -33.55 -7.95 27.57
N VAL C 199 -32.79 -7.66 26.52
CA VAL C 199 -32.86 -6.40 25.79
C VAL C 199 -33.20 -6.72 24.35
N GLY C 200 -34.08 -5.92 23.73
CA GLY C 200 -34.50 -6.17 22.36
C GLY C 200 -35.03 -4.97 21.62
N SER C 201 -34.50 -4.74 20.42
CA SER C 201 -35.03 -3.78 19.46
C SER C 201 -35.39 -4.53 18.16
N SER C 202 -35.66 -3.80 17.08
CA SER C 202 -35.85 -4.41 15.76
C SER C 202 -34.58 -5.10 15.23
N THR C 203 -33.42 -4.54 15.58
CA THR C 203 -32.13 -4.99 15.05
C THR C 203 -31.16 -5.59 16.09
N TYR C 204 -31.48 -5.48 17.38
CA TYR C 204 -30.60 -5.97 18.45
C TYR C 204 -31.39 -6.83 19.42
N LYS C 205 -30.74 -7.89 19.93
CA LYS C 205 -31.30 -8.70 21.00
C LYS C 205 -30.16 -9.34 21.80
N ASN C 206 -30.36 -9.46 23.10
CA ASN C 206 -29.38 -10.12 23.96
C ASN C 206 -29.97 -10.44 25.32
N ASN C 207 -29.40 -11.45 25.97
CA ASN C 207 -29.74 -11.81 27.35
C ASN C 207 -28.49 -11.71 28.23
N PHE C 208 -28.67 -11.18 29.43
CA PHE C 208 -27.59 -11.02 30.41
C PHE C 208 -28.02 -11.63 31.73
N VAL C 209 -27.08 -12.32 32.39
CA VAL C 209 -27.32 -12.92 33.71
C VAL C 209 -26.15 -12.53 34.62
N PRO C 210 -26.43 -11.80 35.73
CA PRO C 210 -25.39 -11.46 36.71
C PRO C 210 -24.62 -12.67 37.22
N VAL C 211 -23.29 -12.51 37.32
CA VAL C 211 -22.38 -13.56 37.76
C VAL C 211 -21.86 -13.18 39.14
N VAL C 212 -21.70 -14.19 40.01
CA VAL C 212 -21.36 -13.98 41.42
C VAL C 212 -20.08 -14.69 41.90
N GLY C 213 -19.31 -15.27 40.96
CA GLY C 213 -18.10 -16.01 41.31
C GLY C 213 -17.02 -15.14 41.93
N ALA C 214 -16.25 -15.71 42.85
CA ALA C 214 -15.24 -14.98 43.61
C ALA C 214 -14.21 -14.34 42.69
N ARG C 215 -13.94 -13.05 42.91
CA ARG C 215 -12.92 -12.31 42.15
C ARG C 215 -12.27 -11.25 43.04
N PRO C 216 -11.06 -10.79 42.69
CA PRO C 216 -10.35 -9.85 43.56
C PRO C 216 -10.96 -8.45 43.63
N GLN C 217 -10.61 -7.73 44.69
CA GLN C 217 -11.08 -6.36 44.90
C GLN C 217 -10.31 -5.38 44.02
N VAL C 218 -11.04 -4.46 43.37
CA VAL C 218 -10.47 -3.33 42.63
C VAL C 218 -10.91 -2.07 43.38
N ASN C 219 -9.98 -1.43 44.07
CA ASN C 219 -10.26 -0.34 45.01
C ASN C 219 -11.24 -0.76 46.11
N GLY C 220 -11.02 -1.96 46.64
CA GLY C 220 -11.85 -2.52 47.72
C GLY C 220 -13.17 -3.16 47.31
N LEU C 221 -13.42 -3.30 46.02
CA LEU C 221 -14.71 -3.77 45.50
C LEU C 221 -14.55 -4.95 44.56
N SER C 222 -15.14 -6.09 44.92
CA SER C 222 -15.14 -7.28 44.07
C SER C 222 -16.26 -7.26 43.02
N GLY C 223 -17.25 -6.38 43.22
CA GLY C 223 -18.34 -6.22 42.26
C GLY C 223 -17.86 -5.62 40.94
N ARG C 224 -18.64 -5.86 39.89
CA ARG C 224 -18.35 -5.31 38.56
C ARG C 224 -19.63 -4.75 37.96
N ILE C 225 -19.50 -3.65 37.21
CA ILE C 225 -20.57 -3.17 36.34
C ILE C 225 -20.00 -3.07 34.93
N ASP C 226 -20.43 -3.98 34.06
CA ASP C 226 -20.02 -4.00 32.66
CA ASP C 226 -20.03 -4.01 32.66
C ASP C 226 -21.08 -3.32 31.80
N PHE C 227 -20.62 -2.62 30.76
CA PHE C 227 -21.50 -1.84 29.89
C PHE C 227 -21.68 -2.47 28.52
N HIS C 228 -22.90 -2.29 28.00
CA HIS C 228 -23.29 -2.79 26.68
C HIS C 228 -23.95 -1.65 25.95
N TRP C 229 -23.89 -1.67 24.62
CA TRP C 229 -24.45 -0.58 23.83
C TRP C 229 -24.96 -1.01 22.45
N THR C 230 -25.86 -0.19 21.90
CA THR C 230 -26.39 -0.42 20.55
C THR C 230 -27.01 0.88 20.02
N LEU C 231 -27.24 0.90 18.71
CA LEU C 231 -27.87 2.04 18.06
C LEU C 231 -29.35 1.75 17.82
N VAL C 232 -30.22 2.69 18.17
CA VAL C 232 -31.66 2.57 17.92
C VAL C 232 -32.02 3.59 16.84
N GLN C 233 -32.58 3.09 15.73
CA GLN C 233 -32.90 3.93 14.57
C GLN C 233 -34.13 4.79 14.83
N PRO C 234 -34.31 5.88 14.05
CA PRO C 234 -35.51 6.72 14.16
C PRO C 234 -36.81 5.93 14.10
N GLY C 235 -37.68 6.12 15.08
CA GLY C 235 -38.97 5.42 15.13
C GLY C 235 -38.97 4.03 15.71
N ASP C 236 -37.80 3.46 16.02
CA ASP C 236 -37.70 2.11 16.58
C ASP C 236 -37.71 2.18 18.11
N LYS C 237 -37.99 1.05 18.76
CA LYS C 237 -38.01 0.95 20.22
C LYS C 237 -36.96 -0.05 20.69
N ILE C 238 -36.51 0.12 21.93
CA ILE C 238 -35.67 -0.87 22.60
C ILE C 238 -36.29 -1.18 23.96
N THR C 239 -36.61 -2.46 24.19
CA THR C 239 -37.29 -2.91 25.41
C THR C 239 -36.32 -3.64 26.33
N PHE C 240 -36.33 -3.23 27.60
CA PHE C 240 -35.59 -3.89 28.66
C PHE C 240 -36.57 -4.65 29.53
N SER C 241 -36.39 -5.97 29.62
CA SER C 241 -37.19 -6.84 30.48
C SER C 241 -36.24 -7.41 31.53
N HIS C 242 -36.50 -7.12 32.80
CA HIS C 242 -35.52 -7.38 33.87
C HIS C 242 -36.15 -7.57 35.25
N ASN C 243 -35.48 -8.36 36.08
CA ASN C 243 -35.89 -8.61 37.46
C ASN C 243 -34.72 -8.52 38.46
N GLY C 244 -33.75 -7.66 38.16
CA GLY C 244 -32.61 -7.41 39.05
C GLY C 244 -31.27 -7.60 38.37
N GLY C 245 -30.41 -6.59 38.45
CA GLY C 245 -29.08 -6.62 37.85
C GLY C 245 -28.86 -5.56 36.79
N LEU C 246 -29.95 -5.03 36.22
CA LEU C 246 -29.85 -3.99 35.20
C LEU C 246 -29.44 -2.65 35.81
N ILE C 247 -28.43 -2.04 35.21
CA ILE C 247 -28.09 -0.64 35.44
C ILE C 247 -28.72 0.09 34.26
N ALA C 248 -29.87 0.71 34.51
CA ALA C 248 -30.73 1.21 33.45
C ALA C 248 -30.34 2.61 32.99
N PRO C 249 -30.57 2.93 31.70
CA PRO C 249 -30.32 4.30 31.24
C PRO C 249 -31.38 5.30 31.68
N SER C 250 -30.93 6.42 32.24
CA SER C 250 -31.76 7.60 32.52
C SER C 250 -31.81 8.50 31.30
N ARG C 251 -30.69 8.61 30.60
CA ARG C 251 -30.61 9.33 29.34
C ARG C 251 -29.89 8.50 28.29
N VAL C 252 -30.22 8.74 27.02
CA VAL C 252 -29.49 8.15 25.89
C VAL C 252 -28.78 9.29 25.16
N SER C 253 -27.84 8.92 24.30
CA SER C 253 -26.99 9.87 23.59
C SER C 253 -27.36 9.97 22.12
N LYS C 254 -27.11 11.15 21.53
CA LYS C 254 -27.16 11.34 20.09
C LYS C 254 -25.83 11.94 19.66
N LEU C 255 -25.10 11.19 18.83
CA LEU C 255 -23.87 11.69 18.24
C LEU C 255 -24.23 12.63 17.08
N ILE C 256 -23.73 13.87 17.16
CA ILE C 256 -24.11 14.94 16.23
C ILE C 256 -23.03 15.09 15.15
N GLY C 257 -23.40 14.91 13.89
CA GLY C 257 -22.51 15.20 12.75
C GLY C 257 -21.19 14.45 12.79
N ARG C 258 -20.13 15.07 12.27
CA ARG C 258 -18.80 14.49 12.24
C ARG C 258 -17.72 15.47 12.70
N GLY C 259 -16.58 14.91 13.09
CA GLY C 259 -15.42 15.70 13.53
C GLY C 259 -14.15 14.88 13.53
N LEU C 260 -13.01 15.54 13.73
CA LEU C 260 -11.70 14.88 13.74
C LEU C 260 -11.29 14.52 15.18
N GLY C 261 -11.09 13.23 15.43
CA GLY C 261 -10.57 12.76 16.71
C GLY C 261 -9.05 12.79 16.74
N ILE C 262 -8.48 13.37 17.79
CA ILE C 262 -7.03 13.41 17.98
C ILE C 262 -6.67 12.80 19.34
N GLN C 263 -5.73 11.85 19.34
CA GLN C 263 -5.14 11.33 20.57
C GLN C 263 -3.73 11.89 20.69
N SER C 264 -3.53 12.80 21.65
CA SER C 264 -2.26 13.52 21.77
C SER C 264 -1.98 13.96 23.20
N GLU C 265 -0.69 14.12 23.50
CA GLU C 265 -0.22 14.60 24.79
C GLU C 265 0.20 16.08 24.75
N ALA C 266 0.14 16.70 23.57
CA ALA C 266 0.59 18.08 23.39
C ALA C 266 -0.45 19.09 23.87
N PRO C 267 -0.01 20.20 24.49
CA PRO C 267 -0.96 21.23 24.97
C PRO C 267 -1.57 22.06 23.84
N ILE C 268 -2.68 22.73 24.15
CA ILE C 268 -3.46 23.47 23.16
C ILE C 268 -2.78 24.81 22.81
N ASP C 269 -2.92 25.22 21.55
CA ASP C 269 -2.49 26.55 21.09
C ASP C 269 -3.52 27.09 20.08
N ASN C 270 -4.26 28.11 20.49
CA ASN C 270 -5.26 28.75 19.62
C ASN C 270 -4.70 29.88 18.75
N SER C 271 -3.38 30.10 18.78
CA SER C 271 -2.73 31.08 17.91
C SER C 271 -2.44 30.54 16.51
N CYS C 272 -2.07 29.25 16.42
CA CYS C 272 -1.69 28.61 15.14
C CYS C 272 -2.79 27.70 14.57
N GLU C 273 -2.81 27.60 13.24
CA GLU C 273 -3.71 26.68 12.50
C GLU C 273 -2.94 25.45 12.04
N SER C 274 -3.67 24.34 11.87
CA SER C 274 -3.10 23.11 11.34
C SER C 274 -4.16 22.16 10.82
N LYS C 275 -3.76 21.31 9.87
CA LYS C 275 -4.61 20.24 9.34
C LYS C 275 -4.04 18.84 9.59
N CYS C 276 -2.88 18.73 10.23
CA CYS C 276 -2.21 17.44 10.45
C CYS C 276 -1.72 17.33 11.88
N PHE C 277 -2.12 16.25 12.55
CA PHE C 277 -1.83 16.04 13.97
C PHE C 277 -1.31 14.65 14.25
N TRP C 278 -0.52 14.53 15.31
CA TRP C 278 -0.01 13.26 15.78
C TRP C 278 0.13 13.31 17.30
N ARG C 279 0.61 12.22 17.90
CA ARG C 279 0.73 12.11 19.37
C ARG C 279 1.51 13.27 19.99
N GLY C 280 2.65 13.60 19.37
CA GLY C 280 3.53 14.67 19.81
C GLY C 280 3.17 16.09 19.43
N GLY C 281 2.17 16.30 18.56
CA GLY C 281 1.66 17.65 18.27
C GLY C 281 1.10 17.86 16.87
N SER C 282 1.54 18.94 16.22
CA SER C 282 1.02 19.37 14.91
C SER C 282 2.12 19.47 13.87
N ILE C 283 1.76 19.23 12.60
CA ILE C 283 2.69 19.28 11.46
C ILE C 283 2.13 20.31 10.46
N ASN C 284 2.71 21.50 10.44
CA ASN C 284 2.24 22.63 9.61
C ASN C 284 3.05 22.83 8.32
N THR C 285 3.99 21.94 8.05
CA THR C 285 4.92 22.08 6.93
C THR C 285 4.26 22.13 5.55
N ARG C 286 4.93 22.81 4.62
CA ARG C 286 4.58 22.80 3.19
C ARG C 286 5.13 21.58 2.45
N LEU C 287 6.07 20.86 3.08
CA LEU C 287 6.82 19.80 2.41
C LEU C 287 5.97 18.55 2.17
N PRO C 288 6.30 17.77 1.11
CA PRO C 288 5.53 16.58 0.76
C PRO C 288 5.71 15.38 1.70
N PHE C 289 6.85 15.30 2.36
CA PHE C 289 7.20 14.16 3.20
C PHE C 289 7.54 14.59 4.62
N GLN C 290 7.60 13.60 5.51
CA GLN C 290 7.62 13.84 6.94
C GLN C 290 8.24 12.63 7.64
N ASN C 291 9.14 12.87 8.59
CA ASN C 291 9.86 11.80 9.31
C ASN C 291 9.52 11.77 10.82
N LEU C 292 8.46 12.46 11.22
CA LEU C 292 8.06 12.55 12.64
C LEU C 292 7.38 11.27 13.14
N SER C 293 6.40 10.76 12.40
CA SER C 293 5.63 9.60 12.84
C SER C 293 4.80 8.98 11.71
N PRO C 294 4.68 7.63 11.69
CA PRO C 294 3.74 6.97 10.78
C PRO C 294 2.26 7.07 11.20
N ARG C 295 2.00 7.45 12.45
CA ARG C 295 0.63 7.65 12.95
C ARG C 295 0.26 9.13 12.95
N THR C 296 -0.52 9.53 11.96
CA THR C 296 -1.06 10.89 11.87
C THR C 296 -2.52 10.86 11.44
N VAL C 297 -3.22 11.96 11.70
CA VAL C 297 -4.60 12.15 11.25
C VAL C 297 -4.76 13.53 10.61
N GLY C 298 -5.70 13.62 9.67
CA GLY C 298 -6.00 14.86 8.96
C GLY C 298 -5.43 14.84 7.55
N GLN C 299 -5.07 16.02 7.05
CA GLN C 299 -4.41 16.18 5.75
C GLN C 299 -2.92 16.38 5.99
N CYS C 300 -2.12 15.38 5.66
CA CYS C 300 -0.74 15.27 6.11
C CYS C 300 0.29 15.05 5.00
N PRO C 301 1.56 15.40 5.25
CA PRO C 301 2.63 14.87 4.39
C PRO C 301 2.82 13.38 4.66
N LYS C 302 3.34 12.65 3.68
CA LYS C 302 3.50 11.21 3.78
C LYS C 302 4.72 10.84 4.61
N TYR C 303 4.56 9.87 5.51
CA TYR C 303 5.66 9.38 6.33
C TYR C 303 6.69 8.62 5.49
N VAL C 304 7.98 8.94 5.68
CA VAL C 304 9.07 8.24 5.00
C VAL C 304 10.17 7.87 6.00
N ASN C 305 10.88 6.78 5.72
CA ASN C 305 12.01 6.32 6.55
C ASN C 305 13.31 7.03 6.17
N LYS C 306 13.32 8.35 6.24
CA LYS C 306 14.47 9.15 5.81
C LYS C 306 14.52 10.45 6.61
N LYS C 307 15.69 10.77 7.14
CA LYS C 307 15.90 12.03 7.86
C LYS C 307 15.83 13.24 6.92
N SER C 308 16.49 13.13 5.76
CA SER C 308 16.63 14.25 4.81
C SER C 308 16.67 13.77 3.35
N LEU C 309 16.03 14.53 2.47
CA LEU C 309 16.12 14.32 1.01
C LEU C 309 16.17 15.67 0.31
N MET C 310 17.36 16.06 -0.13
CA MET C 310 17.59 17.40 -0.67
C MET C 310 17.33 17.44 -2.17
N LEU C 311 16.45 18.37 -2.57
CA LEU C 311 16.11 18.61 -3.97
C LEU C 311 16.97 19.76 -4.50
N ALA C 312 17.80 19.48 -5.50
CA ALA C 312 18.63 20.50 -6.15
C ALA C 312 17.77 21.63 -6.71
N THR C 313 18.18 22.87 -6.46
CA THR C 313 17.53 24.05 -7.02
C THR C 313 18.54 24.91 -7.78
N GLY C 314 19.59 24.26 -8.29
CA GLY C 314 20.63 24.94 -9.05
C GLY C 314 21.54 23.98 -9.77
N MET C 315 22.41 24.54 -10.61
CA MET C 315 23.40 23.77 -11.39
C MET C 315 24.50 23.14 -10.54
N ARG C 316 25.31 22.28 -11.15
CA ARG C 316 26.55 21.79 -10.53
C ARG C 316 27.41 22.97 -10.09
N ASN C 317 27.95 22.89 -8.87
CA ASN C 317 28.84 23.91 -8.35
C ASN C 317 30.28 23.52 -8.70
N VAL C 318 30.95 24.34 -9.47
CA VAL C 318 32.33 24.09 -9.91
C VAL C 318 33.20 25.30 -9.55
N PRO C 319 33.78 25.32 -8.33
CA PRO C 319 34.63 26.45 -7.92
C PRO C 319 36.01 26.45 -8.60
N GLU C 320 36.73 27.57 -8.48
CA GLU C 320 38.14 27.66 -8.86
C GLU C 320 39.02 27.09 -7.75
N GLY D 1 29.33 16.17 -18.00
CA GLY D 1 27.87 15.90 -17.91
C GLY D 1 27.22 15.75 -19.28
N LEU D 2 25.90 15.62 -19.28
CA LEU D 2 25.14 15.27 -20.51
C LEU D 2 25.39 16.19 -21.70
N PHE D 3 25.47 17.49 -21.46
CA PHE D 3 25.64 18.46 -22.54
C PHE D 3 27.06 19.03 -22.65
N GLY D 4 27.95 18.57 -21.78
CA GLY D 4 29.38 18.80 -21.96
C GLY D 4 29.93 20.18 -21.61
N ALA D 5 29.08 21.09 -21.14
CA ALA D 5 29.49 22.48 -20.88
C ALA D 5 29.85 22.68 -19.41
N ILE D 6 28.85 22.64 -18.52
CA ILE D 6 29.07 22.84 -17.08
C ILE D 6 29.75 21.60 -16.51
N ALA D 7 30.87 21.81 -15.82
CA ALA D 7 31.78 20.75 -15.39
C ALA D 7 32.31 19.92 -16.59
N GLY D 8 32.48 20.61 -17.71
CA GLY D 8 32.90 19.99 -18.98
C GLY D 8 33.93 20.87 -19.64
N PHE D 9 33.64 21.39 -20.84
CA PHE D 9 34.61 22.23 -21.56
C PHE D 9 34.78 23.62 -20.92
N ILE D 10 33.75 24.11 -20.24
CA ILE D 10 33.91 25.26 -19.34
C ILE D 10 34.53 24.72 -18.04
N GLU D 11 35.76 25.14 -17.75
CA GLU D 11 36.58 24.56 -16.68
C GLU D 11 35.99 24.75 -15.28
N ASN D 12 35.44 25.93 -15.03
CA ASN D 12 34.83 26.22 -13.73
C ASN D 12 33.84 27.39 -13.81
N GLY D 13 33.05 27.53 -12.76
CA GLY D 13 32.13 28.65 -12.61
C GLY D 13 32.80 29.91 -12.09
N TRP D 14 32.07 31.03 -12.19
CA TRP D 14 32.54 32.34 -11.76
C TRP D 14 31.80 32.76 -10.50
N GLU D 15 32.50 32.76 -9.37
CA GLU D 15 31.92 33.24 -8.10
C GLU D 15 31.62 34.74 -8.11
N GLY D 16 32.38 35.50 -8.90
CA GLY D 16 32.17 36.93 -9.07
C GLY D 16 30.91 37.32 -9.81
N MET D 17 30.35 36.42 -10.63
CA MET D 17 29.07 36.68 -11.31
C MET D 17 27.92 36.42 -10.33
N VAL D 18 27.46 37.49 -9.69
CA VAL D 18 26.40 37.42 -8.67
C VAL D 18 25.03 37.92 -9.16
N ASP D 19 24.95 38.42 -10.38
CA ASP D 19 23.70 38.97 -10.94
C ASP D 19 23.07 38.09 -12.03
N GLY D 20 23.45 36.82 -12.07
CA GLY D 20 22.90 35.87 -13.03
C GLY D 20 23.55 34.51 -12.94
N TRP D 21 22.99 33.55 -13.64
CA TRP D 21 23.46 32.17 -13.64
C TRP D 21 24.44 31.90 -14.77
N TYR D 22 24.21 32.54 -15.92
CA TYR D 22 25.08 32.44 -17.09
C TYR D 22 25.44 33.85 -17.54
N GLY D 23 26.53 33.97 -18.30
CA GLY D 23 26.95 35.28 -18.78
C GLY D 23 28.21 35.31 -19.61
N PHE D 24 28.73 36.52 -19.78
CA PHE D 24 29.84 36.82 -20.67
C PHE D 24 30.97 37.52 -19.93
N ARG D 25 32.21 37.16 -20.26
CA ARG D 25 33.38 37.98 -19.96
C ARG D 25 34.07 38.27 -21.29
N HIS D 26 34.72 39.43 -21.42
CA HIS D 26 35.36 39.81 -22.67
C HIS D 26 36.69 40.51 -22.49
N GLN D 27 37.44 40.59 -23.60
CA GLN D 27 38.71 41.31 -23.68
C GLN D 27 38.79 42.07 -24.99
N ASN D 28 39.12 43.36 -24.92
CA ASN D 28 39.41 44.16 -26.11
C ASN D 28 40.40 45.28 -25.78
N ALA D 29 40.66 46.18 -26.72
CA ALA D 29 41.56 47.33 -26.51
C ALA D 29 41.14 48.20 -25.31
N GLN D 30 39.84 48.41 -25.15
CA GLN D 30 39.30 49.20 -24.03
C GLN D 30 39.40 48.54 -22.64
N GLY D 31 39.74 47.25 -22.58
CA GLY D 31 39.91 46.53 -21.32
C GLY D 31 39.01 45.30 -21.23
N THR D 32 38.59 44.96 -20.01
CA THR D 32 37.76 43.78 -19.74
C THR D 32 36.43 44.18 -19.11
N GLY D 33 35.47 43.26 -19.17
CA GLY D 33 34.15 43.47 -18.56
C GLY D 33 33.40 42.17 -18.34
N GLN D 34 32.34 42.27 -17.52
CA GLN D 34 31.46 41.14 -17.21
C GLN D 34 30.00 41.55 -17.35
N ALA D 35 29.16 40.61 -17.77
CA ALA D 35 27.71 40.85 -17.89
C ALA D 35 26.93 39.54 -17.89
N ALA D 36 25.92 39.47 -17.03
CA ALA D 36 25.03 38.31 -16.98
C ALA D 36 24.09 38.28 -18.17
N ASP D 37 23.65 37.09 -18.56
CA ASP D 37 22.63 36.90 -19.58
C ASP D 37 21.31 36.61 -18.89
N TYR D 38 20.36 37.53 -19.03
CA TYR D 38 19.06 37.43 -18.35
C TYR D 38 18.21 36.26 -18.87
N LYS D 39 18.14 36.11 -20.19
CA LYS D 39 17.20 35.16 -20.81
C LYS D 39 17.50 33.70 -20.45
N SER D 40 18.76 33.31 -20.56
CA SER D 40 19.19 31.95 -20.18
C SER D 40 19.03 31.70 -18.68
N THR D 41 19.43 32.67 -17.87
CA THR D 41 19.27 32.61 -16.40
C THR D 41 17.81 32.39 -16.03
N GLN D 42 16.93 33.19 -16.63
CA GLN D 42 15.49 33.11 -16.32
C GLN D 42 14.87 31.80 -16.83
N ALA D 43 15.34 31.28 -17.96
CA ALA D 43 14.89 29.99 -18.48
C ALA D 43 15.16 28.84 -17.50
N ALA D 44 16.35 28.83 -16.91
CA ALA D 44 16.72 27.81 -15.92
C ALA D 44 15.95 27.94 -14.61
N ILE D 45 15.85 29.17 -14.10
CA ILE D 45 15.14 29.45 -12.84
C ILE D 45 13.66 29.11 -12.96
N ASP D 46 13.03 29.50 -14.08
CA ASP D 46 11.60 29.20 -14.32
C ASP D 46 11.31 27.71 -14.33
N GLN D 47 12.22 26.92 -14.91
CA GLN D 47 12.06 25.46 -14.94
C GLN D 47 12.21 24.84 -13.56
N ILE D 48 13.14 25.34 -12.74
CA ILE D 48 13.30 24.88 -11.36
C ILE D 48 12.11 25.30 -10.48
N THR D 49 11.60 26.51 -10.69
CA THR D 49 10.38 26.97 -10.02
C THR D 49 9.18 26.07 -10.34
N GLY D 50 9.10 25.61 -11.59
CA GLY D 50 8.07 24.67 -12.02
C GLY D 50 8.10 23.34 -11.30
N LYS D 51 9.30 22.81 -11.08
CA LYS D 51 9.49 21.58 -10.29
C LYS D 51 9.03 21.76 -8.84
N LEU D 52 9.45 22.87 -8.23
CA LEU D 52 9.08 23.19 -6.84
C LEU D 52 7.56 23.29 -6.67
N ASN D 53 6.89 23.97 -7.59
CA ASN D 53 5.41 24.08 -7.60
C ASN D 53 4.74 22.70 -7.66
N ARG D 54 5.31 21.81 -8.46
CA ARG D 54 4.85 20.42 -8.55
C ARG D 54 5.09 19.61 -7.28
N ILE D 55 6.31 19.70 -6.73
CA ILE D 55 6.80 18.77 -5.71
C ILE D 55 6.44 19.21 -4.28
N ILE D 56 6.57 20.49 -3.98
CA ILE D 56 6.35 21.01 -2.62
C ILE D 56 4.83 21.12 -2.39
N LYS D 57 4.25 19.97 -2.09
CA LYS D 57 2.79 19.76 -2.07
C LYS D 57 2.46 18.51 -1.24
N LYS D 58 1.32 18.53 -0.55
CA LYS D 58 0.76 17.31 0.06
C LYS D 58 -0.61 17.06 -0.57
N THR D 59 -1.13 15.85 -0.40
CA THR D 59 -2.48 15.52 -0.91
C THR D 59 -3.52 16.13 0.03
N ASN D 60 -4.71 16.39 -0.49
CA ASN D 60 -5.82 16.91 0.32
C ASN D 60 -6.74 15.81 0.89
N THR D 61 -6.29 14.56 0.85
CA THR D 61 -7.06 13.43 1.38
C THR D 61 -7.12 13.50 2.91
N GLU D 62 -8.31 13.34 3.46
CA GLU D 62 -8.52 13.33 4.91
C GLU D 62 -8.35 11.91 5.42
N PHE D 63 -7.40 11.71 6.32
CA PHE D 63 -7.20 10.42 6.99
C PHE D 63 -7.62 10.52 8.45
N GLU D 64 -8.26 9.46 8.94
CA GLU D 64 -8.66 9.35 10.33
C GLU D 64 -7.94 8.16 10.96
N SER D 65 -8.08 8.02 12.29
CA SER D 65 -7.32 7.03 13.04
C SER D 65 -7.82 5.61 12.83
N ILE D 66 -6.89 4.69 12.61
CA ILE D 66 -7.16 3.24 12.69
C ILE D 66 -6.29 2.54 13.75
N GLU D 67 -5.53 3.30 14.52
CA GLU D 67 -4.69 2.80 15.61
C GLU D 67 -4.91 3.67 16.84
N SER D 68 -5.19 3.05 17.99
CA SER D 68 -5.33 3.80 19.23
C SER D 68 -3.95 4.08 19.84
N GLU D 69 -3.68 5.35 20.09
CA GLU D 69 -2.46 5.78 20.79
C GLU D 69 -2.41 5.30 22.25
N PHE D 70 -3.55 5.32 22.93
CA PHE D 70 -3.61 5.15 24.40
C PHE D 70 -4.34 3.89 24.88
N SER D 71 -4.66 2.96 23.97
CA SER D 71 -5.27 1.69 24.33
C SER D 71 -4.96 0.62 23.29
N GLU D 72 -5.29 -0.63 23.61
CA GLU D 72 -5.00 -1.76 22.72
C GLU D 72 -6.20 -2.09 21.84
N ILE D 73 -5.94 -2.17 20.53
CA ILE D 73 -6.94 -2.67 19.58
C ILE D 73 -6.77 -4.17 19.40
N ASP D 74 -7.73 -4.78 18.70
CA ASP D 74 -7.68 -6.21 18.38
C ASP D 74 -6.33 -6.58 17.74
N HIS D 75 -5.74 -7.67 18.21
CA HIS D 75 -4.37 -8.04 17.82
C HIS D 75 -4.26 -8.48 16.35
N GLN D 76 -5.27 -9.20 15.85
CA GLN D 76 -5.28 -9.68 14.46
C GLN D 76 -5.32 -8.51 13.47
N ILE D 77 -6.30 -7.62 13.64
CA ILE D 77 -6.43 -6.45 12.77
C ILE D 77 -5.24 -5.48 12.94
N GLY D 78 -4.72 -5.38 14.18
CA GLY D 78 -3.54 -4.56 14.47
C GLY D 78 -2.29 -4.98 13.72
N ASN D 79 -2.08 -6.30 13.61
CA ASN D 79 -0.98 -6.86 12.79
C ASN D 79 -1.15 -6.57 11.30
N VAL D 80 -2.39 -6.68 10.81
CA VAL D 80 -2.72 -6.34 9.41
C VAL D 80 -2.44 -4.85 9.16
N ILE D 81 -2.86 -4.01 10.09
CA ILE D 81 -2.62 -2.56 10.01
C ILE D 81 -1.13 -2.26 9.99
N ASN D 82 -0.37 -2.89 10.88
CA ASN D 82 1.08 -2.70 10.94
C ASN D 82 1.77 -3.10 9.62
N TRP D 83 1.37 -4.26 9.08
CA TRP D 83 1.88 -4.73 7.78
C TRP D 83 1.54 -3.73 6.67
N THR D 84 0.30 -3.25 6.67
CA THR D 84 -0.18 -2.33 5.64
C THR D 84 0.55 -0.99 5.70
N LYS D 85 0.61 -0.39 6.89
CA LYS D 85 1.29 0.90 7.08
C LYS D 85 2.79 0.85 6.74
N ASP D 86 3.46 -0.23 7.15
CA ASP D 86 4.89 -0.41 6.81
C ASP D 86 5.12 -0.60 5.30
N SER D 87 4.23 -1.34 4.64
CA SER D 87 4.27 -1.51 3.18
C SER D 87 4.08 -0.16 2.47
N ILE D 88 3.12 0.63 2.96
CA ILE D 88 2.84 1.97 2.41
C ILE D 88 4.06 2.88 2.60
N THR D 89 4.68 2.82 3.77
CA THR D 89 5.87 3.62 4.07
C THR D 89 7.06 3.25 3.17
N ASP D 90 7.29 1.95 2.96
CA ASP D 90 8.34 1.51 2.02
C ASP D 90 8.11 2.05 0.60
N ILE D 91 6.85 2.08 0.17
CA ILE D 91 6.50 2.64 -1.15
C ILE D 91 6.81 4.13 -1.21
N TRP D 92 6.32 4.90 -0.24
CA TRP D 92 6.55 6.36 -0.23
C TRP D 92 8.03 6.73 -0.05
N THR D 93 8.74 5.98 0.79
CA THR D 93 10.18 6.17 0.95
C THR D 93 10.90 5.93 -0.39
N TYR D 94 10.57 4.84 -1.06
CA TYR D 94 11.11 4.53 -2.38
C TYR D 94 10.77 5.62 -3.40
N GLN D 95 9.50 6.00 -3.44
CA GLN D 95 9.04 7.05 -4.36
C GLN D 95 9.73 8.39 -4.11
N ALA D 96 9.86 8.76 -2.84
CA ALA D 96 10.55 9.99 -2.45
C ALA D 96 12.01 10.00 -2.91
N GLU D 97 12.72 8.90 -2.65
CA GLU D 97 14.12 8.78 -3.05
C GLU D 97 14.32 8.80 -4.57
N LEU D 98 13.46 8.09 -5.29
CA LEU D 98 13.51 8.07 -6.77
C LEU D 98 13.15 9.42 -7.37
N LEU D 99 12.09 10.04 -6.85
CA LEU D 99 11.66 11.38 -7.30
C LEU D 99 12.81 12.38 -7.26
N VAL D 100 13.45 12.47 -6.10
CA VAL D 100 14.47 13.49 -5.87
C VAL D 100 15.74 13.18 -6.67
N ALA D 101 16.14 11.91 -6.74
CA ALA D 101 17.31 11.49 -7.54
C ALA D 101 17.12 11.78 -9.03
N MET D 102 15.94 11.44 -9.56
CA MET D 102 15.61 11.69 -10.97
C MET D 102 15.53 13.18 -11.28
N GLU D 103 14.82 13.93 -10.42
CA GLU D 103 14.69 15.38 -10.60
C GLU D 103 16.04 16.10 -10.52
N ASN D 104 16.91 15.66 -9.61
CA ASN D 104 18.24 16.27 -9.45
C ASN D 104 19.12 16.03 -10.66
N GLN D 105 19.07 14.81 -11.21
CA GLN D 105 19.76 14.48 -12.45
C GLN D 105 19.29 15.42 -13.58
N HIS D 106 17.98 15.58 -13.69
CA HIS D 106 17.40 16.43 -14.74
C HIS D 106 17.71 17.92 -14.55
N THR D 107 17.64 18.40 -13.30
CA THR D 107 17.95 19.79 -12.99
C THR D 107 19.37 20.16 -13.41
N ILE D 108 20.31 19.32 -13.00
CA ILE D 108 21.72 19.47 -13.33
C ILE D 108 21.95 19.48 -14.86
N ASP D 109 21.32 18.54 -15.55
CA ASP D 109 21.48 18.41 -17.00
C ASP D 109 20.74 19.51 -17.77
N MET D 110 19.57 19.91 -17.29
CA MET D 110 18.87 21.07 -17.84
C MET D 110 19.73 22.33 -17.77
N ALA D 111 20.35 22.56 -16.62
CA ALA D 111 21.20 23.73 -16.42
C ALA D 111 22.41 23.72 -17.36
N ASP D 112 23.00 22.54 -17.52
CA ASP D 112 24.07 22.27 -18.49
C ASP D 112 23.61 22.64 -19.91
N SER D 113 22.42 22.20 -20.29
CA SER D 113 21.88 22.48 -21.64
C SER D 113 21.67 23.98 -21.92
N GLU D 114 21.22 24.72 -20.90
CA GLU D 114 20.99 26.16 -21.05
C GLU D 114 22.29 26.93 -21.28
N MET D 115 23.37 26.47 -20.66
CA MET D 115 24.71 27.01 -20.93
C MET D 115 25.13 26.75 -22.37
N LEU D 116 24.96 25.51 -22.82
CA LEU D 116 25.33 25.12 -24.18
C LEU D 116 24.51 25.88 -25.23
N ASN D 117 23.21 26.04 -24.97
CA ASN D 117 22.33 26.78 -25.89
C ASN D 117 22.74 28.26 -26.06
N LEU D 118 23.19 28.89 -24.97
CA LEU D 118 23.77 30.24 -25.04
C LEU D 118 25.07 30.26 -25.85
N TYR D 119 25.96 29.32 -25.55
CA TYR D 119 27.22 29.15 -26.27
C TYR D 119 27.00 28.96 -27.78
N GLU D 120 26.07 28.07 -28.12
CA GLU D 120 25.71 27.79 -29.51
C GLU D 120 25.11 28.99 -30.23
N ARG D 121 24.27 29.76 -29.54
CA ARG D 121 23.69 30.97 -30.11
C ARG D 121 24.79 31.96 -30.51
N VAL D 122 25.75 32.17 -29.61
CA VAL D 122 26.88 33.09 -29.84
C VAL D 122 27.77 32.61 -31.00
N ARG D 123 28.04 31.30 -31.05
CA ARG D 123 28.81 30.72 -32.15
C ARG D 123 28.18 31.04 -33.50
N LYS D 124 26.87 30.78 -33.62
CA LYS D 124 26.16 31.02 -34.87
C LYS D 124 26.10 32.51 -35.23
N GLN D 125 25.94 33.38 -34.23
CA GLN D 125 26.02 34.85 -34.42
C GLN D 125 27.33 35.28 -35.06
N LEU D 126 28.43 34.82 -34.47
CA LEU D 126 29.79 35.19 -34.91
C LEU D 126 30.15 34.61 -36.28
N ARG D 127 29.56 33.46 -36.61
CA ARG D 127 29.69 32.85 -37.93
C ARG D 127 31.18 32.61 -38.31
N GLN D 128 31.72 33.27 -39.33
CA GLN D 128 33.10 33.04 -39.76
C GLN D 128 34.07 34.10 -39.25
N ASN D 129 33.61 34.95 -38.33
CA ASN D 129 34.44 36.04 -37.80
C ASN D 129 35.18 35.67 -36.51
N ALA D 130 34.95 34.45 -36.00
CA ALA D 130 35.58 33.99 -34.78
C ALA D 130 35.82 32.48 -34.79
N GLU D 131 36.68 32.04 -33.88
CA GLU D 131 37.01 30.62 -33.72
C GLU D 131 36.88 30.22 -32.27
N GLU D 132 36.50 28.96 -32.05
CA GLU D 132 36.31 28.44 -30.70
C GLU D 132 37.64 28.10 -30.04
N ASP D 133 37.73 28.50 -28.77
CA ASP D 133 38.91 28.32 -27.94
C ASP D 133 39.03 26.88 -27.43
N GLY D 134 37.89 26.21 -27.23
CA GLY D 134 37.86 24.89 -26.61
C GLY D 134 37.54 24.93 -25.12
N LYS D 135 37.56 26.11 -24.51
CA LYS D 135 37.23 26.27 -23.10
C LYS D 135 36.09 27.29 -22.86
N GLY D 136 35.22 27.42 -23.86
CA GLY D 136 34.04 28.29 -23.76
C GLY D 136 34.20 29.70 -24.28
N CYS D 137 35.38 30.03 -24.82
CA CYS D 137 35.64 31.36 -25.39
C CYS D 137 35.67 31.34 -26.92
N PHE D 138 35.43 32.51 -27.50
CA PHE D 138 35.53 32.73 -28.93
C PHE D 138 36.58 33.79 -29.17
N GLU D 139 37.59 33.47 -29.96
CA GLU D 139 38.61 34.43 -30.36
C GLU D 139 38.10 35.16 -31.59
N ILE D 140 37.87 36.45 -31.45
CA ILE D 140 37.25 37.27 -32.49
C ILE D 140 38.37 37.90 -33.33
N TYR D 141 38.32 37.70 -34.65
CA TYR D 141 39.41 38.10 -35.54
C TYR D 141 39.20 39.50 -36.17
N HIS D 142 38.69 40.42 -35.36
CA HIS D 142 38.62 41.84 -35.72
C HIS D 142 38.46 42.63 -34.43
N ALA D 143 38.74 43.93 -34.51
CA ALA D 143 38.55 44.83 -33.37
C ALA D 143 37.08 44.88 -33.01
N CYS D 144 36.75 44.54 -31.78
CA CYS D 144 35.38 44.50 -31.29
C CYS D 144 35.29 45.31 -30.00
N ASP D 145 34.92 46.59 -30.16
CA ASP D 145 34.81 47.52 -29.03
C ASP D 145 33.61 47.20 -28.12
N ASP D 146 33.39 48.02 -27.09
CA ASP D 146 32.32 47.77 -26.11
C ASP D 146 30.91 47.69 -26.73
N SER D 147 30.64 48.55 -27.71
CA SER D 147 29.36 48.50 -28.45
C SER D 147 29.25 47.24 -29.32
N CYS D 148 30.37 46.80 -29.90
CA CYS D 148 30.44 45.53 -30.63
C CYS D 148 30.23 44.33 -29.71
N MET D 149 30.90 44.33 -28.56
CA MET D 149 30.69 43.28 -27.54
C MET D 149 29.25 43.24 -27.04
N GLU D 150 28.67 44.42 -26.82
CA GLU D 150 27.25 44.55 -26.47
C GLU D 150 26.34 43.95 -27.54
N SER D 151 26.67 44.19 -28.82
CA SER D 151 25.90 43.64 -29.94
C SER D 151 25.89 42.10 -29.96
N ILE D 152 26.98 41.49 -29.50
CA ILE D 152 27.05 40.03 -29.34
C ILE D 152 26.14 39.58 -28.18
N ARG D 153 26.21 40.28 -27.05
CA ARG D 153 25.40 39.93 -25.87
C ARG D 153 23.90 40.08 -26.10
N ASN D 154 23.48 41.18 -26.73
CA ASN D 154 22.04 41.45 -26.98
C ASN D 154 21.51 40.89 -28.31
N ASN D 155 22.30 40.05 -28.99
CA ASN D 155 21.85 39.28 -30.15
C ASN D 155 21.57 40.15 -31.39
N THR D 156 22.36 41.20 -31.58
CA THR D 156 22.26 42.08 -32.76
C THR D 156 23.57 42.27 -33.54
N TYR D 157 24.59 41.45 -33.24
CA TYR D 157 25.86 41.46 -33.96
C TYR D 157 25.62 41.00 -35.40
N ASP D 158 26.04 41.83 -36.35
CA ASP D 158 25.92 41.53 -37.77
C ASP D 158 27.29 41.08 -38.29
N HIS D 159 27.42 39.79 -38.59
CA HIS D 159 28.69 39.21 -39.05
C HIS D 159 29.19 39.82 -40.37
N SER D 160 28.28 40.22 -41.24
CA SER D 160 28.63 40.73 -42.58
C SER D 160 29.39 42.07 -42.55
N GLN D 161 29.20 42.87 -41.50
CA GLN D 161 29.98 44.09 -41.29
C GLN D 161 31.49 43.83 -41.27
N TYR D 162 31.90 42.81 -40.52
CA TYR D 162 33.32 42.51 -40.27
C TYR D 162 33.89 41.35 -41.09
N ARG D 163 33.06 40.67 -41.89
CA ARG D 163 33.44 39.40 -42.52
C ARG D 163 34.69 39.48 -43.39
N GLU D 164 34.70 40.43 -44.33
CA GLU D 164 35.79 40.57 -45.31
C GLU D 164 37.16 40.60 -44.62
N GLU D 165 37.30 41.48 -43.63
CA GLU D 165 38.56 41.63 -42.92
C GLU D 165 38.81 40.52 -41.89
N ALA D 166 37.76 40.01 -41.26
CA ALA D 166 37.89 38.90 -40.32
C ALA D 166 38.46 37.66 -41.01
N LEU D 167 37.95 37.32 -42.19
CA LEU D 167 38.45 36.19 -42.97
C LEU D 167 39.93 36.33 -43.32
N LEU D 168 40.34 37.52 -43.76
CA LEU D 168 41.75 37.80 -44.06
C LEU D 168 42.64 37.64 -42.82
N ASN D 169 42.17 38.09 -41.66
CA ASN D 169 42.91 37.94 -40.40
C ASN D 169 43.06 36.47 -40.00
N ARG D 170 42.02 35.67 -40.23
CA ARG D 170 42.05 34.24 -39.95
C ARG D 170 43.00 33.46 -40.85
N LEU D 171 42.97 33.76 -42.14
CA LEU D 171 43.85 33.11 -43.12
C LEU D 171 45.30 33.62 -43.02
N ASN D 172 45.46 34.89 -42.68
CA ASN D 172 46.77 35.51 -42.42
C ASN D 172 47.73 35.46 -43.61
N ASP E 1 22.53 36.26 -52.55
CA ASP E 1 23.39 35.57 -53.56
C ASP E 1 23.50 34.04 -53.34
N PRO E 2 23.75 33.58 -52.09
CA PRO E 2 23.80 32.12 -51.89
C PRO E 2 22.44 31.44 -51.98
N ASP E 3 22.40 30.22 -52.50
CA ASP E 3 21.21 29.37 -52.38
C ASP E 3 21.06 28.98 -50.91
N LYS E 4 19.88 28.51 -50.54
CA LYS E 4 19.58 28.22 -49.14
C LYS E 4 18.73 26.97 -48.97
N ILE E 5 19.07 26.17 -47.96
CA ILE E 5 18.25 25.04 -47.52
C ILE E 5 17.97 25.24 -46.04
N CYS E 6 16.68 25.19 -45.68
CA CYS E 6 16.22 25.47 -44.32
C CYS E 6 15.66 24.20 -43.69
N LEU E 7 16.07 23.94 -42.44
CA LEU E 7 15.54 22.81 -41.66
C LEU E 7 14.38 23.31 -40.82
N GLY E 8 13.34 22.49 -40.70
CA GLY E 8 12.16 22.86 -39.92
C GLY E 8 11.37 21.68 -39.42
N HIS E 9 10.31 22.00 -38.69
CA HIS E 9 9.41 21.02 -38.11
C HIS E 9 7.98 21.50 -38.26
N HIS E 10 7.03 20.58 -38.19
CA HIS E 10 5.62 20.93 -38.37
C HIS E 10 5.04 21.67 -37.16
N ALA E 11 3.87 22.26 -37.38
CA ALA E 11 3.06 22.86 -36.32
C ALA E 11 1.60 22.72 -36.71
N VAL E 12 0.72 22.93 -35.73
CA VAL E 12 -0.73 22.91 -35.95
C VAL E 12 -1.33 24.22 -35.45
N ALA E 13 -2.47 24.60 -36.04
CA ALA E 13 -3.18 25.81 -35.64
C ALA E 13 -3.77 25.67 -34.23
N ASN E 14 -4.31 24.48 -33.92
CA ASN E 14 -4.93 24.20 -32.62
C ASN E 14 -4.14 23.16 -31.83
N GLY E 15 -3.18 23.63 -31.03
CA GLY E 15 -2.39 22.75 -30.16
C GLY E 15 -3.14 22.39 -28.88
N THR E 16 -2.58 21.45 -28.12
CA THR E 16 -3.18 20.98 -26.86
C THR E 16 -2.23 21.20 -25.68
N ILE E 17 -2.79 21.53 -24.52
CA ILE E 17 -2.02 21.83 -23.32
C ILE E 17 -1.75 20.56 -22.52
N VAL E 18 -0.49 20.35 -22.14
CA VAL E 18 -0.09 19.24 -21.26
C VAL E 18 0.81 19.78 -20.15
N LYS E 19 0.98 18.97 -19.11
CA LYS E 19 1.87 19.30 -17.99
C LYS E 19 3.14 18.46 -18.09
N THR E 20 4.28 19.10 -17.87
CA THR E 20 5.58 18.43 -17.84
C THR E 20 6.14 18.53 -16.41
N LEU E 21 7.38 18.09 -16.20
CA LEU E 21 8.06 18.24 -14.90
C LEU E 21 8.27 19.71 -14.51
N THR E 22 8.50 20.57 -15.52
CA THR E 22 8.86 21.97 -15.32
C THR E 22 7.78 23.00 -15.71
N ASN E 23 6.72 22.58 -16.40
CA ASN E 23 5.74 23.51 -16.98
C ASN E 23 4.34 22.93 -16.88
N GLU E 24 3.43 23.67 -16.25
CA GLU E 24 2.02 23.27 -16.13
C GLU E 24 1.17 23.61 -17.37
N GLN E 25 1.67 24.49 -18.24
CA GLN E 25 0.93 24.98 -19.40
C GLN E 25 1.81 24.88 -20.66
N GLU E 26 2.19 23.65 -21.00
CA GLU E 26 3.04 23.36 -22.15
C GLU E 26 2.17 22.98 -23.35
N GLU E 27 2.26 23.75 -24.44
CA GLU E 27 1.46 23.47 -25.63
C GLU E 27 2.20 22.51 -26.57
N VAL E 28 1.55 21.38 -26.88
CA VAL E 28 2.10 20.39 -27.81
C VAL E 28 1.17 20.23 -29.01
N THR E 29 1.67 19.56 -30.05
CA THR E 29 0.90 19.40 -31.30
C THR E 29 -0.27 18.43 -31.14
N ASN E 30 -0.10 17.42 -30.30
CA ASN E 30 -1.15 16.44 -30.03
C ASN E 30 -0.96 15.81 -28.64
N ALA E 31 -2.04 15.29 -28.08
CA ALA E 31 -2.00 14.55 -26.82
C ALA E 31 -3.21 13.63 -26.71
N THR E 32 -3.16 12.71 -25.75
CA THR E 32 -4.23 11.74 -25.56
C THR E 32 -4.50 11.50 -24.07
N GLU E 33 -5.76 11.24 -23.75
CA GLU E 33 -6.21 11.09 -22.36
C GLU E 33 -5.75 9.74 -21.78
N THR E 34 -5.35 9.76 -20.49
CA THR E 34 -4.99 8.53 -19.76
C THR E 34 -5.96 8.14 -18.63
N VAL E 35 -6.86 9.06 -18.25
CA VAL E 35 -7.88 8.81 -17.22
C VAL E 35 -9.26 8.68 -17.88
N GLU E 36 -9.88 7.51 -17.74
CA GLU E 36 -11.22 7.27 -18.26
C GLU E 36 -12.28 7.91 -17.36
N SER E 37 -13.19 8.68 -17.97
CA SER E 37 -14.26 9.37 -17.27
C SER E 37 -15.67 8.79 -17.51
N THR E 38 -15.82 7.90 -18.49
CA THR E 38 -17.13 7.36 -18.87
C THR E 38 -17.22 5.85 -18.62
N SER E 39 -18.44 5.39 -18.39
CA SER E 39 -18.76 3.98 -18.17
C SER E 39 -20.04 3.63 -18.92
N LEU E 40 -20.22 2.34 -19.22
CA LEU E 40 -21.45 1.84 -19.82
C LEU E 40 -22.42 1.51 -18.70
N ASN E 41 -23.65 2.03 -18.77
CA ASN E 41 -24.65 1.85 -17.70
C ASN E 41 -25.37 0.48 -17.77
N ARG E 42 -24.58 -0.58 -17.94
CA ARG E 42 -25.06 -1.94 -18.18
C ARG E 42 -24.00 -2.93 -17.71
N LEU E 43 -24.43 -4.15 -17.39
CA LEU E 43 -23.50 -5.23 -17.02
C LEU E 43 -23.22 -6.08 -18.25
N CYS E 44 -22.01 -5.94 -18.78
CA CYS E 44 -21.60 -6.60 -20.02
C CYS E 44 -21.21 -8.05 -19.78
N MET E 45 -22.09 -8.97 -20.17
CA MET E 45 -21.97 -10.40 -19.80
C MET E 45 -21.66 -11.37 -20.96
N LYS E 46 -21.25 -10.87 -22.12
CA LYS E 46 -20.79 -11.74 -23.21
C LYS E 46 -19.59 -12.57 -22.74
N GLY E 47 -19.61 -13.86 -23.07
CA GLY E 47 -18.55 -14.78 -22.66
C GLY E 47 -18.57 -15.20 -21.20
N ARG E 48 -19.66 -14.91 -20.49
CA ARG E 48 -19.80 -15.27 -19.08
C ARG E 48 -21.06 -16.10 -18.87
N ASN E 49 -20.90 -17.27 -18.28
CA ASN E 49 -22.01 -18.03 -17.72
C ASN E 49 -22.43 -17.36 -16.40
N HIS E 50 -23.28 -16.34 -16.50
CA HIS E 50 -23.66 -15.52 -15.35
C HIS E 50 -25.00 -15.96 -14.74
N LYS E 51 -25.17 -15.60 -13.47
CA LYS E 51 -26.43 -15.78 -12.75
C LYS E 51 -26.86 -14.44 -12.15
N ASP E 52 -27.97 -13.90 -12.66
CA ASP E 52 -28.60 -12.74 -12.06
C ASP E 52 -29.56 -13.26 -10.97
N LEU E 53 -29.22 -12.97 -9.71
CA LEU E 53 -30.04 -13.44 -8.58
C LEU E 53 -31.37 -12.69 -8.40
N GLY E 54 -31.55 -11.55 -9.07
CA GLY E 54 -32.79 -10.78 -8.95
C GLY E 54 -32.98 -10.32 -7.52
N ASN E 55 -34.14 -10.63 -6.93
CA ASN E 55 -34.39 -10.31 -5.52
C ASN E 55 -33.96 -11.40 -4.52
N CYS E 56 -33.24 -12.43 -5.00
CA CYS E 56 -32.64 -13.43 -4.11
C CYS E 56 -31.28 -12.94 -3.63
N HIS E 57 -31.08 -12.94 -2.30
CA HIS E 57 -29.79 -12.60 -1.70
C HIS E 57 -28.91 -13.86 -1.65
N PRO E 58 -27.59 -13.73 -1.88
CA PRO E 58 -26.67 -14.90 -1.86
C PRO E 58 -26.84 -15.86 -0.68
N ILE E 59 -26.93 -15.33 0.55
CA ILE E 59 -27.15 -16.15 1.75
C ILE E 59 -28.48 -16.93 1.67
N GLY E 60 -29.51 -16.32 1.09
CA GLY E 60 -30.78 -16.99 0.84
C GLY E 60 -30.71 -18.28 0.00
N MET E 61 -29.67 -18.37 -0.85
CA MET E 61 -29.41 -19.59 -1.63
C MET E 61 -29.05 -20.78 -0.74
N LEU E 62 -28.34 -20.51 0.36
CA LEU E 62 -27.87 -21.57 1.27
C LEU E 62 -28.96 -22.03 2.24
N ILE E 63 -29.72 -21.08 2.80
CA ILE E 63 -30.80 -21.40 3.76
C ILE E 63 -32.14 -21.73 3.08
N GLY E 64 -32.36 -21.21 1.88
CA GLY E 64 -33.52 -21.57 1.07
C GLY E 64 -34.75 -20.73 1.35
N THR E 65 -34.58 -19.42 1.36
CA THR E 65 -35.69 -18.47 1.42
C THR E 65 -36.54 -18.63 0.15
N PRO E 66 -37.89 -18.46 0.24
CA PRO E 66 -38.77 -18.61 -0.94
C PRO E 66 -38.37 -17.79 -2.19
N ALA E 67 -37.85 -16.58 -1.99
CA ALA E 67 -37.29 -15.77 -3.09
C ALA E 67 -36.14 -16.45 -3.84
N CYS E 68 -35.44 -17.37 -3.18
CA CYS E 68 -34.31 -18.09 -3.75
C CYS E 68 -34.61 -19.54 -4.21
N ASP E 69 -35.88 -19.90 -4.37
CA ASP E 69 -36.26 -21.27 -4.78
C ASP E 69 -35.65 -21.72 -6.12
N LEU E 70 -35.46 -20.78 -7.05
CA LEU E 70 -34.84 -21.07 -8.35
C LEU E 70 -33.30 -20.94 -8.35
N HIS E 71 -32.72 -20.64 -7.18
CA HIS E 71 -31.27 -20.41 -7.03
C HIS E 71 -30.66 -21.26 -5.90
N LEU E 72 -31.26 -22.42 -5.60
CA LEU E 72 -30.78 -23.28 -4.51
C LEU E 72 -29.53 -24.08 -4.89
N THR E 73 -29.41 -24.41 -6.17
CA THR E 73 -28.19 -25.02 -6.72
C THR E 73 -27.88 -24.38 -8.07
N GLY E 74 -26.69 -24.67 -8.61
CA GLY E 74 -26.31 -24.21 -9.94
C GLY E 74 -24.81 -24.05 -10.12
N THR E 75 -24.43 -23.60 -11.31
CA THR E 75 -23.04 -23.23 -11.61
C THR E 75 -23.01 -21.93 -12.42
N TRP E 76 -21.90 -21.20 -12.26
CA TRP E 76 -21.73 -19.89 -12.87
C TRP E 76 -20.27 -19.46 -12.77
N ASP E 77 -19.86 -18.52 -13.61
CA ASP E 77 -18.56 -17.84 -13.45
C ASP E 77 -18.70 -16.38 -12.98
N THR E 78 -19.93 -15.86 -12.97
CA THR E 78 -20.23 -14.51 -12.53
C THR E 78 -21.57 -14.52 -11.80
N LEU E 79 -21.59 -14.00 -10.57
CA LEU E 79 -22.81 -13.97 -9.74
C LEU E 79 -23.17 -12.51 -9.49
N ILE E 80 -24.37 -12.11 -9.89
CA ILE E 80 -24.84 -10.73 -9.79
C ILE E 80 -25.85 -10.61 -8.65
N GLU E 81 -25.54 -9.76 -7.67
CA GLU E 81 -26.41 -9.46 -6.53
C GLU E 81 -27.04 -8.09 -6.75
N ARG E 82 -28.34 -8.00 -6.45
CA ARG E 82 -29.11 -6.76 -6.64
C ARG E 82 -29.45 -6.10 -5.30
N LYS E 83 -29.84 -4.83 -5.39
CA LYS E 83 -30.23 -4.03 -4.23
C LYS E 83 -31.53 -4.55 -3.62
N ASN E 84 -31.61 -4.49 -2.29
CA ASN E 84 -32.79 -4.92 -1.52
C ASN E 84 -33.17 -6.41 -1.69
N ALA E 85 -32.21 -7.25 -2.07
CA ALA E 85 -32.45 -8.69 -2.24
C ALA E 85 -32.73 -9.34 -0.88
N ILE E 86 -33.55 -10.40 -0.89
CA ILE E 86 -34.06 -11.02 0.34
C ILE E 86 -33.22 -12.25 0.72
N ALA E 87 -32.70 -12.23 1.95
CA ALA E 87 -32.11 -13.40 2.59
C ALA E 87 -33.05 -13.99 3.65
N TYR E 88 -33.62 -13.14 4.50
CA TYR E 88 -34.36 -13.57 5.68
C TYR E 88 -35.84 -13.22 5.56
N CYS E 89 -36.67 -14.23 5.27
CA CYS E 89 -38.14 -14.05 5.28
C CYS E 89 -38.66 -13.83 6.70
N TYR E 90 -38.13 -14.60 7.66
CA TYR E 90 -38.44 -14.43 9.09
C TYR E 90 -37.44 -13.42 9.69
N PRO E 91 -37.89 -12.57 10.64
CA PRO E 91 -36.95 -11.58 11.21
C PRO E 91 -35.68 -12.20 11.78
N GLY E 92 -34.53 -11.59 11.47
CA GLY E 92 -33.25 -12.08 11.94
C GLY E 92 -32.08 -11.66 11.09
N ALA E 93 -30.93 -12.27 11.36
CA ALA E 93 -29.68 -11.96 10.66
C ALA E 93 -28.68 -13.10 10.83
N THR E 94 -27.62 -13.07 10.03
CA THR E 94 -26.54 -14.06 10.13
C THR E 94 -25.38 -13.47 10.93
N VAL E 95 -24.79 -14.28 11.79
CA VAL E 95 -23.55 -13.91 12.49
C VAL E 95 -22.40 -14.14 11.51
N ASN E 96 -21.50 -13.16 11.43
CA ASN E 96 -20.40 -13.19 10.46
C ASN E 96 -20.97 -13.22 9.03
N GLU E 97 -21.88 -12.28 8.79
CA GLU E 97 -22.71 -12.25 7.59
C GLU E 97 -21.93 -11.88 6.33
N GLU E 98 -21.11 -10.83 6.42
CA GLU E 98 -20.36 -10.33 5.25
C GLU E 98 -19.31 -11.33 4.79
N ALA E 99 -18.66 -12.02 5.74
CA ALA E 99 -17.72 -13.10 5.39
C ALA E 99 -18.39 -14.20 4.57
N LEU E 100 -19.60 -14.59 4.97
CA LEU E 100 -20.40 -15.58 4.23
C LEU E 100 -20.81 -15.07 2.85
N ARG E 101 -21.29 -13.84 2.77
CA ARG E 101 -21.72 -13.25 1.49
C ARG E 101 -20.55 -13.20 0.49
N GLN E 102 -19.38 -12.76 0.95
CA GLN E 102 -18.19 -12.70 0.09
C GLN E 102 -17.72 -14.09 -0.36
N LYS E 103 -17.87 -15.09 0.53
CA LYS E 103 -17.51 -16.47 0.19
C LYS E 103 -18.40 -17.04 -0.93
N ILE E 104 -19.71 -16.79 -0.84
CA ILE E 104 -20.66 -17.21 -1.87
C ILE E 104 -20.42 -16.44 -3.17
N MET E 105 -20.15 -15.14 -3.04
CA MET E 105 -19.93 -14.28 -4.21
C MET E 105 -18.58 -14.46 -4.92
N GLU E 106 -17.69 -15.31 -4.39
CA GLU E 106 -16.51 -15.75 -5.15
C GLU E 106 -16.52 -17.22 -5.55
N SER E 107 -17.63 -17.93 -5.29
CA SER E 107 -17.80 -19.31 -5.75
C SER E 107 -18.17 -19.33 -7.22
N GLY E 108 -18.08 -20.51 -7.81
CA GLY E 108 -18.56 -20.76 -9.17
C GLY E 108 -19.76 -21.69 -9.24
N GLY E 109 -20.50 -21.80 -8.13
CA GLY E 109 -21.64 -22.72 -8.07
C GLY E 109 -21.93 -23.22 -6.67
N ILE E 110 -23.12 -23.82 -6.53
CA ILE E 110 -23.57 -24.41 -5.26
C ILE E 110 -24.19 -25.77 -5.55
N SER E 111 -23.79 -26.78 -4.77
CA SER E 111 -24.47 -28.09 -4.73
C SER E 111 -24.98 -28.32 -3.32
N LYS E 112 -26.06 -29.10 -3.21
CA LYS E 112 -26.71 -29.39 -1.93
C LYS E 112 -26.65 -30.88 -1.60
N ILE E 113 -26.31 -31.18 -0.34
CA ILE E 113 -26.16 -32.56 0.15
C ILE E 113 -27.05 -32.73 1.38
N ASN E 114 -27.78 -33.84 1.45
CA ASN E 114 -28.67 -34.13 2.58
C ASN E 114 -27.89 -34.41 3.85
N THR E 115 -28.32 -33.82 4.96
CA THR E 115 -27.75 -34.11 6.27
C THR E 115 -28.17 -35.50 6.77
N GLY E 116 -29.35 -35.94 6.37
CA GLY E 116 -29.90 -37.22 6.82
C GLY E 116 -30.44 -37.19 8.25
N PHE E 117 -30.66 -35.99 8.80
CA PHE E 117 -31.11 -35.84 10.19
C PHE E 117 -32.54 -36.34 10.32
N THR E 118 -32.76 -37.18 11.32
CA THR E 118 -34.10 -37.64 11.70
C THR E 118 -34.33 -37.27 13.16
N TYR E 119 -35.60 -37.20 13.55
CA TYR E 119 -35.99 -36.72 14.88
C TYR E 119 -37.03 -37.64 15.51
N GLY E 120 -36.96 -37.75 16.84
CA GLY E 120 -37.88 -38.61 17.59
C GLY E 120 -39.32 -38.13 17.54
N SER E 121 -40.23 -39.00 17.95
CA SER E 121 -41.67 -38.75 17.84
C SER E 121 -42.18 -37.54 18.63
N SER E 122 -41.47 -37.14 19.69
CA SER E 122 -41.85 -35.95 20.47
C SER E 122 -41.39 -34.61 19.86
N ILE E 123 -40.75 -34.65 18.68
CA ILE E 123 -40.37 -33.44 17.94
C ILE E 123 -41.25 -33.29 16.70
N ASN E 124 -41.88 -32.13 16.57
CA ASN E 124 -42.49 -31.68 15.31
C ASN E 124 -41.39 -30.93 14.56
N SER E 125 -40.89 -31.54 13.48
CA SER E 125 -39.87 -30.92 12.64
C SER E 125 -40.44 -30.03 11.52
N ALA E 126 -41.77 -29.95 11.41
CA ALA E 126 -42.43 -29.22 10.33
C ALA E 126 -43.02 -27.87 10.78
N GLY E 127 -42.31 -27.16 11.66
CA GLY E 127 -42.71 -25.80 12.04
C GLY E 127 -42.63 -24.86 10.85
N THR E 128 -43.64 -24.00 10.71
CA THR E 128 -43.74 -23.04 9.61
C THR E 128 -44.10 -21.66 10.16
N THR E 129 -44.15 -20.67 9.27
CA THR E 129 -44.50 -19.30 9.66
C THR E 129 -45.09 -18.52 8.49
N LYS E 130 -45.95 -17.54 8.81
CA LYS E 130 -46.53 -16.65 7.80
C LYS E 130 -45.52 -15.67 7.18
N ALA E 131 -44.37 -15.49 7.82
CA ALA E 131 -43.29 -14.68 7.26
C ALA E 131 -42.67 -15.27 6.00
N CYS E 132 -42.72 -16.60 5.88
CA CYS E 132 -42.12 -17.34 4.77
C CYS E 132 -43.20 -18.09 4.00
N MET E 133 -43.95 -17.36 3.17
CA MET E 133 -45.05 -17.94 2.40
C MET E 133 -44.54 -18.71 1.19
N ARG E 134 -45.15 -19.86 0.92
CA ARG E 134 -44.82 -20.68 -0.25
C ARG E 134 -46.12 -21.32 -0.75
N ASN E 135 -46.48 -21.02 -2.00
CA ASN E 135 -47.72 -21.50 -2.61
C ASN E 135 -48.98 -21.09 -1.83
N GLY E 136 -49.02 -19.82 -1.41
CA GLY E 136 -50.15 -19.27 -0.66
C GLY E 136 -50.38 -19.85 0.72
N GLY E 137 -49.34 -20.43 1.32
CA GLY E 137 -49.45 -21.09 2.62
C GLY E 137 -48.19 -20.92 3.45
N ASN E 138 -48.35 -21.00 4.77
CA ASN E 138 -47.23 -20.90 5.72
C ASN E 138 -46.18 -21.97 5.42
N SER E 139 -44.91 -21.55 5.38
CA SER E 139 -43.81 -22.46 5.05
C SER E 139 -42.58 -22.09 5.87
N PHE E 140 -41.40 -22.52 5.42
CA PHE E 140 -40.16 -22.26 6.12
C PHE E 140 -38.99 -22.35 5.15
N TYR E 141 -37.83 -21.87 5.59
CA TYR E 141 -36.57 -21.98 4.85
C TYR E 141 -36.39 -23.43 4.35
N ALA E 142 -36.28 -23.59 3.03
CA ALA E 142 -36.26 -24.91 2.39
C ALA E 142 -35.16 -25.87 2.88
N GLU E 143 -34.00 -25.34 3.26
CA GLU E 143 -32.85 -26.15 3.67
C GLU E 143 -32.72 -26.35 5.19
N LEU E 144 -33.70 -25.87 5.96
CA LEU E 144 -33.71 -26.00 7.40
C LEU E 144 -35.04 -26.53 7.89
N LYS E 145 -35.08 -26.92 9.16
CA LYS E 145 -36.31 -27.40 9.80
C LYS E 145 -36.48 -26.74 11.17
N TRP E 146 -37.64 -26.13 11.39
CA TRP E 146 -37.99 -25.53 12.67
C TRP E 146 -38.50 -26.66 13.56
N LEU E 147 -37.69 -27.03 14.56
CA LEU E 147 -38.03 -28.10 15.50
C LEU E 147 -38.77 -27.52 16.71
N VAL E 148 -39.94 -28.08 17.02
CA VAL E 148 -40.68 -27.74 18.24
C VAL E 148 -41.19 -29.02 18.91
N SER E 149 -41.61 -28.91 20.17
CA SER E 149 -42.25 -30.04 20.86
C SER E 149 -43.55 -30.38 20.15
N LYS E 150 -43.79 -31.66 19.89
CA LYS E 150 -44.99 -32.10 19.16
C LYS E 150 -46.27 -31.78 19.94
N ASN E 151 -46.22 -31.94 21.25
CA ASN E 151 -47.31 -31.55 22.14
C ASN E 151 -46.93 -30.26 22.87
N LYS E 152 -47.84 -29.28 22.81
CA LYS E 152 -47.63 -27.92 23.31
C LYS E 152 -47.34 -27.92 24.81
N GLY E 153 -46.28 -27.23 25.21
CA GLY E 153 -45.89 -27.14 26.63
C GLY E 153 -44.91 -28.19 27.11
N GLN E 154 -44.79 -29.30 26.38
CA GLN E 154 -43.95 -30.43 26.76
C GLN E 154 -42.48 -30.13 26.56
N ASN E 155 -41.63 -30.70 27.41
CA ASN E 155 -40.18 -30.52 27.32
C ASN E 155 -39.64 -31.16 26.05
N PHE E 156 -39.02 -30.33 25.21
CA PHE E 156 -38.32 -30.79 24.01
C PHE E 156 -37.19 -31.71 24.47
N PRO E 157 -37.09 -32.93 23.88
CA PRO E 157 -36.14 -33.93 24.37
C PRO E 157 -34.68 -33.59 24.05
N GLN E 158 -33.77 -34.10 24.88
CA GLN E 158 -32.33 -34.00 24.59
C GLN E 158 -32.02 -34.81 23.33
N THR E 159 -31.53 -34.11 22.29
CA THR E 159 -31.41 -34.67 20.96
C THR E 159 -29.98 -34.47 20.46
N THR E 160 -29.49 -35.46 19.70
CA THR E 160 -28.18 -35.40 19.08
C THR E 160 -28.32 -35.72 17.59
N ASN E 161 -27.70 -34.89 16.75
CA ASN E 161 -27.69 -35.08 15.30
C ASN E 161 -26.28 -34.86 14.81
N THR E 162 -25.72 -35.82 14.07
CA THR E 162 -24.36 -35.77 13.58
C THR E 162 -24.35 -35.93 12.06
N TYR E 163 -23.74 -34.96 11.36
CA TYR E 163 -23.54 -35.02 9.92
C TYR E 163 -22.09 -35.39 9.61
N ARG E 164 -21.91 -36.43 8.79
CA ARG E 164 -20.59 -36.81 8.29
C ARG E 164 -20.39 -36.27 6.88
N ASN E 165 -19.27 -35.58 6.67
CA ASN E 165 -18.85 -35.15 5.33
C ASN E 165 -18.22 -36.35 4.63
N ALA E 166 -19.02 -37.02 3.79
CA ALA E 166 -18.55 -38.17 2.99
C ALA E 166 -17.83 -37.77 1.69
N ASP E 167 -17.93 -36.50 1.32
CA ASP E 167 -17.32 -35.98 0.08
C ASP E 167 -15.81 -35.75 0.28
N THR E 168 -15.09 -35.56 -0.83
CA THR E 168 -13.66 -35.23 -0.80
C THR E 168 -13.37 -33.71 -0.73
N ALA E 169 -14.40 -32.88 -0.72
CA ALA E 169 -14.27 -31.42 -0.57
C ALA E 169 -15.07 -30.93 0.64
N GLU E 170 -14.69 -29.76 1.15
CA GLU E 170 -15.33 -29.18 2.35
C GLU E 170 -16.78 -28.74 2.10
N HIS E 171 -17.64 -28.96 3.09
CA HIS E 171 -19.05 -28.57 3.02
C HIS E 171 -19.35 -27.42 3.98
N LEU E 172 -20.18 -26.49 3.53
CA LEU E 172 -20.61 -25.34 4.34
C LEU E 172 -21.96 -25.67 4.96
N ILE E 173 -22.02 -25.62 6.30
CA ILE E 173 -23.22 -25.98 7.06
C ILE E 173 -23.73 -24.76 7.82
N MET E 174 -25.03 -24.52 7.72
CA MET E 174 -25.69 -23.43 8.43
C MET E 174 -26.75 -23.98 9.36
N TRP E 175 -27.02 -23.23 10.42
CA TRP E 175 -28.13 -23.53 11.32
C TRP E 175 -28.61 -22.23 11.93
N GLY E 176 -29.83 -22.25 12.47
CA GLY E 176 -30.42 -21.08 13.11
C GLY E 176 -30.71 -21.34 14.58
N ILE E 177 -30.89 -20.25 15.33
CA ILE E 177 -31.33 -20.30 16.72
C ILE E 177 -32.57 -19.43 16.81
N HIS E 178 -33.66 -19.96 17.35
CA HIS E 178 -34.89 -19.20 17.52
C HIS E 178 -34.89 -18.48 18.87
N HIS E 179 -35.29 -17.22 18.85
CA HIS E 179 -35.31 -16.35 20.02
C HIS E 179 -36.76 -15.94 20.29
N PRO E 180 -37.45 -16.65 21.20
CA PRO E 180 -38.85 -16.32 21.50
C PRO E 180 -39.08 -14.92 22.04
N SER E 181 -40.29 -14.39 21.81
CA SER E 181 -40.66 -13.05 22.25
C SER E 181 -41.24 -13.01 23.68
N SER E 182 -41.51 -14.17 24.27
CA SER E 182 -42.05 -14.25 25.64
C SER E 182 -41.75 -15.59 26.30
N THR E 183 -41.87 -15.61 27.63
CA THR E 183 -41.72 -16.84 28.41
C THR E 183 -42.79 -17.88 28.04
N GLN E 184 -44.03 -17.42 27.84
CA GLN E 184 -45.13 -18.30 27.44
C GLN E 184 -44.87 -18.98 26.11
N GLU E 185 -44.46 -18.18 25.12
CA GLU E 185 -44.13 -18.71 23.80
C GLU E 185 -42.99 -19.73 23.87
N LYS E 186 -41.93 -19.40 24.60
CA LYS E 186 -40.82 -20.33 24.81
C LYS E 186 -41.29 -21.64 25.44
N ASN E 187 -42.12 -21.54 26.48
CA ASN E 187 -42.66 -22.73 27.17
C ASN E 187 -43.55 -23.57 26.24
N ASP E 188 -44.40 -22.90 25.45
CA ASP E 188 -45.27 -23.59 24.48
C ASP E 188 -44.49 -24.39 23.45
N LEU E 189 -43.42 -23.80 22.90
CA LEU E 189 -42.64 -24.43 21.84
C LEU E 189 -41.64 -25.48 22.33
N TYR E 190 -40.96 -25.20 23.46
CA TYR E 190 -39.82 -26.01 23.92
C TYR E 190 -39.90 -26.55 25.37
N GLY E 191 -40.91 -26.16 26.13
CA GLY E 191 -41.04 -26.55 27.54
C GLY E 191 -40.34 -25.60 28.50
N THR E 192 -40.52 -25.88 29.80
CA THR E 192 -40.02 -24.99 30.86
C THR E 192 -38.52 -25.14 31.18
N GLN E 193 -37.90 -26.23 30.75
CA GLN E 193 -36.47 -26.50 30.99
C GLN E 193 -35.54 -25.42 30.43
N SER E 194 -34.33 -25.32 30.98
CA SER E 194 -33.30 -24.42 30.46
C SER E 194 -32.83 -24.91 29.09
N LEU E 195 -32.78 -24.01 28.11
CA LEU E 195 -32.45 -24.36 26.73
C LEU E 195 -30.96 -24.15 26.44
N SER E 196 -30.36 -25.12 25.74
CA SER E 196 -28.95 -25.06 25.38
C SER E 196 -28.71 -25.79 24.06
N ILE E 197 -28.02 -25.14 23.13
CA ILE E 197 -27.62 -25.74 21.85
C ILE E 197 -26.10 -25.67 21.74
N SER E 198 -25.46 -26.84 21.60
CA SER E 198 -24.01 -26.93 21.40
C SER E 198 -23.72 -27.53 20.03
N VAL E 199 -22.75 -26.96 19.34
CA VAL E 199 -22.31 -27.44 18.03
C VAL E 199 -20.80 -27.67 18.11
N GLY E 200 -20.36 -28.88 17.78
CA GLY E 200 -18.96 -29.27 17.95
C GLY E 200 -18.43 -30.19 16.87
N SER E 201 -17.17 -29.95 16.47
CA SER E 201 -16.43 -30.81 15.54
C SER E 201 -14.95 -30.78 15.93
N SER E 202 -14.08 -31.33 15.07
CA SER E 202 -12.64 -31.21 15.25
C SER E 202 -12.11 -29.81 14.89
N THR E 203 -12.87 -29.04 14.10
CA THR E 203 -12.48 -27.69 13.67
C THR E 203 -13.41 -26.57 14.18
N TYR E 204 -14.37 -26.90 15.04
CA TYR E 204 -15.37 -25.91 15.50
C TYR E 204 -15.94 -26.27 16.88
N LYS E 205 -16.21 -25.25 17.69
CA LYS E 205 -16.84 -25.42 19.00
C LYS E 205 -17.59 -24.14 19.40
N ASN E 206 -18.87 -24.28 19.75
CA ASN E 206 -19.69 -23.13 20.15
C ASN E 206 -20.96 -23.57 20.90
N ASN E 207 -21.49 -22.66 21.70
CA ASN E 207 -22.72 -22.89 22.48
C ASN E 207 -23.67 -21.71 22.29
N PHE E 208 -24.98 -21.99 22.26
CA PHE E 208 -26.02 -20.97 22.05
C PHE E 208 -27.17 -21.17 23.04
N VAL E 209 -27.65 -20.06 23.59
CA VAL E 209 -28.80 -20.05 24.48
C VAL E 209 -29.85 -19.11 23.86
N PRO E 210 -31.07 -19.62 23.58
CA PRO E 210 -32.16 -18.78 23.07
C PRO E 210 -32.48 -17.58 23.97
N VAL E 211 -32.51 -16.39 23.36
CA VAL E 211 -32.83 -15.14 24.03
C VAL E 211 -34.35 -14.99 24.06
N VAL E 212 -34.91 -14.99 25.27
CA VAL E 212 -36.35 -14.84 25.47
C VAL E 212 -36.61 -13.46 26.05
N GLY E 213 -37.43 -12.66 25.36
CA GLY E 213 -37.76 -11.32 25.84
C GLY E 213 -38.56 -10.51 24.85
N ALA E 214 -39.35 -9.56 25.37
CA ALA E 214 -40.22 -8.73 24.55
C ALA E 214 -39.40 -7.77 23.70
N ARG E 215 -39.84 -7.57 22.46
CA ARG E 215 -39.15 -6.69 21.52
C ARG E 215 -40.12 -6.25 20.39
N PRO E 216 -39.77 -5.20 19.63
CA PRO E 216 -40.64 -4.72 18.55
C PRO E 216 -40.97 -5.78 17.48
N GLN E 217 -42.17 -5.69 16.92
CA GLN E 217 -42.57 -6.54 15.81
C GLN E 217 -41.85 -6.10 14.54
N VAL E 218 -41.27 -7.05 13.83
CA VAL E 218 -40.72 -6.85 12.49
C VAL E 218 -41.60 -7.67 11.55
N ASN E 219 -42.31 -6.98 10.64
CA ASN E 219 -43.35 -7.59 9.81
C ASN E 219 -44.40 -8.34 10.64
N GLY E 220 -44.81 -7.72 11.76
CA GLY E 220 -45.78 -8.32 12.67
C GLY E 220 -45.30 -9.48 13.55
N LEU E 221 -43.99 -9.61 13.73
CA LEU E 221 -43.40 -10.74 14.47
C LEU E 221 -42.26 -10.28 15.38
N SER E 222 -42.38 -10.58 16.68
CA SER E 222 -41.36 -10.22 17.68
C SER E 222 -40.28 -11.29 17.84
N GLY E 223 -40.55 -12.52 17.39
CA GLY E 223 -39.53 -13.57 17.39
C GLY E 223 -38.40 -13.26 16.42
N ARG E 224 -37.26 -13.91 16.63
CA ARG E 224 -36.09 -13.79 15.75
C ARG E 224 -35.48 -15.16 15.51
N ILE E 225 -35.00 -15.39 14.29
CA ILE E 225 -34.16 -16.55 14.00
C ILE E 225 -32.85 -16.04 13.39
N ASP E 226 -31.77 -16.13 14.16
CA ASP E 226 -30.43 -15.75 13.69
C ASP E 226 -29.68 -16.97 13.22
N PHE E 227 -28.87 -16.79 12.17
CA PHE E 227 -28.14 -17.89 11.54
C PHE E 227 -26.66 -17.88 11.88
N HIS E 228 -26.07 -19.07 11.87
CA HIS E 228 -24.66 -19.29 12.14
C HIS E 228 -24.13 -20.27 11.14
N TRP E 229 -22.82 -20.23 10.86
CA TRP E 229 -22.23 -21.11 9.86
C TRP E 229 -20.79 -21.48 10.17
N THR E 230 -20.36 -22.59 9.60
CA THR E 230 -18.97 -23.03 9.63
C THR E 230 -18.70 -24.05 8.52
N LEU E 231 -17.44 -24.44 8.38
CA LEU E 231 -17.02 -25.41 7.36
C LEU E 231 -16.82 -26.79 8.00
N VAL E 232 -17.19 -27.83 7.27
CA VAL E 232 -16.96 -29.22 7.69
C VAL E 232 -15.98 -29.83 6.69
N GLN E 233 -14.81 -30.23 7.18
CA GLN E 233 -13.76 -30.80 6.33
C GLN E 233 -14.09 -32.23 5.91
N PRO E 234 -13.46 -32.72 4.81
CA PRO E 234 -13.66 -34.10 4.35
C PRO E 234 -13.39 -35.14 5.44
N GLY E 235 -14.32 -36.07 5.63
CA GLY E 235 -14.22 -37.11 6.65
C GLY E 235 -14.59 -36.72 8.08
N ASP E 236 -14.84 -35.42 8.32
CA ASP E 236 -15.08 -34.91 9.67
C ASP E 236 -16.56 -34.96 10.02
N LYS E 237 -16.85 -35.08 11.32
CA LYS E 237 -18.20 -35.08 11.86
C LYS E 237 -18.49 -33.78 12.60
N ILE E 238 -19.70 -33.26 12.44
CA ILE E 238 -20.18 -32.10 13.21
C ILE E 238 -21.47 -32.50 13.92
N THR E 239 -21.49 -32.31 15.24
CA THR E 239 -22.57 -32.80 16.10
C THR E 239 -23.34 -31.65 16.73
N PHE E 240 -24.66 -31.72 16.65
CA PHE E 240 -25.56 -30.75 17.26
C PHE E 240 -26.19 -31.39 18.50
N SER E 241 -26.02 -30.75 19.65
CA SER E 241 -26.59 -31.23 20.92
C SER E 241 -27.55 -30.16 21.46
N HIS E 242 -28.84 -30.46 21.44
CA HIS E 242 -29.89 -29.44 21.64
C HIS E 242 -31.13 -29.99 22.33
N ASN E 243 -31.83 -29.11 23.06
CA ASN E 243 -33.09 -29.44 23.73
C ASN E 243 -34.15 -28.32 23.56
N GLY E 244 -34.14 -27.66 22.40
CA GLY E 244 -35.11 -26.58 22.09
C GLY E 244 -34.42 -25.32 21.62
N GLY E 245 -34.87 -24.80 20.47
CA GLY E 245 -34.36 -23.54 19.93
C GLY E 245 -33.54 -23.69 18.67
N LEU E 246 -33.01 -24.89 18.42
CA LEU E 246 -32.26 -25.16 17.19
C LEU E 246 -33.16 -25.20 15.96
N ILE E 247 -32.76 -24.46 14.93
CA ILE E 247 -33.31 -24.57 13.59
C ILE E 247 -32.26 -25.38 12.83
N ALA E 248 -32.57 -26.65 12.59
CA ALA E 248 -31.57 -27.63 12.16
C ALA E 248 -31.47 -27.74 10.64
N PRO E 249 -30.26 -27.96 10.10
CA PRO E 249 -30.10 -28.12 8.65
C PRO E 249 -30.61 -29.47 8.15
N SER E 250 -31.41 -29.46 7.09
CA SER E 250 -31.80 -30.68 6.36
C SER E 250 -30.88 -30.92 5.16
N ARG E 251 -30.30 -29.84 4.60
CA ARG E 251 -29.23 -29.95 3.62
C ARG E 251 -28.06 -29.04 3.97
N VAL E 252 -26.85 -29.44 3.56
CA VAL E 252 -25.65 -28.58 3.63
C VAL E 252 -25.25 -28.17 2.22
N SER E 253 -24.32 -27.21 2.13
CA SER E 253 -23.90 -26.65 0.84
C SER E 253 -22.46 -27.02 0.51
N LYS E 254 -22.20 -27.12 -0.79
CA LYS E 254 -20.86 -27.32 -1.32
C LYS E 254 -20.60 -26.21 -2.33
N LEU E 255 -19.63 -25.35 -2.05
CA LEU E 255 -19.27 -24.27 -2.96
C LEU E 255 -18.27 -24.80 -3.99
N ILE E 256 -18.60 -24.63 -5.28
CA ILE E 256 -17.84 -25.22 -6.39
C ILE E 256 -17.07 -24.14 -7.13
N GLY E 257 -15.75 -24.34 -7.26
CA GLY E 257 -14.92 -23.52 -8.16
C GLY E 257 -14.86 -22.04 -7.83
N ARG E 258 -14.69 -21.23 -8.87
CA ARG E 258 -14.46 -19.78 -8.74
C ARG E 258 -15.43 -18.98 -9.60
N GLY E 259 -15.76 -17.77 -9.13
CA GLY E 259 -16.55 -16.82 -9.90
C GLY E 259 -16.34 -15.38 -9.44
N LEU E 260 -16.78 -14.42 -10.26
CA LEU E 260 -16.67 -13.00 -9.94
C LEU E 260 -18.00 -12.49 -9.40
N GLY E 261 -17.98 -11.91 -8.21
CA GLY E 261 -19.16 -11.33 -7.58
C GLY E 261 -19.32 -9.87 -7.96
N ILE E 262 -20.51 -9.51 -8.45
CA ILE E 262 -20.84 -8.14 -8.82
C ILE E 262 -22.09 -7.70 -8.06
N GLN E 263 -22.02 -6.53 -7.42
CA GLN E 263 -23.17 -5.86 -6.83
C GLN E 263 -23.52 -4.64 -7.66
N SER E 264 -24.65 -4.67 -8.35
CA SER E 264 -25.04 -3.58 -9.25
C SER E 264 -26.53 -3.61 -9.54
N GLU E 265 -27.12 -2.44 -9.76
CA GLU E 265 -28.51 -2.33 -10.22
C GLU E 265 -28.63 -2.17 -11.75
N ALA E 266 -27.51 -2.18 -12.46
CA ALA E 266 -27.51 -1.98 -13.92
C ALA E 266 -28.06 -3.21 -14.65
N PRO E 267 -28.81 -3.01 -15.76
CA PRO E 267 -29.38 -4.14 -16.49
C PRO E 267 -28.33 -4.97 -17.24
N ILE E 268 -28.68 -6.23 -17.52
CA ILE E 268 -27.78 -7.17 -18.19
C ILE E 268 -27.72 -6.84 -19.68
N ASP E 269 -26.54 -7.02 -20.28
CA ASP E 269 -26.36 -6.92 -21.73
C ASP E 269 -25.44 -8.06 -22.18
N ASN E 270 -26.02 -9.02 -22.90
CA ASN E 270 -25.27 -10.17 -23.42
C ASN E 270 -24.49 -9.89 -24.70
N SER E 271 -24.66 -8.71 -25.28
CA SER E 271 -23.96 -8.32 -26.50
C SER E 271 -22.50 -7.91 -26.26
N CYS E 272 -22.24 -7.18 -25.17
CA CYS E 272 -20.90 -6.65 -24.87
C CYS E 272 -20.13 -7.49 -23.85
N GLU E 273 -18.80 -7.48 -23.98
CA GLU E 273 -17.88 -8.17 -23.07
C GLU E 273 -17.18 -7.15 -22.17
N SER E 274 -16.86 -7.56 -20.94
CA SER E 274 -16.09 -6.72 -20.02
C SER E 274 -15.36 -7.54 -18.95
N LYS E 275 -14.30 -6.95 -18.39
CA LYS E 275 -13.55 -7.53 -17.26
C LYS E 275 -13.57 -6.65 -15.99
N CYS E 276 -14.21 -5.48 -16.05
CA CYS E 276 -14.23 -4.55 -14.93
C CYS E 276 -15.64 -4.04 -14.71
N PHE E 277 -16.10 -4.13 -13.47
CA PHE E 277 -17.47 -3.75 -13.13
C PHE E 277 -17.50 -2.92 -11.86
N TRP E 278 -18.54 -2.10 -11.74
CA TRP E 278 -18.80 -1.32 -10.53
C TRP E 278 -20.32 -1.19 -10.35
N ARG E 279 -20.76 -0.46 -9.32
CA ARG E 279 -22.19 -0.29 -9.01
C ARG E 279 -22.99 0.20 -10.22
N GLY E 280 -22.46 1.23 -10.88
CA GLY E 280 -23.09 1.85 -12.05
C GLY E 280 -23.00 1.14 -13.39
N GLY E 281 -22.19 0.08 -13.49
CA GLY E 281 -22.14 -0.73 -14.72
C GLY E 281 -20.78 -1.34 -15.04
N SER E 282 -20.32 -1.16 -16.29
CA SER E 282 -19.11 -1.80 -16.80
C SER E 282 -18.10 -0.78 -17.32
N ILE E 283 -16.82 -1.07 -17.14
CA ILE E 283 -15.71 -0.20 -17.57
C ILE E 283 -14.86 -0.95 -18.59
N ASN E 284 -15.07 -0.66 -19.88
CA ASN E 284 -14.41 -1.37 -20.98
C ASN E 284 -13.20 -0.63 -21.59
N THR E 285 -12.79 0.47 -20.96
CA THR E 285 -11.68 1.28 -21.46
C THR E 285 -10.34 0.53 -21.55
N ARG E 286 -9.49 0.97 -22.47
CA ARG E 286 -8.10 0.50 -22.57
C ARG E 286 -7.15 1.37 -21.75
N LEU E 287 -7.65 2.47 -21.18
CA LEU E 287 -6.81 3.44 -20.47
C LEU E 287 -6.35 2.91 -19.11
N PRO E 288 -5.14 3.33 -18.67
CA PRO E 288 -4.55 2.82 -17.41
C PRO E 288 -5.24 3.28 -16.12
N PHE E 289 -5.94 4.41 -16.16
CA PHE E 289 -6.56 5.00 -14.97
C PHE E 289 -8.03 5.32 -15.21
N GLN E 290 -8.77 5.50 -14.13
CA GLN E 290 -10.19 5.88 -14.18
C GLN E 290 -10.58 6.71 -12.97
N ASN E 291 -11.58 7.57 -13.13
CA ASN E 291 -12.08 8.44 -12.04
C ASN E 291 -13.56 8.20 -11.73
N LEU E 292 -14.09 7.03 -12.13
CA LEU E 292 -15.51 6.71 -11.95
C LEU E 292 -15.81 6.32 -10.51
N SER E 293 -15.02 5.40 -9.94
CA SER E 293 -15.26 4.91 -8.59
C SER E 293 -14.05 4.20 -7.99
N PRO E 294 -13.80 4.40 -6.68
CA PRO E 294 -12.78 3.61 -5.99
C PRO E 294 -13.22 2.15 -5.71
N ARG E 295 -14.50 1.85 -5.88
CA ARG E 295 -15.05 0.51 -5.67
C ARG E 295 -15.35 -0.17 -7.01
N THR E 296 -14.43 -1.00 -7.47
CA THR E 296 -14.58 -1.79 -8.69
C THR E 296 -14.20 -3.24 -8.40
N VAL E 297 -14.62 -4.15 -9.30
CA VAL E 297 -14.23 -5.56 -9.24
C VAL E 297 -13.74 -6.05 -10.58
N GLY E 298 -12.88 -7.07 -10.57
CA GLY E 298 -12.32 -7.67 -11.76
C GLY E 298 -10.95 -7.09 -12.11
N GLN E 299 -10.64 -7.04 -13.40
CA GLN E 299 -9.36 -6.52 -13.91
C GLN E 299 -9.61 -5.11 -14.41
N CYS E 300 -9.15 -4.11 -13.64
CA CYS E 300 -9.60 -2.73 -13.80
C CYS E 300 -8.45 -1.72 -13.96
N PRO E 301 -8.75 -0.57 -14.60
CA PRO E 301 -7.85 0.59 -14.49
C PRO E 301 -7.82 1.08 -13.03
N LYS E 302 -6.71 1.67 -12.62
CA LYS E 302 -6.57 2.12 -11.23
C LYS E 302 -7.30 3.42 -11.00
N TYR E 303 -8.00 3.52 -9.89
CA TYR E 303 -8.72 4.75 -9.54
C TYR E 303 -7.72 5.86 -9.19
N VAL E 304 -8.01 7.07 -9.66
CA VAL E 304 -7.20 8.26 -9.37
C VAL E 304 -8.11 9.45 -9.08
N ASN E 305 -7.64 10.37 -8.23
CA ASN E 305 -8.35 11.62 -7.95
C ASN E 305 -7.96 12.68 -8.99
N LYS E 306 -8.36 12.44 -10.24
CA LYS E 306 -8.00 13.31 -11.37
C LYS E 306 -9.12 13.34 -12.40
N LYS E 307 -9.50 14.54 -12.82
CA LYS E 307 -10.47 14.72 -13.91
C LYS E 307 -9.82 14.33 -15.25
N SER E 308 -8.61 14.82 -15.48
CA SER E 308 -7.89 14.57 -16.74
C SER E 308 -6.38 14.53 -16.53
N LEU E 309 -5.70 13.73 -17.36
CA LEU E 309 -4.25 13.67 -17.37
C LEU E 309 -3.77 13.37 -18.79
N MET E 310 -3.32 14.40 -19.50
CA MET E 310 -3.01 14.31 -20.92
C MET E 310 -1.55 13.94 -21.18
N LEU E 311 -1.35 12.88 -21.97
CA LEU E 311 -0.04 12.39 -22.37
C LEU E 311 0.28 12.94 -23.76
N ALA E 312 1.38 13.68 -23.87
CA ALA E 312 1.80 14.26 -25.15
C ALA E 312 2.15 13.16 -26.14
N THR E 313 1.66 13.32 -27.38
CA THR E 313 1.98 12.41 -28.49
C THR E 313 2.63 13.19 -29.64
N GLY E 314 3.26 14.31 -29.30
CA GLY E 314 3.95 15.13 -30.29
C GLY E 314 4.81 16.19 -29.65
N MET E 315 5.55 16.89 -30.50
CA MET E 315 6.50 17.93 -30.08
C MET E 315 5.80 19.19 -29.57
N ARG E 316 6.60 20.12 -29.05
CA ARG E 316 6.11 21.47 -28.71
C ARG E 316 5.49 22.12 -29.93
N ASN E 317 4.30 22.71 -29.77
CA ASN E 317 3.65 23.42 -30.86
C ASN E 317 4.10 24.87 -30.81
N VAL E 318 4.77 25.32 -31.88
CA VAL E 318 5.30 26.68 -31.98
C VAL E 318 4.71 27.30 -33.25
N PRO E 319 3.51 27.90 -33.16
CA PRO E 319 2.85 28.41 -34.38
C PRO E 319 3.52 29.62 -35.04
N GLU E 320 3.14 29.88 -36.28
CA GLU E 320 3.76 30.91 -37.11
C GLU E 320 3.27 32.31 -36.72
N GLY F 1 14.48 24.74 -25.12
CA GLY F 1 14.45 23.32 -24.65
C GLY F 1 15.82 22.69 -24.62
N LEU F 2 15.89 21.42 -24.19
CA LEU F 2 17.17 20.73 -23.93
C LEU F 2 18.15 20.75 -25.10
N PHE F 3 17.66 20.58 -26.32
CA PHE F 3 18.53 20.49 -27.49
C PHE F 3 18.58 21.77 -28.34
N GLY F 4 17.80 22.78 -27.97
CA GLY F 4 17.96 24.13 -28.50
C GLY F 4 17.41 24.40 -29.89
N ALA F 5 16.76 23.42 -30.52
CA ALA F 5 16.27 23.57 -31.89
C ALA F 5 14.80 23.96 -31.92
N ILE F 6 13.91 23.05 -31.48
CA ILE F 6 12.47 23.30 -31.47
C ILE F 6 12.14 24.27 -30.32
N ALA F 7 11.42 25.34 -30.64
CA ALA F 7 11.22 26.48 -29.74
C ALA F 7 12.57 27.07 -29.27
N GLY F 8 13.55 27.03 -30.16
CA GLY F 8 14.92 27.45 -29.88
C GLY F 8 15.41 28.22 -31.09
N PHE F 9 16.53 27.80 -31.69
CA PHE F 9 17.08 28.53 -32.86
C PHE F 9 16.23 28.42 -34.12
N ILE F 10 15.39 27.39 -34.20
CA ILE F 10 14.32 27.36 -35.19
C ILE F 10 13.16 28.20 -34.61
N GLU F 11 12.78 29.24 -35.34
CA GLU F 11 11.92 30.30 -34.82
C GLU F 11 10.50 29.80 -34.54
N ASN F 12 9.98 29.02 -35.48
CA ASN F 12 8.64 28.45 -35.35
C ASN F 12 8.48 27.24 -36.27
N GLY F 13 7.40 26.48 -36.03
CA GLY F 13 7.05 25.34 -36.85
C GLY F 13 6.35 25.77 -38.14
N TRP F 14 6.23 24.83 -39.08
CA TRP F 14 5.56 25.05 -40.36
C TRP F 14 4.20 24.37 -40.39
N GLU F 15 3.13 25.17 -40.35
CA GLU F 15 1.75 24.64 -40.47
C GLU F 15 1.48 23.99 -41.82
N GLY F 16 2.14 24.49 -42.87
CA GLY F 16 2.01 23.96 -44.22
C GLY F 16 2.76 22.67 -44.53
N MET F 17 3.56 22.16 -43.58
CA MET F 17 4.19 20.85 -43.72
C MET F 17 3.29 19.78 -43.11
N VAL F 18 2.43 19.20 -43.94
CA VAL F 18 1.39 18.26 -43.51
C VAL F 18 1.73 16.77 -43.76
N ASP F 19 2.86 16.50 -44.41
CA ASP F 19 3.27 15.12 -44.73
C ASP F 19 4.49 14.63 -43.93
N GLY F 20 4.75 15.27 -42.79
CA GLY F 20 5.87 14.90 -41.94
C GLY F 20 6.05 15.81 -40.75
N TRP F 21 6.85 15.36 -39.79
CA TRP F 21 7.12 16.09 -38.56
C TRP F 21 8.32 17.01 -38.73
N TYR F 22 9.29 16.57 -39.53
CA TYR F 22 10.49 17.34 -39.83
C TYR F 22 10.67 17.39 -41.34
N GLY F 23 11.37 18.41 -41.83
CA GLY F 23 11.64 18.50 -43.26
C GLY F 23 12.46 19.70 -43.69
N PHE F 24 12.36 19.99 -44.98
CA PHE F 24 13.22 20.94 -45.65
C PHE F 24 12.41 21.92 -46.49
N ARG F 25 12.84 23.17 -46.52
CA ARG F 25 12.44 24.14 -47.55
C ARG F 25 13.72 24.69 -48.14
N HIS F 26 13.71 24.94 -49.45
CA HIS F 26 14.90 25.48 -50.12
C HIS F 26 14.55 26.60 -51.09
N GLN F 27 15.59 27.35 -51.46
CA GLN F 27 15.50 28.35 -52.51
C GLN F 27 16.81 28.35 -53.31
N ASN F 28 16.66 28.26 -54.63
CA ASN F 28 17.78 28.27 -55.58
C ASN F 28 17.34 29.08 -56.81
N ALA F 29 18.20 29.17 -57.82
CA ALA F 29 17.87 29.99 -59.00
C ALA F 29 16.53 29.61 -59.63
N GLN F 30 16.28 28.32 -59.79
CA GLN F 30 15.07 27.85 -60.48
C GLN F 30 13.76 28.07 -59.70
N GLY F 31 13.84 28.22 -58.38
CA GLY F 31 12.68 28.59 -57.56
C GLY F 31 12.76 28.14 -56.11
N THR F 32 11.68 27.52 -55.63
CA THR F 32 11.59 27.03 -54.25
C THR F 32 11.04 25.61 -54.20
N GLY F 33 11.18 24.98 -53.03
CA GLY F 33 10.68 23.62 -52.83
C GLY F 33 10.52 23.30 -51.36
N GLN F 34 9.74 22.24 -51.09
CA GLN F 34 9.52 21.74 -49.74
C GLN F 34 9.46 20.21 -49.80
N ALA F 35 9.97 19.56 -48.77
CA ALA F 35 9.88 18.11 -48.64
C ALA F 35 10.03 17.69 -47.18
N ALA F 36 9.23 16.71 -46.76
CA ALA F 36 9.34 16.13 -45.42
C ALA F 36 10.52 15.17 -45.38
N ASP F 37 11.12 15.02 -44.19
CA ASP F 37 12.14 14.00 -43.97
C ASP F 37 11.46 12.79 -43.32
N TYR F 38 11.49 11.66 -44.01
CA TYR F 38 10.82 10.44 -43.55
C TYR F 38 11.49 9.81 -42.32
N LYS F 39 12.82 9.70 -42.36
CA LYS F 39 13.59 8.98 -41.34
C LYS F 39 13.44 9.59 -39.94
N SER F 40 13.63 10.90 -39.83
CA SER F 40 13.51 11.60 -38.55
C SER F 40 12.06 11.62 -38.03
N THR F 41 11.11 11.82 -38.95
CA THR F 41 9.68 11.78 -38.64
C THR F 41 9.30 10.43 -38.05
N GLN F 42 9.74 9.36 -38.71
CA GLN F 42 9.43 7.99 -38.26
C GLN F 42 10.14 7.65 -36.94
N ALA F 43 11.37 8.14 -36.78
CA ALA F 43 12.10 7.94 -35.52
C ALA F 43 11.33 8.50 -34.32
N ALA F 44 10.76 9.70 -34.48
CA ALA F 44 9.95 10.34 -33.44
C ALA F 44 8.63 9.60 -33.19
N ILE F 45 7.93 9.25 -34.28
CA ILE F 45 6.63 8.55 -34.18
C ILE F 45 6.79 7.18 -33.51
N ASP F 46 7.81 6.43 -33.91
CA ASP F 46 8.05 5.09 -33.36
C ASP F 46 8.35 5.11 -31.85
N GLN F 47 9.08 6.12 -31.40
CA GLN F 47 9.40 6.27 -29.97
C GLN F 47 8.15 6.60 -29.15
N ILE F 48 7.28 7.45 -29.70
CA ILE F 48 6.00 7.78 -29.07
C ILE F 48 5.04 6.58 -29.06
N THR F 49 4.99 5.82 -30.17
CA THR F 49 4.22 4.58 -30.23
C THR F 49 4.69 3.59 -29.15
N GLY F 50 6.00 3.50 -28.96
CA GLY F 50 6.59 2.71 -27.88
C GLY F 50 6.10 3.07 -26.49
N LYS F 51 6.01 4.37 -26.21
CA LYS F 51 5.47 4.86 -24.93
C LYS F 51 4.00 4.49 -24.72
N LEU F 52 3.19 4.76 -25.74
CA LEU F 52 1.76 4.41 -25.72
C LEU F 52 1.52 2.92 -25.48
N ASN F 53 2.29 2.07 -26.15
CA ASN F 53 2.21 0.62 -25.95
C ASN F 53 2.53 0.21 -24.51
N ARG F 54 3.45 0.93 -23.88
CA ARG F 54 3.84 0.69 -22.49
C ARG F 54 2.79 1.23 -21.51
N ILE F 55 2.25 2.41 -21.80
CA ILE F 55 1.41 3.17 -20.86
C ILE F 55 -0.08 2.85 -20.96
N ILE F 56 -0.61 2.69 -22.17
CA ILE F 56 -2.05 2.47 -22.37
C ILE F 56 -2.37 0.98 -22.09
N LYS F 57 -2.52 0.66 -20.81
CA LYS F 57 -2.46 -0.71 -20.31
C LYS F 57 -2.97 -0.79 -18.86
N LYS F 58 -3.67 -1.88 -18.53
CA LYS F 58 -4.03 -2.17 -17.13
C LYS F 58 -3.42 -3.50 -16.70
N THR F 59 -3.38 -3.76 -15.40
CA THR F 59 -2.89 -5.04 -14.89
C THR F 59 -3.94 -6.12 -15.14
N ASN F 60 -3.51 -7.37 -15.17
CA ASN F 60 -4.43 -8.52 -15.28
C ASN F 60 -4.80 -9.12 -13.91
N THR F 61 -4.43 -8.44 -12.82
CA THR F 61 -4.80 -8.89 -11.47
C THR F 61 -6.31 -8.78 -11.28
N GLU F 62 -6.93 -9.87 -10.89
CA GLU F 62 -8.38 -9.91 -10.62
C GLU F 62 -8.59 -9.52 -9.16
N PHE F 63 -9.30 -8.41 -8.95
CA PHE F 63 -9.69 -7.96 -7.61
C PHE F 63 -11.15 -8.28 -7.33
N GLU F 64 -11.42 -8.70 -6.09
CA GLU F 64 -12.76 -8.94 -5.60
C GLU F 64 -13.23 -7.74 -4.81
N SER F 65 -14.53 -7.68 -4.53
CA SER F 65 -15.08 -6.66 -3.65
C SER F 65 -14.72 -6.98 -2.20
N ILE F 66 -14.32 -5.96 -1.45
CA ILE F 66 -14.20 -6.04 0.01
C ILE F 66 -15.11 -5.02 0.71
N GLU F 67 -16.00 -4.36 -0.05
CA GLU F 67 -16.95 -3.38 0.47
C GLU F 67 -18.31 -3.69 -0.13
N SER F 68 -19.31 -3.93 0.71
CA SER F 68 -20.64 -4.21 0.23
C SER F 68 -21.33 -2.92 -0.25
N GLU F 69 -21.87 -2.97 -1.46
CA GLU F 69 -22.68 -1.89 -2.01
C GLU F 69 -24.04 -1.74 -1.32
N PHE F 70 -24.61 -2.86 -0.86
CA PHE F 70 -26.02 -2.91 -0.44
C PHE F 70 -26.25 -3.31 1.03
N SER F 71 -25.20 -3.34 1.84
CA SER F 71 -25.33 -3.63 3.27
C SER F 71 -24.19 -2.98 4.05
N GLU F 72 -24.44 -2.75 5.34
CA GLU F 72 -23.44 -2.17 6.22
C GLU F 72 -22.41 -3.24 6.58
N ILE F 73 -21.13 -2.88 6.52
CA ILE F 73 -20.07 -3.77 7.01
C ILE F 73 -19.55 -3.27 8.35
N ASP F 74 -18.82 -4.14 9.05
CA ASP F 74 -18.24 -3.81 10.36
C ASP F 74 -17.49 -2.47 10.35
N HIS F 75 -17.73 -1.66 11.38
CA HIS F 75 -17.21 -0.30 11.45
C HIS F 75 -15.67 -0.23 11.55
N GLN F 76 -15.07 -1.10 12.37
CA GLN F 76 -13.60 -1.12 12.52
C GLN F 76 -12.92 -1.56 11.22
N ILE F 77 -13.45 -2.62 10.59
CA ILE F 77 -12.90 -3.13 9.34
C ILE F 77 -13.09 -2.12 8.21
N GLY F 78 -14.28 -1.51 8.15
CA GLY F 78 -14.56 -0.44 7.19
C GLY F 78 -13.58 0.73 7.26
N ASN F 79 -13.25 1.15 8.49
CA ASN F 79 -12.24 2.21 8.69
C ASN F 79 -10.86 1.81 8.18
N VAL F 80 -10.47 0.56 8.41
CA VAL F 80 -9.19 0.04 7.92
C VAL F 80 -9.18 0.03 6.39
N ILE F 81 -10.26 -0.46 5.80
CA ILE F 81 -10.40 -0.51 4.34
C ILE F 81 -10.36 0.90 3.73
N ASN F 82 -11.07 1.85 4.35
CA ASN F 82 -11.06 3.24 3.90
C ASN F 82 -9.67 3.88 3.98
N TRP F 83 -8.96 3.64 5.07
CA TRP F 83 -7.58 4.11 5.23
C TRP F 83 -6.69 3.53 4.11
N THR F 84 -6.78 2.20 3.94
CA THR F 84 -5.98 1.49 2.95
C THR F 84 -6.29 1.91 1.52
N LYS F 85 -7.58 1.99 1.17
CA LYS F 85 -7.98 2.37 -0.18
C LYS F 85 -7.57 3.80 -0.52
N ASP F 86 -7.79 4.73 0.41
CA ASP F 86 -7.38 6.12 0.20
C ASP F 86 -5.85 6.27 0.09
N SER F 87 -5.10 5.45 0.84
CA SER F 87 -3.63 5.43 0.74
C SER F 87 -3.17 4.93 -0.63
N ILE F 88 -3.79 3.86 -1.11
CA ILE F 88 -3.49 3.29 -2.42
C ILE F 88 -3.85 4.29 -3.53
N THR F 89 -4.98 4.98 -3.38
CA THR F 89 -5.40 6.01 -4.35
C THR F 89 -4.46 7.21 -4.40
N ASP F 90 -3.99 7.67 -3.24
CA ASP F 90 -2.96 8.72 -3.19
C ASP F 90 -1.68 8.30 -3.92
N ILE F 91 -1.28 7.04 -3.77
CA ILE F 91 -0.10 6.51 -4.45
C ILE F 91 -0.30 6.47 -5.97
N TRP F 92 -1.42 5.93 -6.43
CA TRP F 92 -1.70 5.84 -7.88
C TRP F 92 -1.91 7.20 -8.54
N THR F 93 -2.58 8.12 -7.84
CA THR F 93 -2.76 9.48 -8.33
C THR F 93 -1.39 10.16 -8.49
N TYR F 94 -0.54 9.98 -7.47
CA TYR F 94 0.83 10.51 -7.51
C TYR F 94 1.67 9.88 -8.63
N GLN F 95 1.62 8.55 -8.75
CA GLN F 95 2.37 7.84 -9.80
C GLN F 95 1.90 8.23 -11.20
N ALA F 96 0.58 8.36 -11.37
CA ALA F 96 -0.01 8.81 -12.63
C ALA F 96 0.50 10.19 -13.01
N GLU F 97 0.40 11.13 -12.06
CA GLU F 97 0.89 12.51 -12.27
C GLU F 97 2.38 12.57 -12.64
N LEU F 98 3.20 11.81 -11.92
CA LEU F 98 4.65 11.77 -12.16
C LEU F 98 4.98 11.12 -13.50
N LEU F 99 4.34 9.99 -13.79
CA LEU F 99 4.52 9.28 -15.06
C LEU F 99 4.31 10.19 -16.26
N VAL F 100 3.15 10.85 -16.31
CA VAL F 100 2.78 11.65 -17.47
C VAL F 100 3.60 12.95 -17.54
N ALA F 101 3.93 13.56 -16.40
CA ALA F 101 4.84 14.72 -16.37
C ALA F 101 6.24 14.37 -16.87
N MET F 102 6.77 13.25 -16.39
CA MET F 102 8.10 12.76 -16.80
C MET F 102 8.12 12.39 -18.28
N GLU F 103 7.12 11.63 -18.73
CA GLU F 103 7.02 11.21 -20.14
C GLU F 103 6.84 12.39 -21.09
N ASN F 104 6.02 13.37 -20.69
CA ASN F 104 5.80 14.57 -21.49
C ASN F 104 7.07 15.41 -21.68
N GLN F 105 7.86 15.53 -20.62
CA GLN F 105 9.17 16.20 -20.67
C GLN F 105 10.09 15.48 -21.66
N HIS F 106 10.17 14.16 -21.53
CA HIS F 106 11.01 13.34 -22.40
C HIS F 106 10.54 13.33 -23.86
N THR F 107 9.23 13.24 -24.09
CA THR F 107 8.68 13.27 -25.45
C THR F 107 9.07 14.56 -26.18
N ILE F 108 8.87 15.69 -25.50
CA ILE F 108 9.21 17.02 -26.02
C ILE F 108 10.71 17.15 -26.34
N ASP F 109 11.56 16.69 -25.42
CA ASP F 109 13.00 16.77 -25.59
C ASP F 109 13.54 15.77 -26.62
N MET F 110 12.94 14.59 -26.69
CA MET F 110 13.25 13.61 -27.73
C MET F 110 12.98 14.20 -29.13
N ALA F 111 11.82 14.82 -29.30
CA ALA F 111 11.45 15.44 -30.58
C ALA F 111 12.42 16.56 -30.97
N ASP F 112 12.84 17.33 -29.97
CA ASP F 112 13.87 18.38 -30.13
C ASP F 112 15.19 17.76 -30.60
N SER F 113 15.59 16.64 -30.00
CA SER F 113 16.83 15.97 -30.38
C SER F 113 16.81 15.45 -31.81
N GLU F 114 15.66 14.94 -32.28
CA GLU F 114 15.53 14.47 -33.66
C GLU F 114 15.66 15.60 -34.68
N MET F 115 15.11 16.78 -34.36
CA MET F 115 15.32 17.99 -35.16
C MET F 115 16.81 18.35 -35.23
N LEU F 116 17.47 18.37 -34.08
CA LEU F 116 18.90 18.71 -34.01
C LEU F 116 19.78 17.71 -34.76
N ASN F 117 19.47 16.42 -34.63
CA ASN F 117 20.25 15.37 -35.31
C ASN F 117 20.14 15.46 -36.83
N LEU F 118 18.96 15.83 -37.33
CA LEU F 118 18.78 16.10 -38.77
C LEU F 118 19.61 17.30 -39.22
N TYR F 119 19.52 18.37 -38.45
CA TYR F 119 20.30 19.60 -38.67
C TYR F 119 21.81 19.30 -38.69
N GLU F 120 22.27 18.53 -37.70
CA GLU F 120 23.67 18.14 -37.61
C GLU F 120 24.15 17.26 -38.77
N ARG F 121 23.29 16.32 -39.19
CA ARG F 121 23.58 15.47 -40.35
C ARG F 121 23.82 16.32 -41.60
N VAL F 122 22.94 17.30 -41.83
CA VAL F 122 23.03 18.20 -42.98
C VAL F 122 24.29 19.08 -42.90
N ARG F 123 24.59 19.62 -41.71
CA ARG F 123 25.80 20.41 -41.50
C ARG F 123 27.06 19.64 -41.92
N LYS F 124 27.19 18.40 -41.45
CA LYS F 124 28.36 17.57 -41.76
C LYS F 124 28.44 17.16 -43.25
N GLN F 125 27.29 16.91 -43.89
CA GLN F 125 27.24 16.64 -45.34
C GLN F 125 27.81 17.80 -46.16
N LEU F 126 27.36 19.00 -45.84
CA LEU F 126 27.72 20.20 -46.59
C LEU F 126 29.18 20.61 -46.39
N ARG F 127 29.74 20.30 -45.22
CA ARG F 127 31.17 20.47 -44.93
C ARG F 127 31.59 21.95 -45.12
N GLN F 128 32.50 22.25 -46.04
CA GLN F 128 32.98 23.62 -46.22
C GLN F 128 32.27 24.35 -47.37
N ASN F 129 31.17 23.79 -47.86
CA ASN F 129 30.43 24.36 -48.98
C ASN F 129 29.26 25.26 -48.56
N ALA F 130 29.01 25.34 -47.26
CA ALA F 130 27.88 26.10 -46.72
C ALA F 130 28.17 26.67 -45.35
N GLU F 131 27.36 27.65 -44.94
CA GLU F 131 27.47 28.28 -43.63
C GLU F 131 26.10 28.40 -42.97
N GLU F 132 26.09 28.30 -41.64
CA GLU F 132 24.87 28.36 -40.85
C GLU F 132 24.45 29.81 -40.68
N ASP F 133 23.16 30.10 -40.84
CA ASP F 133 22.64 31.46 -40.64
C ASP F 133 22.09 31.72 -39.24
N GLY F 134 22.03 30.68 -38.40
CA GLY F 134 21.52 30.80 -37.02
C GLY F 134 20.03 30.55 -36.85
N LYS F 135 19.29 30.40 -37.96
CA LYS F 135 17.84 30.22 -37.96
C LYS F 135 17.42 28.79 -38.37
N GLY F 136 18.39 27.88 -38.46
CA GLY F 136 18.16 26.54 -38.97
C GLY F 136 18.38 26.37 -40.46
N CYS F 137 18.92 27.38 -41.14
CA CYS F 137 19.21 27.31 -42.57
C CYS F 137 20.71 27.28 -42.83
N PHE F 138 21.06 26.77 -44.01
CA PHE F 138 22.43 26.73 -44.48
C PHE F 138 22.46 27.51 -45.79
N GLU F 139 23.34 28.51 -45.85
CA GLU F 139 23.57 29.26 -47.08
C GLU F 139 24.64 28.51 -47.85
N ILE F 140 24.27 28.02 -49.03
CA ILE F 140 25.10 27.15 -49.85
C ILE F 140 25.80 28.02 -50.89
N TYR F 141 27.14 27.97 -50.90
CA TYR F 141 27.95 28.89 -51.74
C TYR F 141 28.28 28.33 -53.13
N HIS F 142 27.34 27.58 -53.70
CA HIS F 142 27.41 27.14 -55.08
C HIS F 142 26.00 26.94 -55.64
N ALA F 143 25.91 26.87 -56.95
CA ALA F 143 24.65 26.56 -57.63
C ALA F 143 24.18 25.16 -57.23
N CYS F 144 23.06 25.09 -56.51
CA CYS F 144 22.50 23.81 -56.05
C CYS F 144 21.07 23.66 -56.58
N ASP F 145 20.94 23.02 -57.74
CA ASP F 145 19.64 22.78 -58.40
C ASP F 145 18.79 21.74 -57.64
N ASP F 146 17.58 21.46 -58.14
CA ASP F 146 16.67 20.51 -57.47
C ASP F 146 17.27 19.12 -57.22
N SER F 147 18.03 18.61 -58.20
CA SER F 147 18.77 17.35 -58.02
C SER F 147 19.79 17.44 -56.89
N CYS F 148 20.55 18.54 -56.85
CA CYS F 148 21.50 18.81 -55.78
C CYS F 148 20.79 18.92 -54.41
N MET F 149 19.65 19.62 -54.37
CA MET F 149 18.85 19.72 -53.13
C MET F 149 18.35 18.35 -52.67
N GLU F 150 17.91 17.52 -53.62
CA GLU F 150 17.48 16.14 -53.33
C GLU F 150 18.62 15.32 -52.72
N SER F 151 19.83 15.48 -53.25
CA SER F 151 21.01 14.77 -52.73
C SER F 151 21.36 15.16 -51.28
N ILE F 152 21.11 16.41 -50.90
CA ILE F 152 21.30 16.85 -49.51
C ILE F 152 20.26 16.18 -48.62
N ARG F 153 18.99 16.24 -49.04
CA ARG F 153 17.88 15.61 -48.30
C ARG F 153 18.05 14.10 -48.14
N ASN F 154 18.44 13.42 -49.23
CA ASN F 154 18.59 11.95 -49.23
C ASN F 154 20.00 11.45 -48.87
N ASN F 155 20.85 12.33 -48.34
CA ASN F 155 22.14 11.95 -47.75
C ASN F 155 23.14 11.37 -48.78
N THR F 156 23.04 11.82 -50.04
CA THR F 156 23.95 11.40 -51.12
C THR F 156 24.79 12.57 -51.70
N TYR F 157 24.74 13.74 -51.06
CA TYR F 157 25.48 14.93 -51.50
C TYR F 157 26.98 14.73 -51.31
N ASP F 158 27.74 14.86 -52.40
CA ASP F 158 29.21 14.74 -52.38
C ASP F 158 29.81 16.15 -52.36
N HIS F 159 30.33 16.56 -51.20
CA HIS F 159 30.88 17.91 -51.00
C HIS F 159 32.05 18.24 -51.93
N SER F 160 32.89 17.24 -52.23
CA SER F 160 34.11 17.44 -53.02
C SER F 160 33.83 17.87 -54.46
N GLN F 161 32.66 17.48 -54.98
CA GLN F 161 32.18 17.92 -56.29
C GLN F 161 32.07 19.45 -56.42
N TYR F 162 31.62 20.11 -55.34
CA TYR F 162 31.38 21.56 -55.35
C TYR F 162 32.39 22.40 -54.56
N ARG F 163 33.31 21.75 -53.85
CA ARG F 163 34.22 22.42 -52.90
C ARG F 163 35.04 23.58 -53.50
N GLU F 164 35.64 23.36 -54.67
CA GLU F 164 36.46 24.38 -55.32
C GLU F 164 35.66 25.66 -55.57
N GLU F 165 34.50 25.50 -56.23
CA GLU F 165 33.55 26.60 -56.46
C GLU F 165 33.10 27.27 -55.16
N ALA F 166 32.77 26.46 -54.16
CA ALA F 166 32.21 26.97 -52.90
C ALA F 166 33.22 27.77 -52.08
N LEU F 167 34.43 27.26 -51.95
CA LEU F 167 35.49 27.97 -51.22
C LEU F 167 35.83 29.33 -51.85
N LEU F 168 35.88 29.38 -53.18
CA LEU F 168 36.11 30.65 -53.89
C LEU F 168 34.99 31.66 -53.62
N ASN F 169 33.73 31.20 -53.60
CA ASN F 169 32.59 32.08 -53.30
C ASN F 169 32.54 32.54 -51.84
N ARG F 170 32.93 31.66 -50.91
CA ARG F 170 32.95 31.98 -49.48
C ARG F 170 34.02 33.03 -49.14
N LEU F 171 35.22 32.84 -49.69
CA LEU F 171 36.31 33.81 -49.50
C LEU F 171 36.09 35.08 -50.33
N ASN F 172 35.51 34.92 -51.53
CA ASN F 172 35.16 36.05 -52.42
C ASN F 172 36.37 36.91 -52.81
C1 GAL G . -12.34 -45.23 28.30
C2 GAL G . -11.56 -45.09 29.60
C3 GAL G . -10.10 -44.74 29.32
C4 GAL G . -9.50 -45.70 28.31
C5 GAL G . -10.38 -45.81 27.06
C6 GAL G . -9.84 -46.84 26.06
O1 GAL G . -13.68 -45.64 28.57
O2 GAL G . -12.15 -44.09 30.43
O3 GAL G . -9.33 -44.81 30.54
O4 GAL G . -9.34 -47.00 28.90
O5 GAL G . -11.71 -46.19 27.44
O6 GAL G . -10.12 -46.40 24.72
C1 SIA G . -7.70 -43.05 30.09
C2 SIA G . -8.75 -43.59 31.05
C3 SIA G . -8.11 -44.00 32.39
C4 SIA G . -7.64 -42.78 33.19
C5 SIA G . -8.82 -41.84 33.40
C6 SIA G . -9.44 -41.45 32.06
C7 SIA G . -10.69 -40.58 32.19
C8 SIA G . -11.42 -40.34 30.87
C9 SIA G . -12.36 -39.15 30.98
C10 SIA G . -8.83 -39.94 34.99
C11 SIA G . -8.07 -38.75 35.48
N5 SIA G . -8.24 -40.64 34.02
O1A SIA G . -6.55 -43.51 30.11
O1B SIA G . -8.03 -42.14 29.30
O4 SIA G . -7.07 -43.20 34.43
O6 SIA G . -9.79 -42.63 31.30
O7 SIA G . -11.62 -41.17 33.11
O8 SIA G . -10.50 -40.10 29.80
O9 SIA G . -13.13 -39.02 29.78
O10 SIA G . -9.92 -40.22 35.45
C1 NAG H . -15.84 -7.84 51.79
C2 NAG H . -15.34 -6.72 52.69
C3 NAG H . -16.15 -5.44 52.46
C4 NAG H . -16.43 -5.14 50.97
C5 NAG H . -16.45 -6.35 50.03
C6 NAG H . -16.01 -5.96 48.61
C7 NAG H . -16.33 -7.64 54.90
C8 NAG H . -17.69 -8.02 54.40
N2 NAG H . -15.38 -7.09 54.11
O1 NAG H . -15.15 -9.07 52.06
O3 NAG H . -15.41 -4.33 53.00
O4 NAG H . -17.72 -4.50 50.92
O5 NAG H . -15.58 -7.42 50.45
O6 NAG H . -16.57 -6.87 47.66
O7 NAG H . -16.06 -7.84 56.09
C1 GAL H . -17.72 -3.17 50.40
C2 GAL H . -19.14 -2.59 50.40
C3 GAL H . -19.14 -1.17 49.84
C4 GAL H . -18.07 -0.30 50.52
C5 GAL H . -16.71 -1.03 50.59
C6 GAL H . -15.67 -0.25 51.39
O2 GAL H . -19.99 -3.41 49.59
O3 GAL H . -20.43 -0.57 50.06
O4 GAL H . -18.51 0.06 51.83
O5 GAL H . -16.89 -2.31 51.19
O6 GAL H . -15.44 1.03 50.81
C1 SIA H . -20.35 0.88 48.10
C2 SIA H . -21.18 -0.07 48.94
C3 SIA H . -22.38 0.65 49.58
C4 SIA H . -23.46 1.00 48.55
C5 SIA H . -23.89 -0.25 47.81
C6 SIA H . -22.68 -0.94 47.18
C7 SIA H . -23.01 -2.25 46.46
C8 SIA H . -21.77 -3.03 46.01
C9 SIA H . -22.17 -4.09 44.98
C10 SIA H . -25.85 -0.42 46.30
C11 SIA H . -26.60 0.27 45.19
N5 SIA H . -24.76 0.22 46.72
O1A SIA H . -19.92 0.49 46.99
O1B SIA H . -20.09 2.02 48.51
O4 SIA H . -24.58 1.62 49.18
O6 SIA H . -21.66 -1.19 48.16
O7 SIA H . -23.78 -3.10 47.33
O8 SIA H . -20.81 -2.17 45.39
O9 SIA H . -21.03 -4.90 44.64
O10 SIA H . -26.24 -1.47 46.75
C1 GAL I . -48.22 -13.76 16.00
C2 GAL I . -48.17 -15.29 15.91
C3 GAL I . -47.76 -15.73 14.51
C4 GAL I . -48.59 -15.02 13.44
C5 GAL I . -48.63 -13.52 13.67
C6 GAL I . -49.54 -12.82 12.65
O1 GAL I . -48.70 -13.39 17.29
O2 GAL I . -47.23 -15.80 16.86
O3 GAL I . -47.95 -17.15 14.38
O4 GAL I . -49.92 -15.55 13.45
O5 GAL I . -49.08 -13.24 15.00
O6 GAL I . -49.04 -11.51 12.38
C1 SIA I . -46.25 -17.43 12.63
C2 SIA I . -46.89 -17.99 13.90
C3 SIA I . -47.58 -19.34 13.64
C4 SIA I . -46.57 -20.46 13.42
C5 SIA I . -45.64 -20.54 14.63
C6 SIA I . -44.93 -19.19 14.83
C7 SIA I . -43.99 -19.15 16.04
C8 SIA I . -43.50 -17.73 16.35
C9 SIA I . -42.29 -17.79 17.29
C10 SIA I . -44.05 -22.36 15.19
C11 SIA I . -43.06 -23.33 14.62
N5 SIA I . -44.63 -21.55 14.30
O1A SIA I . -45.14 -16.85 12.71
O1B SIA I . -46.84 -17.55 11.53
O4 SIA I . -47.24 -21.70 13.20
O6 SIA I . -45.92 -18.13 14.95
O7 SIA I . -44.65 -19.68 17.20
O8 SIA I . -43.12 -17.03 15.17
O9 SIA I . -41.86 -16.48 17.63
O10 SIA I . -44.28 -22.31 16.39
C1 EDO J . 5.67 -17.09 5.35
O1 EDO J . 4.25 -17.05 5.55
C2 EDO J . 6.25 -18.28 6.11
O2 EDO J . 6.09 -18.06 7.51
C1 EDO K . 6.63 -8.87 3.41
O1 EDO K . 5.79 -9.66 2.57
C2 EDO K . 7.76 -8.26 2.59
O2 EDO K . 7.29 -7.07 1.94
C1 EDO L . 13.41 -1.46 -2.76
O1 EDO L . 14.66 -1.37 -3.46
C2 EDO L . 12.65 -2.69 -3.23
O2 EDO L . 13.26 -3.85 -2.68
C1 NAG M . -6.40 -15.33 -0.43
C2 NAG M . -7.60 -16.27 -0.42
C3 NAG M . -7.16 -17.73 -0.38
C4 NAG M . -6.10 -18.03 -1.43
C5 NAG M . -4.96 -17.02 -1.36
C6 NAG M . -3.92 -17.22 -2.45
C7 NAG M . -9.76 -15.74 0.68
C8 NAG M . -10.42 -15.44 2.01
N2 NAG M . -8.43 -15.97 0.75
O3 NAG M . -8.32 -18.54 -0.62
O4 NAG M . -5.58 -19.36 -1.24
O5 NAG M . -5.50 -15.70 -1.48
O6 NAG M . -4.51 -17.03 -3.75
O7 NAG M . -10.40 -15.76 -0.36
C1 EDO N . -6.15 0.35 -6.71
O1 EDO N . -7.06 1.24 -6.07
C2 EDO N . -6.11 -0.96 -5.94
O2 EDO N . -5.11 -1.83 -6.49
C1 EDO O . 29.64 -1.08 -15.61
O1 EDO O . 30.42 -2.02 -16.37
C2 EDO O . 29.64 -1.47 -14.15
O2 EDO O . 28.76 -2.59 -13.94
C1 EDO P . -25.95 7.17 26.87
O1 EDO P . -26.00 6.39 25.66
C2 EDO P . -26.38 6.35 28.07
O2 EDO P . -27.51 5.52 27.75
C1 NAG Q . 17.87 28.51 -2.92
C2 NAG Q . 17.63 29.98 -3.27
C3 NAG Q . 16.47 30.56 -2.46
C4 NAG Q . 15.22 29.70 -2.66
C5 NAG Q . 15.53 28.23 -2.36
C6 NAG Q . 14.33 27.33 -2.64
C7 NAG Q . 19.47 31.48 -3.99
C8 NAG Q . 20.70 32.22 -3.54
N2 NAG Q . 18.85 30.77 -3.05
O3 NAG Q . 16.20 31.89 -2.88
O4 NAG Q . 14.16 30.19 -1.82
O5 NAG Q . 16.65 27.79 -3.16
O6 NAG Q . 13.91 27.44 -4.01
O7 NAG Q . 19.09 31.55 -5.15
C1 EDO R . -1.41 8.67 7.67
O1 EDO R . -2.68 8.38 8.26
C2 EDO R . -1.58 9.77 6.62
O2 EDO R . -1.03 9.30 5.39
C1 EDO S . -2.51 9.96 15.62
O1 EDO S . -2.71 8.64 16.14
C2 EDO S . -2.97 10.99 16.64
O2 EDO S . -4.33 10.75 17.01
C1 EDO T . -1.78 12.32 3.63
O1 EDO T . -1.89 10.92 3.75
C2 EDO T . -3.14 12.96 3.39
O2 EDO T . -3.03 14.35 3.03
C1 NAG U . 2.39 -2.51 15.76
C2 NAG U . 2.38 -3.60 16.84
C3 NAG U . 2.80 -3.07 18.22
C4 NAG U . 4.04 -2.22 18.15
C5 NAG U . 3.87 -1.13 17.08
C6 NAG U . 5.11 -0.24 16.95
C7 NAG U . 0.79 -5.47 17.09
C8 NAG U . -0.67 -5.84 17.15
N2 NAG U . 1.03 -4.16 16.92
O3 NAG U . 3.05 -4.19 19.07
O4 NAG U . 4.29 -1.64 19.44
O5 NAG U . 3.60 -1.75 15.82
O6 NAG U . 6.22 -0.98 16.42
O7 NAG U . 1.68 -6.31 17.21
C1 EDO V . -18.26 -2.91 -6.97
O1 EDO V . -18.21 -3.03 -5.55
C2 EDO V . -19.56 -3.53 -7.47
O2 EDO V . -19.64 -4.91 -7.10
C1 EDO W . -26.56 -24.87 3.63
O1 EDO W . -25.24 -24.58 4.09
C2 EDO W . -27.56 -24.91 4.78
O2 EDO W . -27.02 -25.65 5.89
C1 EDO X . -10.00 -1.93 -7.29
O1 EDO X . -10.95 -2.90 -6.86
C2 EDO X . -9.26 -2.44 -8.52
O2 EDO X . -7.89 -2.03 -8.44
CA CA Y . -11.07 -14.26 -1.97
C1 NAG Z . -15.83 4.57 4.42
C2 NAG Z . -16.75 4.91 5.58
C3 NAG Z . -18.19 5.15 5.14
C4 NAG Z . -18.29 6.05 3.91
C5 NAG Z . -17.36 5.54 2.82
C6 NAG Z . -17.37 6.39 1.55
C7 NAG Z . -16.63 4.00 7.87
C8 NAG Z . -16.65 2.74 8.69
N2 NAG Z . -16.73 3.83 6.55
O3 NAG Z . -18.93 5.71 6.23
O4 NAG Z . -19.65 6.09 3.47
O5 NAG Z . -16.02 5.50 3.34
O6 NAG Z . -16.58 7.57 1.73
O7 NAG Z . -16.53 5.09 8.41
C1 EDO AA . 21.57 27.44 -58.81
O1 EDO AA . 20.71 28.15 -57.92
C2 EDO AA . 20.88 27.07 -60.12
O2 EDO AA . 20.89 25.65 -60.29
#